data_1UC5
#
_entry.id   1UC5
#
_cell.length_a   74.640
_cell.length_b   122.270
_cell.length_c   207.430
_cell.angle_alpha   90.00
_cell.angle_beta   90.00
_cell.angle_gamma   90.00
#
_symmetry.space_group_name_H-M   'P 21 21 21'
#
loop_
_entity.id
_entity.type
_entity.pdbx_description
1 polymer 'diol dehydrase alpha subunit'
2 polymer 'diol dehydrase beta subunit'
3 polymer 'diol dehydrase gamma subunit'
4 non-polymer 'POTASSIUM ION'
5 non-polymer 'AMMONIUM ION'
6 non-polymer R-1,2-PROPANEDIOL
7 non-polymer CYANOCOBALAMIN
8 water water
#
loop_
_entity_poly.entity_id
_entity_poly.type
_entity_poly.pdbx_seq_one_letter_code
_entity_poly.pdbx_strand_id
1 'polypeptide(L)'
;MRSKRFEALAKRPVNQDGFVKEWIEEGFIAMESPNDPKPSIKIVNGAVTELDGKPVSDFDLIDHFIARYGINLNRAEEVM
AMDSVKLANMLCDPNVKRSEIVPLTTAMTPAKIVEVVSHMNVVEMMMAMQKMRARRTPSQQAHVTNVKDNPVQIAADAAE
GAWRGFDEQETTVAVARYAPFNAIALLVGSQVGRPGVLTQCSLEEATELKLGMLGHTCYAETISVYGTEPVFTDGDDTPW
SKGFLASSYASRGLKMRFTSGSGSEVQMGYAEGKSMLYLEARCIYITKAAGVQGLQNGSVSCIGVPSAVPSGIRAVLAEN
LICSSLDLECASSNDQTFTHSDMRRTARLLMQFLPGTDFISSGYSAVPNYDNMFAGSNEDAEDFDDYNVIQRDLKVDGGL
RPVREEDVIAIRNKAARALQAVFAGMGLPPITDEEVEAATYAHGSKDMPERNIVEDIKFAQEIINKNRNGLEVVKALAQG
GFTDVAQDMLNIQKAKLTGDYLHTSAIIVGDGQVLSAVNDVNDYAGPATGYRLQGERWEEIKNIPGALDPNEID
;
A,L
2 'polypeptide(L)'
;MEINEKLLRQIIEDVLSEMKGSDKPVSFNAPAASAAPQATPPAGDGFLTEVGEARQGTQQDEVIIAVGPAFGLAQTVNIV
GIPHKSILREVIAGIEEEGIKARVIRCFKSSDVAFVAVEGNRLSGSGISIGIQSKGTTVIHQQGLPPLSNLELFPQAPLL
TLETYRQIGKNAARYAKRESPQPVPTLNDQMARPKYQAKSAILHIKETKYVVTGKNPQELRVAL
;
B,E
3 'polypeptide(L)'
;MNTDAIESMVRDVLSRMNSLQGEAPAAAPAAGGASRSARVSDYPLANKHPEWVKTATNKTLDDFTLENVLSNKVTAQDMR
ITPETLRLQASIAKDAGRDRLAMNFERAAELTAVPDDRILEIYNALRPYRSTKEELLAIADDLESRYQAKICAAFVREAA
TLYVERKKLKGDD
;
G,M
#
# COMPACT_ATOMS: atom_id res chain seq x y z
N MET A 1 -22.07 28.69 -5.97
CA MET A 1 -20.70 28.77 -6.53
C MET A 1 -19.90 27.55 -6.10
N ARG A 2 -19.37 26.81 -7.07
CA ARG A 2 -18.60 25.61 -6.75
C ARG A 2 -17.08 25.77 -6.71
N SER A 3 -16.46 25.14 -5.72
CA SER A 3 -15.00 25.14 -5.58
C SER A 3 -14.46 24.11 -6.56
N LYS A 4 -13.66 24.55 -7.53
CA LYS A 4 -13.10 23.63 -8.52
C LYS A 4 -12.33 22.49 -7.89
N ARG A 5 -11.73 22.76 -6.73
CA ARG A 5 -10.98 21.76 -5.99
C ARG A 5 -11.87 20.56 -5.65
N PHE A 6 -13.04 20.83 -5.10
CA PHE A 6 -13.97 19.78 -4.73
C PHE A 6 -14.66 19.10 -5.93
N GLU A 7 -14.69 19.78 -7.07
CA GLU A 7 -15.31 19.19 -8.25
C GLU A 7 -14.34 18.16 -8.81
N ALA A 8 -13.05 18.45 -8.71
CA ALA A 8 -12.03 17.53 -9.21
C ALA A 8 -12.02 16.31 -8.30
N LEU A 9 -12.17 16.54 -7.00
CA LEU A 9 -12.19 15.47 -6.01
C LEU A 9 -13.47 14.65 -6.11
N ALA A 10 -14.57 15.29 -6.51
CA ALA A 10 -15.84 14.59 -6.62
C ALA A 10 -15.83 13.57 -7.75
N LYS A 11 -15.01 13.82 -8.77
CA LYS A 11 -14.93 12.91 -9.91
C LYS A 11 -14.04 11.70 -9.61
N ARG A 12 -13.34 11.73 -8.49
CA ARG A 12 -12.44 10.64 -8.11
C ARG A 12 -13.12 9.29 -7.96
N PRO A 13 -12.54 8.24 -8.54
CA PRO A 13 -13.05 6.87 -8.49
C PRO A 13 -13.42 6.41 -7.09
N VAL A 14 -12.57 6.71 -6.11
CA VAL A 14 -12.84 6.29 -4.73
C VAL A 14 -14.17 6.81 -4.22
N ASN A 15 -14.67 7.88 -4.81
CA ASN A 15 -15.95 8.42 -4.38
C ASN A 15 -17.13 7.67 -4.96
N GLN A 16 -16.84 6.63 -5.75
CA GLN A 16 -17.87 5.79 -6.33
C GLN A 16 -18.10 4.58 -5.42
N ASP A 17 -17.14 4.34 -4.52
CA ASP A 17 -17.21 3.25 -3.57
C ASP A 17 -18.37 3.42 -2.61
N GLY A 18 -18.82 2.31 -2.02
CA GLY A 18 -19.93 2.38 -1.08
C GLY A 18 -19.45 2.55 0.35
N PHE A 19 -19.80 3.68 0.97
CA PHE A 19 -19.42 3.96 2.36
C PHE A 19 -20.66 4.10 3.25
N VAL A 20 -20.58 3.63 4.48
CA VAL A 20 -21.70 3.76 5.41
C VAL A 20 -21.27 4.09 6.81
N LYS A 21 -22.20 4.62 7.60
CA LYS A 21 -21.92 4.96 8.97
C LYS A 21 -22.31 3.75 9.81
N GLU A 22 -21.49 3.42 10.79
CA GLU A 22 -21.73 2.27 11.65
C GLU A 22 -23.19 2.14 12.08
N TRP A 23 -23.71 0.91 12.01
CA TRP A 23 -25.07 0.58 12.40
C TRP A 23 -24.95 -0.60 13.36
N ILE A 24 -24.56 -0.28 14.59
CA ILE A 24 -24.35 -1.27 15.64
C ILE A 24 -25.48 -2.26 15.90
N GLU A 25 -26.72 -1.85 15.71
CA GLU A 25 -27.85 -2.75 15.93
C GLU A 25 -27.89 -3.90 14.93
N GLU A 26 -27.52 -3.64 13.68
CA GLU A 26 -27.51 -4.67 12.66
C GLU A 26 -26.11 -5.25 12.42
N GLY A 27 -25.21 -5.02 13.37
CA GLY A 27 -23.86 -5.51 13.27
C GLY A 27 -23.03 -4.88 12.16
N PHE A 28 -23.46 -3.74 11.65
CA PHE A 28 -22.72 -3.08 10.58
C PHE A 28 -21.58 -2.25 11.16
N ILE A 29 -20.68 -2.95 11.86
CA ILE A 29 -19.51 -2.37 12.50
C ILE A 29 -18.45 -3.47 12.36
N ALA A 30 -17.28 -3.09 11.87
CA ALA A 30 -16.21 -4.04 11.62
C ALA A 30 -15.70 -4.82 12.80
N MET A 31 -15.32 -4.12 13.85
CA MET A 31 -14.78 -4.78 15.02
C MET A 31 -14.93 -3.87 16.22
N GLU A 32 -14.52 -4.35 17.38
CA GLU A 32 -14.59 -3.55 18.59
C GLU A 32 -15.99 -2.94 18.78
N SER A 33 -17.02 -3.77 18.69
CA SER A 33 -18.39 -3.30 18.87
C SER A 33 -18.79 -3.45 20.34
N PRO A 34 -19.66 -2.55 20.81
CA PRO A 34 -20.08 -2.65 22.21
C PRO A 34 -21.01 -3.82 22.50
N ASN A 35 -21.68 -4.35 21.48
CA ASN A 35 -22.59 -5.48 21.68
C ASN A 35 -21.87 -6.82 21.73
N ASP A 36 -20.58 -6.80 21.42
CA ASP A 36 -19.80 -8.02 21.45
C ASP A 36 -19.62 -8.51 22.87
N PRO A 37 -19.71 -9.82 23.08
CA PRO A 37 -19.57 -10.46 24.39
C PRO A 37 -18.17 -10.36 25.00
N LYS A 38 -18.12 -10.26 26.33
CA LYS A 38 -16.87 -10.18 27.07
C LYS A 38 -16.36 -11.62 27.16
N PRO A 39 -15.04 -11.81 27.08
CA PRO A 39 -14.48 -13.17 27.16
C PRO A 39 -14.73 -13.84 28.50
N SER A 40 -15.14 -15.11 28.46
CA SER A 40 -15.39 -15.89 29.68
C SER A 40 -15.48 -17.36 29.33
N ILE A 41 -15.16 -18.21 30.30
CA ILE A 41 -15.17 -19.65 30.13
C ILE A 41 -15.46 -20.29 31.47
N LYS A 42 -16.41 -21.21 31.50
CA LYS A 42 -16.75 -21.92 32.72
C LYS A 42 -16.88 -23.39 32.35
N ILE A 43 -15.98 -24.19 32.91
CA ILE A 43 -15.92 -25.62 32.63
C ILE A 43 -16.26 -26.48 33.85
N VAL A 44 -17.12 -27.47 33.63
CA VAL A 44 -17.52 -28.36 34.70
C VAL A 44 -17.41 -29.81 34.24
N ASN A 45 -16.59 -30.58 34.94
CA ASN A 45 -16.39 -31.97 34.59
C ASN A 45 -16.02 -32.11 33.11
N GLY A 46 -15.05 -31.30 32.68
CA GLY A 46 -14.56 -31.33 31.31
C GLY A 46 -15.51 -30.87 30.21
N ALA A 47 -16.55 -30.15 30.58
CA ALA A 47 -17.52 -29.66 29.60
C ALA A 47 -17.90 -28.22 29.90
N VAL A 48 -17.77 -27.36 28.89
CA VAL A 48 -18.09 -25.96 29.07
C VAL A 48 -19.55 -25.74 29.40
N THR A 49 -19.78 -24.93 30.44
CA THR A 49 -21.13 -24.59 30.86
C THR A 49 -21.43 -23.14 30.52
N GLU A 50 -20.36 -22.39 30.25
CA GLU A 50 -20.47 -20.98 29.89
C GLU A 50 -19.38 -20.61 28.89
N LEU A 51 -19.77 -19.92 27.84
CA LEU A 51 -18.85 -19.50 26.79
C LEU A 51 -19.11 -18.04 26.45
N ASP A 52 -18.14 -17.19 26.77
CA ASP A 52 -18.23 -15.77 26.51
C ASP A 52 -19.54 -15.15 27.01
N GLY A 53 -19.78 -15.31 28.30
CA GLY A 53 -20.97 -14.77 28.91
C GLY A 53 -22.26 -15.51 28.60
N LYS A 54 -22.19 -16.48 27.70
CA LYS A 54 -23.40 -17.22 27.34
C LYS A 54 -23.47 -18.57 28.04
N PRO A 55 -24.60 -18.86 28.71
CA PRO A 55 -24.79 -20.13 29.42
C PRO A 55 -25.09 -21.25 28.42
N VAL A 56 -24.61 -22.45 28.72
CA VAL A 56 -24.82 -23.58 27.83
C VAL A 56 -26.29 -23.82 27.49
N SER A 57 -27.18 -23.46 28.41
CA SER A 57 -28.60 -23.66 28.16
C SER A 57 -29.07 -22.83 26.99
N ASP A 58 -28.26 -21.86 26.59
CA ASP A 58 -28.63 -20.97 25.48
C ASP A 58 -27.82 -21.19 24.22
N PHE A 59 -26.84 -22.09 24.27
CA PHE A 59 -26.00 -22.35 23.11
C PHE A 59 -26.78 -22.67 21.84
N ASP A 60 -26.33 -22.12 20.72
CA ASP A 60 -26.95 -22.43 19.43
C ASP A 60 -26.01 -23.50 18.88
N LEU A 61 -26.25 -24.00 17.68
CA LEU A 61 -25.39 -25.04 17.14
C LEU A 61 -23.92 -24.63 17.07
N ILE A 62 -23.68 -23.35 16.79
CA ILE A 62 -22.32 -22.84 16.71
C ILE A 62 -21.65 -22.89 18.09
N ASP A 63 -22.34 -22.35 19.09
CA ASP A 63 -21.80 -22.36 20.44
C ASP A 63 -21.47 -23.81 20.85
N HIS A 64 -22.43 -24.70 20.65
CA HIS A 64 -22.24 -26.12 20.99
C HIS A 64 -21.02 -26.72 20.31
N PHE A 65 -20.92 -26.52 19.00
CA PHE A 65 -19.82 -27.05 18.21
C PHE A 65 -18.50 -26.48 18.70
N ILE A 66 -18.44 -25.15 18.85
CA ILE A 66 -17.22 -24.51 19.31
C ILE A 66 -16.82 -24.95 20.71
N ALA A 67 -17.78 -24.92 21.63
CA ALA A 67 -17.51 -25.30 23.02
C ALA A 67 -17.01 -26.72 23.17
N ARG A 68 -17.55 -27.63 22.36
CA ARG A 68 -17.16 -29.03 22.46
C ARG A 68 -15.92 -29.43 21.70
N TYR A 69 -15.69 -28.83 20.53
CA TYR A 69 -14.54 -29.20 19.73
C TYR A 69 -13.52 -28.11 19.40
N GLY A 70 -13.92 -26.86 19.48
CA GLY A 70 -13.00 -25.78 19.12
C GLY A 70 -12.00 -25.24 20.11
N ILE A 71 -12.19 -25.50 21.40
CA ILE A 71 -11.26 -24.96 22.39
C ILE A 71 -10.55 -26.01 23.22
N ASN A 72 -9.24 -25.87 23.39
CA ASN A 72 -8.50 -26.81 24.23
C ASN A 72 -8.88 -26.44 25.65
N LEU A 73 -9.84 -27.17 26.20
CA LEU A 73 -10.34 -26.89 27.55
C LEU A 73 -9.34 -27.14 28.66
N ASN A 74 -8.23 -27.78 28.33
CA ASN A 74 -7.23 -28.07 29.33
C ASN A 74 -6.49 -26.80 29.78
N ARG A 75 -6.31 -25.85 28.87
CA ARG A 75 -5.61 -24.62 29.22
C ARG A 75 -6.51 -23.41 29.11
N ALA A 76 -7.77 -23.67 28.73
CA ALA A 76 -8.77 -22.61 28.54
C ALA A 76 -8.87 -21.59 29.68
N GLU A 77 -9.13 -22.06 30.90
CA GLU A 77 -9.26 -21.17 32.04
C GLU A 77 -7.96 -20.42 32.34
N GLU A 78 -6.84 -21.10 32.19
CA GLU A 78 -5.54 -20.48 32.44
C GLU A 78 -5.33 -19.28 31.53
N VAL A 79 -5.54 -19.48 30.23
CA VAL A 79 -5.36 -18.43 29.23
C VAL A 79 -6.35 -17.29 29.39
N MET A 80 -7.59 -17.63 29.77
CA MET A 80 -8.64 -16.63 29.95
C MET A 80 -8.20 -15.58 30.97
N ALA A 81 -7.49 -16.03 31.99
CA ALA A 81 -7.00 -15.16 33.06
C ALA A 81 -5.84 -14.28 32.63
N MET A 82 -5.14 -14.69 31.58
CA MET A 82 -4.02 -13.91 31.09
C MET A 82 -4.48 -12.57 30.54
N ASP A 83 -3.60 -11.59 30.60
CA ASP A 83 -3.88 -10.26 30.14
C ASP A 83 -3.82 -10.20 28.62
N SER A 84 -4.92 -9.74 28.01
CA SER A 84 -5.04 -9.62 26.56
C SER A 84 -4.00 -8.73 25.91
N VAL A 85 -3.57 -7.69 26.61
CA VAL A 85 -2.55 -6.81 26.06
C VAL A 85 -1.22 -7.56 26.04
N LYS A 86 -0.94 -8.27 27.12
CA LYS A 86 0.28 -9.05 27.21
C LYS A 86 0.32 -10.05 26.06
N LEU A 87 -0.81 -10.71 25.81
CA LEU A 87 -0.90 -11.70 24.76
C LEU A 87 -0.68 -11.08 23.39
N ALA A 88 -1.36 -9.96 23.12
CA ALA A 88 -1.20 -9.28 21.84
C ALA A 88 0.26 -8.92 21.67
N ASN A 89 0.90 -8.53 22.76
CA ASN A 89 2.31 -8.17 22.74
C ASN A 89 3.12 -9.40 22.30
N MET A 90 2.77 -10.57 22.83
CA MET A 90 3.47 -11.81 22.49
C MET A 90 3.32 -12.17 21.01
N LEU A 91 2.19 -11.83 20.41
CA LEU A 91 1.98 -12.13 19.01
C LEU A 91 2.99 -11.40 18.12
N CYS A 92 3.20 -10.10 18.38
CA CYS A 92 4.13 -9.33 17.57
C CYS A 92 5.58 -9.31 18.08
N ASP A 93 5.81 -9.81 19.30
CA ASP A 93 7.16 -9.86 19.84
C ASP A 93 7.97 -10.82 18.98
N PRO A 94 9.00 -10.34 18.27
CA PRO A 94 9.77 -11.26 17.43
C PRO A 94 10.46 -12.37 18.22
N ASN A 95 10.52 -12.23 19.53
CA ASN A 95 11.21 -13.24 20.30
C ASN A 95 10.34 -14.26 21.04
N VAL A 96 9.04 -14.24 20.79
CA VAL A 96 8.16 -15.23 21.39
C VAL A 96 7.85 -16.19 20.25
N LYS A 97 8.34 -17.42 20.35
CA LYS A 97 8.13 -18.41 19.31
C LYS A 97 6.67 -18.70 19.02
N ARG A 98 6.41 -19.05 17.76
CA ARG A 98 5.07 -19.40 17.30
C ARG A 98 4.63 -20.65 18.06
N SER A 99 5.58 -21.53 18.32
CA SER A 99 5.28 -22.76 19.02
C SER A 99 4.88 -22.50 20.47
N GLU A 100 5.27 -21.34 21.00
CA GLU A 100 4.93 -20.96 22.37
C GLU A 100 3.52 -20.33 22.38
N ILE A 101 3.17 -19.71 21.25
CA ILE A 101 1.88 -19.02 21.07
C ILE A 101 0.68 -19.95 20.91
N VAL A 102 0.77 -20.80 19.89
CA VAL A 102 -0.28 -21.75 19.55
C VAL A 102 -0.99 -22.44 20.72
N PRO A 103 -0.23 -22.97 21.70
CA PRO A 103 -0.86 -23.64 22.83
C PRO A 103 -1.78 -22.69 23.62
N LEU A 104 -1.46 -21.40 23.58
CA LEU A 104 -2.25 -20.40 24.28
C LEU A 104 -3.48 -19.97 23.48
N THR A 105 -3.27 -19.62 22.22
CA THR A 105 -4.38 -19.17 21.37
C THR A 105 -5.44 -20.24 21.13
N THR A 106 -4.99 -21.48 20.90
CA THR A 106 -5.91 -22.58 20.65
C THR A 106 -6.69 -22.94 21.91
N ALA A 107 -6.46 -22.18 22.98
CA ALA A 107 -7.15 -22.43 24.25
C ALA A 107 -8.05 -21.24 24.58
N MET A 108 -7.99 -20.22 23.72
CA MET A 108 -8.80 -19.02 23.92
C MET A 108 -10.20 -19.19 23.39
N THR A 109 -11.13 -18.37 23.87
CA THR A 109 -12.51 -18.41 23.40
C THR A 109 -12.59 -17.40 22.26
N PRO A 110 -13.64 -17.48 21.41
CA PRO A 110 -13.74 -16.53 20.31
C PRO A 110 -13.59 -15.06 20.75
N ALA A 111 -14.30 -14.67 21.80
CA ALA A 111 -14.22 -13.30 22.30
C ALA A 111 -12.82 -12.97 22.83
N LYS A 112 -12.23 -13.93 23.54
CA LYS A 112 -10.90 -13.73 24.09
C LYS A 112 -9.87 -13.36 23.00
N ILE A 113 -9.71 -14.23 22.01
CA ILE A 113 -8.77 -14.01 20.91
C ILE A 113 -9.05 -12.71 20.15
N VAL A 114 -10.33 -12.37 19.99
CA VAL A 114 -10.70 -11.14 19.27
C VAL A 114 -10.26 -9.93 20.07
N GLU A 115 -10.39 -10.02 21.39
CA GLU A 115 -10.00 -8.95 22.29
C GLU A 115 -8.50 -8.71 22.16
N VAL A 116 -7.76 -9.80 22.04
CA VAL A 116 -6.31 -9.75 21.92
C VAL A 116 -5.86 -9.00 20.67
N VAL A 117 -6.23 -9.49 19.49
CA VAL A 117 -5.81 -8.83 18.26
C VAL A 117 -6.35 -7.40 18.12
N SER A 118 -7.45 -7.10 18.80
CA SER A 118 -8.01 -5.75 18.70
C SER A 118 -7.17 -4.68 19.39
N HIS A 119 -6.18 -5.11 20.18
CA HIS A 119 -5.29 -4.19 20.87
C HIS A 119 -4.17 -3.82 19.91
N MET A 120 -4.26 -4.30 18.68
CA MET A 120 -3.21 -4.10 17.70
C MET A 120 -3.51 -3.20 16.51
N ASN A 121 -2.49 -2.48 16.04
CA ASN A 121 -2.63 -1.65 14.85
C ASN A 121 -2.14 -2.56 13.70
N VAL A 122 -2.41 -2.18 12.46
CA VAL A 122 -2.02 -3.02 11.34
C VAL A 122 -0.52 -3.33 11.24
N VAL A 123 0.34 -2.46 11.73
CA VAL A 123 1.77 -2.72 11.65
C VAL A 123 2.16 -3.84 12.60
N GLU A 124 1.54 -3.87 13.77
CA GLU A 124 1.83 -4.90 14.74
C GLU A 124 1.23 -6.20 14.23
N MET A 125 0.06 -6.10 13.60
CA MET A 125 -0.61 -7.28 13.07
C MET A 125 0.23 -7.95 11.98
N MET A 126 0.89 -7.15 11.15
CA MET A 126 1.71 -7.72 10.09
C MET A 126 2.94 -8.35 10.72
N MET A 127 3.52 -7.66 11.71
CA MET A 127 4.69 -8.16 12.40
C MET A 127 4.39 -9.53 12.99
N ALA A 128 3.14 -9.73 13.41
CA ALA A 128 2.70 -10.99 13.99
C ALA A 128 2.39 -12.04 12.94
N MET A 129 1.74 -11.61 11.85
CA MET A 129 1.39 -12.55 10.80
C MET A 129 2.60 -13.23 10.16
N GLN A 130 3.71 -12.50 10.04
CA GLN A 130 4.91 -13.09 9.45
C GLN A 130 5.43 -14.24 10.32
N LYS A 131 5.08 -14.21 11.60
CA LYS A 131 5.49 -15.24 12.53
C LYS A 131 4.42 -16.31 12.71
N MET A 132 3.16 -15.90 12.70
CA MET A 132 2.05 -16.85 12.88
C MET A 132 1.65 -17.66 11.65
N ARG A 133 2.00 -17.18 10.46
CA ARG A 133 1.69 -17.91 9.22
C ARG A 133 2.21 -19.33 9.38
N ALA A 134 1.34 -20.33 9.19
CA ALA A 134 1.72 -21.73 9.34
C ALA A 134 2.85 -22.22 8.43
N ARG A 135 2.74 -22.04 7.11
CA ARG A 135 3.81 -22.48 6.22
C ARG A 135 4.91 -21.42 6.23
N ARG A 136 6.16 -21.86 6.23
CA ARG A 136 7.29 -20.93 6.25
C ARG A 136 7.34 -20.13 4.95
N THR A 137 7.08 -20.82 3.84
CA THR A 137 7.08 -20.21 2.52
C THR A 137 5.71 -19.67 2.14
N PRO A 138 5.62 -18.40 1.74
CA PRO A 138 4.31 -17.84 1.35
C PRO A 138 3.92 -18.33 -0.05
N SER A 139 2.63 -18.31 -0.36
CA SER A 139 2.18 -18.76 -1.67
C SER A 139 1.03 -17.89 -2.20
N GLN A 140 0.54 -18.25 -3.37
CA GLN A 140 -0.56 -17.50 -4.03
C GLN A 140 -1.62 -18.39 -4.68
N GLN A 141 -2.85 -17.87 -4.76
CA GLN A 141 -3.97 -18.57 -5.38
C GLN A 141 -4.65 -17.66 -6.41
N ALA A 142 -4.94 -18.22 -7.59
CA ALA A 142 -5.57 -17.42 -8.65
C ALA A 142 -6.91 -17.95 -9.14
N HIS A 143 -7.69 -17.02 -9.69
CA HIS A 143 -9.00 -17.32 -10.27
C HIS A 143 -8.73 -17.56 -11.76
N VAL A 144 -9.38 -18.57 -12.35
CA VAL A 144 -9.21 -18.85 -13.77
C VAL A 144 -10.62 -19.12 -14.32
N THR A 145 -11.30 -18.06 -14.72
CA THR A 145 -12.66 -18.18 -15.25
C THR A 145 -12.87 -17.21 -16.42
N ASN A 146 -14.05 -17.27 -17.02
CA ASN A 146 -14.40 -16.34 -18.10
C ASN A 146 -15.92 -16.38 -18.31
N VAL A 147 -16.49 -15.23 -18.69
CA VAL A 147 -17.93 -15.10 -18.87
C VAL A 147 -18.65 -16.09 -19.77
N LYS A 148 -17.89 -16.84 -20.56
CA LYS A 148 -18.50 -17.81 -21.47
C LYS A 148 -18.30 -19.25 -21.01
N ASP A 149 -17.66 -19.43 -19.85
CA ASP A 149 -17.36 -20.77 -19.34
C ASP A 149 -16.67 -21.54 -20.48
N ASN A 150 -15.93 -20.79 -21.30
CA ASN A 150 -15.21 -21.34 -22.43
C ASN A 150 -14.04 -22.19 -21.94
N PRO A 151 -14.09 -23.51 -22.14
CA PRO A 151 -13.04 -24.44 -21.71
C PRO A 151 -11.66 -24.28 -22.33
N VAL A 152 -11.59 -23.80 -23.57
CA VAL A 152 -10.29 -23.65 -24.21
C VAL A 152 -9.54 -22.51 -23.56
N GLN A 153 -10.27 -21.43 -23.27
CA GLN A 153 -9.67 -20.28 -22.64
C GLN A 153 -9.19 -20.65 -21.23
N ILE A 154 -10.05 -21.32 -20.47
CA ILE A 154 -9.70 -21.73 -19.12
C ILE A 154 -8.38 -22.51 -19.09
N ALA A 155 -8.27 -23.50 -19.98
CA ALA A 155 -7.07 -24.32 -20.04
C ALA A 155 -5.83 -23.45 -20.29
N ALA A 156 -5.93 -22.53 -21.23
CA ALA A 156 -4.81 -21.64 -21.55
C ALA A 156 -4.47 -20.70 -20.39
N ASP A 157 -5.47 -19.99 -19.87
CA ASP A 157 -5.22 -19.09 -18.77
C ASP A 157 -4.67 -19.84 -17.57
N ALA A 158 -5.19 -21.03 -17.32
CA ALA A 158 -4.72 -21.82 -16.19
C ALA A 158 -3.24 -22.14 -16.33
N ALA A 159 -2.82 -22.46 -17.56
CA ALA A 159 -1.43 -22.80 -17.83
C ALA A 159 -0.53 -21.60 -17.57
N GLU A 160 -1.03 -20.41 -17.90
CA GLU A 160 -0.26 -19.20 -17.69
C GLU A 160 -0.15 -18.90 -16.21
N GLY A 161 -1.28 -18.96 -15.51
CA GLY A 161 -1.28 -18.71 -14.09
C GLY A 161 -0.25 -19.58 -13.40
N ALA A 162 -0.30 -20.86 -13.73
CA ALA A 162 0.62 -21.84 -13.19
C ALA A 162 2.05 -21.43 -13.51
N TRP A 163 2.25 -20.90 -14.71
CA TRP A 163 3.57 -20.48 -15.14
C TRP A 163 4.05 -19.24 -14.39
N ARG A 164 3.11 -18.35 -14.08
CA ARG A 164 3.47 -17.13 -13.36
C ARG A 164 3.77 -17.39 -11.89
N GLY A 165 3.42 -18.56 -11.37
CA GLY A 165 3.72 -18.86 -9.99
C GLY A 165 2.63 -19.34 -9.05
N PHE A 166 1.36 -19.24 -9.47
CA PHE A 166 0.26 -19.66 -8.61
C PHE A 166 0.33 -21.15 -8.30
N ASP A 167 0.23 -21.51 -7.03
CA ASP A 167 0.30 -22.91 -6.63
C ASP A 167 -1.05 -23.55 -6.39
N GLU A 168 -2.08 -22.72 -6.47
CA GLU A 168 -3.46 -23.16 -6.30
C GLU A 168 -4.25 -22.30 -7.25
N GLN A 169 -5.15 -22.90 -8.01
CA GLN A 169 -5.99 -22.13 -8.92
C GLN A 169 -7.43 -22.58 -8.80
N GLU A 170 -8.34 -21.63 -8.98
CA GLU A 170 -9.76 -21.87 -8.81
C GLU A 170 -10.62 -21.36 -9.95
N THR A 171 -11.57 -22.19 -10.39
CA THR A 171 -12.48 -21.81 -11.44
C THR A 171 -13.89 -21.95 -10.92
N THR A 172 -14.85 -21.46 -11.70
CA THR A 172 -16.25 -21.56 -11.36
C THR A 172 -17.06 -21.28 -12.60
N VAL A 173 -18.37 -21.43 -12.50
CA VAL A 173 -19.21 -21.25 -13.68
C VAL A 173 -20.30 -20.19 -13.66
N ALA A 174 -20.52 -19.64 -14.85
CA ALA A 174 -21.56 -18.64 -15.06
C ALA A 174 -22.84 -19.46 -15.17
N VAL A 175 -22.70 -20.59 -15.87
CA VAL A 175 -23.78 -21.54 -16.09
C VAL A 175 -23.41 -22.86 -15.43
N ALA A 176 -23.98 -23.13 -14.26
CA ALA A 176 -23.72 -24.34 -13.49
C ALA A 176 -23.39 -25.59 -14.30
N ARG A 177 -24.32 -26.00 -15.15
CA ARG A 177 -24.15 -27.20 -15.97
C ARG A 177 -22.80 -27.33 -16.68
N TYR A 178 -22.06 -26.24 -16.77
CA TYR A 178 -20.75 -26.24 -17.46
C TYR A 178 -19.60 -26.80 -16.60
N ALA A 179 -19.76 -26.71 -15.27
CA ALA A 179 -18.76 -27.15 -14.30
C ALA A 179 -17.78 -28.25 -14.69
N PRO A 180 -18.25 -29.44 -15.05
CA PRO A 180 -17.34 -30.53 -15.43
C PRO A 180 -16.26 -30.11 -16.44
N PHE A 181 -16.67 -29.32 -17.43
CA PHE A 181 -15.76 -28.84 -18.46
C PHE A 181 -14.73 -27.87 -17.89
N ASN A 182 -15.18 -26.91 -17.09
CA ASN A 182 -14.31 -25.92 -16.47
C ASN A 182 -13.29 -26.64 -15.62
N ALA A 183 -13.77 -27.50 -14.73
CA ALA A 183 -12.90 -28.25 -13.85
C ALA A 183 -11.80 -28.98 -14.62
N ILE A 184 -12.18 -29.74 -15.63
CA ILE A 184 -11.21 -30.48 -16.40
C ILE A 184 -10.23 -29.56 -17.11
N ALA A 185 -10.73 -28.50 -17.74
CA ALA A 185 -9.87 -27.55 -18.42
C ALA A 185 -8.87 -26.98 -17.43
N LEU A 186 -9.39 -26.51 -16.30
CA LEU A 186 -8.55 -25.95 -15.25
C LEU A 186 -7.47 -26.95 -14.82
N LEU A 187 -7.89 -28.18 -14.54
CA LEU A 187 -6.95 -29.20 -14.11
C LEU A 187 -5.92 -29.51 -15.18
N VAL A 188 -6.34 -29.60 -16.44
CA VAL A 188 -5.39 -29.91 -17.51
C VAL A 188 -4.41 -28.76 -17.72
N GLY A 189 -4.93 -27.54 -17.82
CA GLY A 189 -4.07 -26.38 -18.03
C GLY A 189 -3.05 -26.24 -16.92
N SER A 190 -3.52 -26.23 -15.68
CA SER A 190 -2.64 -26.09 -14.53
C SER A 190 -1.43 -27.03 -14.56
N GLN A 191 -1.70 -28.31 -14.80
CA GLN A 191 -0.63 -29.30 -14.85
C GLN A 191 0.37 -29.02 -15.96
N VAL A 192 -0.09 -28.39 -17.04
CA VAL A 192 0.80 -28.04 -18.14
C VAL A 192 1.67 -26.85 -17.73
N GLY A 193 1.08 -25.93 -16.97
CA GLY A 193 1.82 -24.76 -16.51
C GLY A 193 2.87 -25.22 -15.51
N ARG A 194 2.45 -26.03 -14.55
CA ARG A 194 3.37 -26.58 -13.56
C ARG A 194 2.74 -27.76 -12.84
N PRO A 195 3.26 -28.97 -13.08
CA PRO A 195 2.72 -30.17 -12.43
C PRO A 195 2.76 -29.95 -10.93
N GLY A 196 1.65 -30.20 -10.26
CA GLY A 196 1.60 -30.01 -8.81
C GLY A 196 0.64 -28.92 -8.39
N VAL A 197 0.32 -28.03 -9.31
CA VAL A 197 -0.61 -26.95 -9.02
C VAL A 197 -1.95 -27.57 -8.71
N LEU A 198 -2.47 -27.32 -7.51
CA LEU A 198 -3.76 -27.85 -7.09
C LEU A 198 -4.89 -27.04 -7.75
N THR A 199 -6.00 -27.69 -8.06
CA THR A 199 -7.12 -27.02 -8.72
C THR A 199 -8.46 -27.30 -8.06
N GLN A 200 -9.35 -26.31 -8.11
CA GLN A 200 -10.67 -26.45 -7.50
C GLN A 200 -11.75 -25.81 -8.39
N CYS A 201 -13.00 -26.26 -8.21
CA CYS A 201 -14.14 -25.73 -8.97
C CYS A 201 -15.20 -25.42 -7.93
N SER A 202 -15.44 -24.15 -7.68
CA SER A 202 -16.41 -23.74 -6.68
C SER A 202 -17.86 -23.81 -7.10
N LEU A 203 -18.58 -24.78 -6.53
CA LEU A 203 -19.99 -25.01 -6.84
C LEU A 203 -20.77 -25.22 -5.54
N GLU A 204 -22.04 -25.59 -5.69
CA GLU A 204 -22.92 -25.87 -4.55
C GLU A 204 -22.25 -27.11 -3.91
N GLU A 205 -22.24 -27.15 -2.58
CA GLU A 205 -21.59 -28.22 -1.83
C GLU A 205 -21.71 -29.64 -2.39
N ALA A 206 -22.91 -30.19 -2.37
CA ALA A 206 -23.13 -31.55 -2.85
C ALA A 206 -22.54 -31.75 -4.25
N THR A 207 -22.76 -30.78 -5.13
CA THR A 207 -22.27 -30.87 -6.49
C THR A 207 -20.74 -30.90 -6.57
N GLU A 208 -20.09 -30.04 -5.78
CA GLU A 208 -18.64 -29.98 -5.77
C GLU A 208 -18.03 -31.27 -5.24
N LEU A 209 -18.69 -31.88 -4.26
CA LEU A 209 -18.17 -33.12 -3.69
C LEU A 209 -18.15 -34.25 -4.72
N LYS A 210 -19.20 -34.33 -5.52
CA LYS A 210 -19.31 -35.36 -6.55
C LYS A 210 -18.23 -35.16 -7.61
N LEU A 211 -17.97 -33.90 -7.95
CA LEU A 211 -16.97 -33.57 -8.95
C LEU A 211 -15.57 -33.99 -8.48
N GLY A 212 -15.37 -33.93 -7.17
CA GLY A 212 -14.10 -34.34 -6.59
C GLY A 212 -14.06 -35.86 -6.58
N MET A 213 -15.22 -36.49 -6.39
CA MET A 213 -15.29 -37.94 -6.38
C MET A 213 -15.02 -38.49 -7.77
N LEU A 214 -15.41 -37.75 -8.80
CA LEU A 214 -15.18 -38.20 -10.16
C LEU A 214 -13.74 -37.94 -10.60
N GLY A 215 -12.97 -37.26 -9.76
CA GLY A 215 -11.57 -36.98 -10.05
C GLY A 215 -11.23 -35.76 -10.89
N HIS A 216 -12.12 -34.78 -10.95
CA HIS A 216 -11.87 -33.60 -11.76
C HIS A 216 -11.41 -32.35 -11.02
N THR A 217 -11.02 -32.53 -9.76
CA THR A 217 -10.54 -31.43 -8.94
C THR A 217 -9.49 -32.00 -8.00
N CYS A 218 -8.59 -31.14 -7.52
CA CYS A 218 -7.51 -31.54 -6.63
C CYS A 218 -7.83 -31.23 -5.18
N TYR A 219 -8.68 -30.24 -4.98
CA TYR A 219 -9.07 -29.84 -3.63
C TYR A 219 -10.34 -29.01 -3.70
N ALA A 220 -10.83 -28.58 -2.54
CA ALA A 220 -12.03 -27.76 -2.46
C ALA A 220 -11.78 -26.71 -1.40
N GLU A 221 -12.20 -25.46 -1.67
CA GLU A 221 -11.98 -24.35 -0.77
C GLU A 221 -13.23 -23.65 -0.26
N THR A 222 -14.18 -23.41 -1.17
CA THR A 222 -15.40 -22.71 -0.80
C THR A 222 -16.41 -23.52 0.00
N ILE A 223 -15.91 -24.33 0.93
CA ILE A 223 -16.77 -25.14 1.79
C ILE A 223 -17.12 -24.22 2.94
N SER A 224 -18.19 -23.45 2.74
CA SER A 224 -18.66 -22.43 3.66
C SER A 224 -19.14 -22.74 5.08
N VAL A 225 -18.93 -21.77 5.96
CA VAL A 225 -19.34 -21.81 7.37
C VAL A 225 -19.76 -20.39 7.71
N TYR A 226 -20.66 -20.22 8.69
CA TYR A 226 -21.15 -18.89 9.05
C TYR A 226 -21.15 -18.53 10.54
N GLY A 227 -21.12 -17.23 10.83
CA GLY A 227 -21.07 -16.76 12.19
C GLY A 227 -22.32 -16.80 13.05
N THR A 228 -23.49 -16.93 12.44
CA THR A 228 -24.72 -17.02 13.22
C THR A 228 -25.55 -18.19 12.71
N GLU A 229 -26.38 -18.74 13.61
CA GLU A 229 -27.22 -19.88 13.26
C GLU A 229 -28.19 -19.63 12.12
N PRO A 230 -28.93 -18.51 12.16
CA PRO A 230 -29.88 -18.25 11.07
C PRO A 230 -29.21 -18.08 9.70
N VAL A 231 -28.02 -17.48 9.67
CA VAL A 231 -27.32 -17.30 8.42
C VAL A 231 -26.70 -18.63 7.97
N PHE A 232 -26.28 -19.43 8.94
CA PHE A 232 -25.70 -20.73 8.63
C PHE A 232 -26.83 -21.55 8.01
N THR A 233 -28.03 -21.37 8.53
CA THR A 233 -29.20 -22.08 8.05
C THR A 233 -29.52 -21.74 6.59
N ASP A 234 -29.56 -20.46 6.26
CA ASP A 234 -29.82 -20.07 4.88
C ASP A 234 -28.66 -20.48 4.00
N GLY A 235 -27.54 -20.81 4.65
CA GLY A 235 -26.35 -21.25 3.94
C GLY A 235 -26.55 -22.71 3.59
N ASP A 236 -27.61 -23.29 4.17
CA ASP A 236 -28.03 -24.68 3.99
C ASP A 236 -27.10 -25.75 4.61
N ASP A 237 -26.64 -25.47 5.81
CA ASP A 237 -25.77 -26.39 6.55
C ASP A 237 -25.83 -26.11 8.04
N THR A 238 -25.10 -26.92 8.80
CA THR A 238 -25.01 -26.78 10.24
C THR A 238 -23.54 -27.05 10.52
N PRO A 239 -23.11 -26.84 11.76
CA PRO A 239 -21.70 -27.12 12.02
C PRO A 239 -21.42 -28.60 11.77
N TRP A 240 -22.42 -29.44 12.02
CA TRP A 240 -22.27 -30.87 11.84
C TRP A 240 -22.29 -31.32 10.37
N SER A 241 -23.15 -30.74 9.56
CA SER A 241 -23.19 -31.13 8.15
C SER A 241 -21.86 -30.78 7.49
N LYS A 242 -21.33 -29.62 7.83
CA LYS A 242 -20.06 -29.18 7.28
C LYS A 242 -18.90 -30.01 7.84
N GLY A 243 -18.94 -30.31 9.13
CA GLY A 243 -17.91 -31.13 9.72
C GLY A 243 -17.90 -32.49 9.02
N PHE A 244 -19.09 -33.01 8.76
CA PHE A 244 -19.20 -34.31 8.08
C PHE A 244 -18.65 -34.21 6.68
N LEU A 245 -19.00 -33.13 6.00
CA LEU A 245 -18.55 -32.89 4.64
C LEU A 245 -17.03 -32.78 4.57
N ALA A 246 -16.43 -32.25 5.63
CA ALA A 246 -14.97 -32.09 5.69
C ALA A 246 -14.29 -33.46 5.79
N SER A 247 -14.88 -34.34 6.57
CA SER A 247 -14.34 -35.67 6.74
C SER A 247 -14.55 -36.50 5.48
N SER A 248 -15.60 -36.17 4.73
CA SER A 248 -15.92 -36.86 3.49
C SER A 248 -14.85 -36.57 2.42
N TYR A 249 -14.48 -35.30 2.32
CA TYR A 249 -13.44 -34.89 1.36
C TYR A 249 -12.14 -35.62 1.67
N ALA A 250 -11.78 -35.66 2.96
CA ALA A 250 -10.56 -36.31 3.40
C ALA A 250 -10.56 -37.81 3.11
N SER A 251 -11.73 -38.44 3.24
CA SER A 251 -11.84 -39.87 3.02
C SER A 251 -11.65 -40.25 1.56
N ARG A 252 -11.64 -39.24 0.68
CA ARG A 252 -11.43 -39.49 -0.74
C ARG A 252 -10.04 -39.03 -1.13
N GLY A 253 -9.25 -38.66 -0.12
CA GLY A 253 -7.89 -38.23 -0.35
C GLY A 253 -7.74 -36.82 -0.89
N LEU A 254 -8.77 -36.00 -0.71
CA LEU A 254 -8.76 -34.63 -1.19
C LEU A 254 -8.57 -33.58 -0.09
N LYS A 255 -7.62 -32.68 -0.32
CA LYS A 255 -7.32 -31.59 0.60
C LYS A 255 -8.45 -30.58 0.53
N MET A 256 -8.83 -30.00 1.66
CA MET A 256 -9.88 -29.00 1.66
C MET A 256 -9.74 -28.03 2.82
N ARG A 257 -10.48 -26.93 2.74
CA ARG A 257 -10.51 -25.90 3.77
C ARG A 257 -11.90 -25.29 3.73
N PHE A 258 -12.25 -24.53 4.74
CA PHE A 258 -13.54 -23.90 4.78
C PHE A 258 -13.38 -22.48 4.23
N THR A 259 -14.50 -21.81 3.98
CA THR A 259 -14.46 -20.45 3.53
C THR A 259 -15.44 -19.68 4.42
N SER A 260 -15.01 -18.50 4.86
CA SER A 260 -15.82 -17.63 5.68
C SER A 260 -15.53 -16.18 5.29
N GLY A 261 -15.48 -15.28 6.26
CA GLY A 261 -15.19 -13.90 5.93
C GLY A 261 -16.11 -12.88 6.58
N SER A 262 -15.50 -11.84 7.11
CA SER A 262 -16.25 -10.79 7.76
C SER A 262 -17.30 -10.17 6.85
N GLY A 263 -18.47 -9.89 7.42
CA GLY A 263 -19.53 -9.26 6.68
C GLY A 263 -20.61 -10.15 6.09
N SER A 264 -20.36 -11.46 6.05
CA SER A 264 -21.34 -12.37 5.46
C SER A 264 -22.66 -12.40 6.22
N GLU A 265 -22.59 -12.41 7.54
CA GLU A 265 -23.81 -12.43 8.34
C GLU A 265 -24.65 -11.19 8.07
N VAL A 266 -23.97 -10.05 7.93
CA VAL A 266 -24.64 -8.78 7.65
C VAL A 266 -25.28 -8.85 6.28
N GLN A 267 -24.50 -9.30 5.30
CA GLN A 267 -24.97 -9.43 3.94
C GLN A 267 -26.19 -10.35 3.85
N MET A 268 -26.28 -11.31 4.77
CA MET A 268 -27.38 -12.26 4.75
C MET A 268 -28.49 -12.00 5.76
N GLY A 269 -28.53 -10.80 6.32
CA GLY A 269 -29.61 -10.46 7.23
C GLY A 269 -29.59 -10.71 8.73
N TYR A 270 -28.73 -11.59 9.23
CA TYR A 270 -28.71 -11.84 10.66
C TYR A 270 -27.33 -11.77 11.29
N ALA A 271 -26.95 -10.59 11.77
CA ALA A 271 -25.66 -10.37 12.40
C ALA A 271 -25.82 -10.58 13.91
N GLU A 272 -27.07 -10.61 14.35
CA GLU A 272 -27.38 -10.79 15.77
C GLU A 272 -26.69 -9.68 16.56
N GLY A 273 -26.70 -8.48 16.00
CA GLY A 273 -26.11 -7.33 16.65
C GLY A 273 -24.62 -7.40 16.98
N LYS A 274 -23.91 -8.38 16.44
CA LYS A 274 -22.49 -8.53 16.72
C LYS A 274 -21.62 -7.91 15.63
N SER A 275 -20.35 -7.61 15.98
CA SER A 275 -19.40 -7.03 15.03
C SER A 275 -18.95 -8.09 14.04
N MET A 276 -18.56 -7.68 12.84
CA MET A 276 -18.11 -8.62 11.83
C MET A 276 -16.94 -9.47 12.34
N LEU A 277 -16.06 -8.86 13.13
CA LEU A 277 -14.91 -9.59 13.65
C LEU A 277 -15.30 -10.68 14.62
N TYR A 278 -16.18 -10.38 15.56
CA TYR A 278 -16.59 -11.40 16.52
C TYR A 278 -17.22 -12.58 15.78
N LEU A 279 -18.19 -12.30 14.91
CA LEU A 279 -18.86 -13.37 14.15
C LEU A 279 -17.88 -14.20 13.31
N GLU A 280 -16.92 -13.53 12.69
CA GLU A 280 -15.92 -14.21 11.87
C GLU A 280 -15.08 -15.10 12.79
N ALA A 281 -14.86 -14.62 14.01
CA ALA A 281 -14.09 -15.38 14.97
C ALA A 281 -14.78 -16.73 15.20
N ARG A 282 -16.11 -16.69 15.28
CA ARG A 282 -16.88 -17.91 15.50
C ARG A 282 -16.67 -18.86 14.29
N CYS A 283 -16.58 -18.30 13.08
CA CYS A 283 -16.36 -19.13 11.91
C CYS A 283 -14.97 -19.78 11.99
N ILE A 284 -13.98 -18.98 12.41
CA ILE A 284 -12.61 -19.47 12.51
C ILE A 284 -12.58 -20.64 13.48
N TYR A 285 -13.31 -20.51 14.58
CA TYR A 285 -13.36 -21.58 15.56
C TYR A 285 -14.20 -22.76 15.05
N ILE A 286 -15.24 -22.47 14.27
CA ILE A 286 -16.05 -23.55 13.71
C ILE A 286 -15.09 -24.41 12.90
N THR A 287 -14.21 -23.75 12.15
CA THR A 287 -13.23 -24.41 11.29
C THR A 287 -12.28 -25.27 12.09
N LYS A 288 -11.74 -24.69 13.18
CA LYS A 288 -10.82 -25.41 14.05
C LYS A 288 -11.52 -26.64 14.63
N ALA A 289 -12.73 -26.43 15.15
CA ALA A 289 -13.52 -27.49 15.75
C ALA A 289 -13.76 -28.68 14.81
N ALA A 290 -14.09 -28.39 13.56
CA ALA A 290 -14.35 -29.44 12.58
C ALA A 290 -13.14 -30.29 12.23
N GLY A 291 -11.95 -29.80 12.51
CA GLY A 291 -10.76 -30.57 12.19
C GLY A 291 -10.24 -30.22 10.81
N VAL A 292 -10.78 -29.15 10.23
CA VAL A 292 -10.34 -28.68 8.92
C VAL A 292 -8.97 -28.04 9.11
N GLN A 293 -8.07 -28.25 8.15
CA GLN A 293 -6.72 -27.73 8.29
C GLN A 293 -6.51 -26.25 8.03
N GLY A 294 -7.29 -25.70 7.09
CA GLY A 294 -7.15 -24.30 6.75
C GLY A 294 -8.47 -23.58 6.57
N LEU A 295 -8.38 -22.28 6.29
CA LEU A 295 -9.55 -21.46 6.12
C LEU A 295 -9.30 -20.30 5.17
N GLN A 296 -10.27 -20.04 4.30
CA GLN A 296 -10.16 -18.92 3.38
C GLN A 296 -10.97 -17.80 3.99
N ASN A 297 -10.31 -16.80 4.57
CA ASN A 297 -11.05 -15.70 5.16
C ASN A 297 -10.43 -14.34 4.87
N GLY A 298 -10.92 -13.30 5.54
CA GLY A 298 -10.44 -11.96 5.27
C GLY A 298 -11.53 -11.30 4.42
N SER A 299 -12.78 -11.52 4.86
CA SER A 299 -14.00 -11.02 4.22
C SER A 299 -14.36 -11.71 2.90
N VAL A 300 -13.35 -11.97 2.08
CA VAL A 300 -13.54 -12.65 0.81
C VAL A 300 -14.61 -11.96 -0.05
N SER A 301 -15.66 -12.69 -0.42
CA SER A 301 -16.72 -12.16 -1.29
C SER A 301 -17.62 -11.06 -0.75
N CYS A 302 -17.58 -10.81 0.56
CA CYS A 302 -18.43 -9.78 1.17
C CYS A 302 -17.60 -8.60 1.57
N ILE A 303 -16.43 -8.46 0.95
CA ILE A 303 -15.50 -7.40 1.26
C ILE A 303 -16.12 -6.00 1.24
N GLY A 304 -17.24 -5.86 0.55
CA GLY A 304 -17.90 -4.58 0.45
C GLY A 304 -18.60 -4.14 1.73
N VAL A 305 -18.83 -5.07 2.63
CA VAL A 305 -19.51 -4.74 3.88
C VAL A 305 -18.55 -4.15 4.92
N PRO A 306 -17.47 -4.87 5.31
CA PRO A 306 -16.58 -4.26 6.29
C PRO A 306 -15.82 -3.04 5.76
N SER A 307 -15.53 -3.01 4.47
CA SER A 307 -14.79 -1.89 3.91
C SER A 307 -15.63 -0.62 3.87
N ALA A 308 -16.94 -0.76 3.96
CA ALA A 308 -17.83 0.40 3.93
C ALA A 308 -17.81 1.13 5.27
N VAL A 309 -17.35 0.46 6.33
CA VAL A 309 -17.30 1.07 7.66
C VAL A 309 -15.88 1.27 8.19
N PRO A 310 -15.73 2.10 9.23
CA PRO A 310 -14.42 2.40 9.85
C PRO A 310 -13.62 1.15 10.27
N SER A 311 -12.31 1.25 10.12
CA SER A 311 -11.40 0.16 10.47
C SER A 311 -11.78 -1.15 9.82
N GLY A 312 -12.47 -1.10 8.69
CA GLY A 312 -12.86 -2.32 8.02
C GLY A 312 -11.73 -3.17 7.50
N ILE A 313 -10.77 -2.54 6.84
CA ILE A 313 -9.64 -3.26 6.27
C ILE A 313 -8.68 -3.74 7.37
N ARG A 314 -8.65 -3.00 8.48
CA ARG A 314 -7.82 -3.38 9.61
C ARG A 314 -8.43 -4.64 10.22
N ALA A 315 -9.75 -4.74 10.17
CA ALA A 315 -10.45 -5.90 10.72
C ALA A 315 -10.16 -7.11 9.85
N VAL A 316 -10.10 -6.90 8.54
CA VAL A 316 -9.82 -7.97 7.61
C VAL A 316 -8.46 -8.59 7.93
N LEU A 317 -7.44 -7.77 8.18
CA LEU A 317 -6.14 -8.34 8.50
C LEU A 317 -6.22 -9.05 9.84
N ALA A 318 -6.97 -8.47 10.79
CA ALA A 318 -7.11 -9.07 12.11
C ALA A 318 -7.71 -10.47 12.05
N GLU A 319 -8.68 -10.69 11.17
CA GLU A 319 -9.28 -12.02 11.09
C GLU A 319 -8.29 -13.01 10.47
N ASN A 320 -7.46 -12.54 9.53
CA ASN A 320 -6.45 -13.40 8.93
C ASN A 320 -5.49 -13.80 10.05
N LEU A 321 -5.17 -12.85 10.91
CA LEU A 321 -4.25 -13.10 12.02
C LEU A 321 -4.86 -14.07 13.02
N ILE A 322 -6.15 -13.92 13.30
CA ILE A 322 -6.83 -14.83 14.24
C ILE A 322 -6.68 -16.25 13.67
N CYS A 323 -6.89 -16.36 12.36
CA CYS A 323 -6.79 -17.63 11.68
C CYS A 323 -5.43 -18.28 11.84
N SER A 324 -4.37 -17.60 11.42
CA SER A 324 -3.02 -18.15 11.53
C SER A 324 -2.65 -18.44 12.98
N SER A 325 -2.97 -17.51 13.86
CA SER A 325 -2.66 -17.68 15.28
C SER A 325 -3.29 -18.93 15.85
N LEU A 326 -4.41 -19.34 15.27
CA LEU A 326 -5.13 -20.52 15.73
C LEU A 326 -4.54 -21.78 15.11
N ASP A 327 -3.36 -21.62 14.50
CA ASP A 327 -2.66 -22.70 13.86
C ASP A 327 -3.43 -23.31 12.71
N LEU A 328 -3.98 -22.46 11.86
CA LEU A 328 -4.74 -22.87 10.68
C LEU A 328 -4.12 -22.23 9.44
N GLU A 329 -4.14 -22.95 8.33
CA GLU A 329 -3.63 -22.45 7.07
C GLU A 329 -4.57 -21.30 6.72
N CYS A 330 -4.05 -20.19 6.23
CA CYS A 330 -4.92 -19.08 5.88
C CYS A 330 -4.74 -18.61 4.43
N ALA A 331 -5.80 -18.73 3.65
CA ALA A 331 -5.82 -18.26 2.27
C ALA A 331 -6.48 -16.89 2.46
N SER A 332 -5.65 -15.86 2.62
CA SER A 332 -6.07 -14.49 2.91
C SER A 332 -6.75 -13.59 1.90
N SER A 333 -7.87 -14.03 1.34
CA SER A 333 -8.67 -13.24 0.41
C SER A 333 -7.92 -12.42 -0.66
N ASN A 334 -8.08 -11.10 -0.64
CA ASN A 334 -7.43 -10.25 -1.64
C ASN A 334 -7.83 -10.84 -2.99
N ASP A 335 -9.08 -11.29 -3.06
CA ASP A 335 -9.60 -11.94 -4.24
C ASP A 335 -10.91 -11.32 -4.73
N GLN A 336 -11.35 -10.24 -4.09
CA GLN A 336 -12.61 -9.63 -4.47
C GLN A 336 -12.61 -8.11 -4.55
N THR A 337 -13.29 -7.59 -5.57
CA THR A 337 -13.39 -6.16 -5.79
C THR A 337 -14.21 -5.47 -4.70
N PHE A 338 -13.72 -4.34 -4.23
CA PHE A 338 -14.44 -3.57 -3.22
C PHE A 338 -14.27 -2.07 -3.44
N THR A 339 -13.46 -1.69 -4.43
CA THR A 339 -13.24 -0.27 -4.68
C THR A 339 -12.88 0.05 -6.13
N HIS A 340 -13.13 1.30 -6.52
CA HIS A 340 -12.81 1.77 -7.86
C HIS A 340 -11.41 2.37 -7.84
N SER A 341 -10.81 2.46 -6.67
CA SER A 341 -9.48 3.07 -6.52
C SER A 341 -8.28 2.14 -6.45
N ASP A 342 -7.27 2.43 -7.26
CA ASP A 342 -6.06 1.63 -7.28
C ASP A 342 -5.31 1.84 -5.98
N MET A 343 -5.32 3.06 -5.47
CA MET A 343 -4.63 3.34 -4.22
C MET A 343 -5.26 2.54 -3.12
N ARG A 344 -6.59 2.62 -3.03
CA ARG A 344 -7.31 1.93 -1.96
C ARG A 344 -7.12 0.42 -1.98
N ARG A 345 -7.26 -0.20 -3.14
CA ARG A 345 -7.12 -1.64 -3.20
C ARG A 345 -5.68 -2.08 -2.93
N THR A 346 -4.72 -1.23 -3.29
CA THR A 346 -3.32 -1.55 -3.03
C THR A 346 -3.08 -1.61 -1.53
N ALA A 347 -3.62 -0.65 -0.81
CA ALA A 347 -3.46 -0.61 0.65
C ALA A 347 -4.02 -1.86 1.28
N ARG A 348 -5.19 -2.28 0.81
CA ARG A 348 -5.85 -3.47 1.34
C ARG A 348 -4.99 -4.73 1.11
N LEU A 349 -4.40 -4.82 -0.08
CA LEU A 349 -3.58 -5.96 -0.46
C LEU A 349 -2.27 -6.08 0.33
N LEU A 350 -1.59 -4.96 0.53
CA LEU A 350 -0.32 -4.94 1.24
C LEU A 350 -0.38 -5.49 2.65
N MET A 351 -1.56 -5.49 3.25
CA MET A 351 -1.71 -5.99 4.61
C MET A 351 -1.30 -7.45 4.71
N GLN A 352 -1.56 -8.23 3.66
CA GLN A 352 -1.19 -9.64 3.65
C GLN A 352 0.05 -9.88 2.81
N PHE A 353 0.20 -9.09 1.76
CA PHE A 353 1.34 -9.17 0.87
C PHE A 353 2.67 -8.98 1.60
N LEU A 354 2.79 -7.87 2.33
CA LEU A 354 4.01 -7.53 3.04
C LEU A 354 4.55 -8.58 4.00
N PRO A 355 3.72 -9.05 4.96
CA PRO A 355 4.17 -10.07 5.91
C PRO A 355 4.17 -11.47 5.29
N GLY A 356 3.27 -11.67 4.35
CA GLY A 356 3.15 -12.96 3.68
C GLY A 356 2.22 -13.89 4.45
N THR A 357 1.41 -14.66 3.74
CA THR A 357 0.50 -15.61 4.35
C THR A 357 0.56 -16.88 3.51
N ASP A 358 -0.11 -17.94 3.97
CA ASP A 358 -0.10 -19.20 3.23
C ASP A 358 -0.47 -18.96 1.78
N PHE A 359 -1.46 -18.12 1.55
CA PHE A 359 -1.88 -17.76 0.20
C PHE A 359 -2.20 -16.27 0.24
N ILE A 360 -1.22 -15.43 -0.12
CA ILE A 360 -1.35 -13.97 -0.11
C ILE A 360 -2.73 -13.55 -0.64
N SER A 361 -3.15 -14.18 -1.73
CA SER A 361 -4.46 -13.92 -2.29
C SER A 361 -5.04 -15.31 -2.43
N SER A 362 -6.33 -15.43 -2.16
CA SER A 362 -7.00 -16.70 -2.30
C SER A 362 -7.87 -16.50 -3.54
N GLY A 363 -7.27 -15.90 -4.56
CA GLY A 363 -7.99 -15.65 -5.79
C GLY A 363 -7.57 -14.41 -6.57
N TYR A 364 -6.28 -14.28 -6.84
CA TYR A 364 -5.79 -13.17 -7.63
C TYR A 364 -6.32 -13.55 -9.02
N SER A 365 -6.99 -12.63 -9.70
CA SER A 365 -7.53 -12.97 -11.01
C SER A 365 -6.46 -13.15 -12.08
N ALA A 366 -6.35 -14.37 -12.59
CA ALA A 366 -5.37 -14.65 -13.64
C ALA A 366 -5.90 -14.28 -15.01
N VAL A 367 -7.09 -13.68 -15.04
CA VAL A 367 -7.70 -13.22 -16.28
C VAL A 367 -8.19 -11.80 -16.00
N PRO A 368 -8.39 -10.99 -17.06
CA PRO A 368 -8.86 -9.62 -16.80
C PRO A 368 -10.20 -9.71 -16.07
N ASN A 369 -10.44 -8.75 -15.17
CA ASN A 369 -11.67 -8.77 -14.38
C ASN A 369 -12.98 -8.92 -15.13
N TYR A 370 -13.03 -8.53 -16.39
CA TYR A 370 -14.29 -8.69 -17.11
C TYR A 370 -14.64 -10.18 -17.27
N ASP A 371 -13.63 -11.04 -17.13
CA ASP A 371 -13.85 -12.47 -17.24
C ASP A 371 -13.93 -13.15 -15.87
N ASN A 372 -13.67 -12.40 -14.81
CA ASN A 372 -13.71 -12.97 -13.48
C ASN A 372 -15.14 -13.25 -13.03
N MET A 373 -15.45 -14.53 -12.91
CA MET A 373 -16.78 -14.98 -12.50
C MET A 373 -17.12 -14.91 -11.01
N PHE A 374 -16.25 -14.28 -10.23
CA PHE A 374 -16.47 -14.08 -8.80
C PHE A 374 -16.75 -12.60 -8.65
N ALA A 375 -17.22 -12.01 -9.74
CA ALA A 375 -17.57 -10.60 -9.84
C ALA A 375 -16.40 -9.63 -9.62
N GLY A 376 -15.20 -10.07 -10.00
CA GLY A 376 -14.02 -9.22 -9.86
C GLY A 376 -13.11 -9.51 -8.69
N SER A 377 -11.80 -9.52 -8.95
CA SER A 377 -10.79 -9.78 -7.94
C SER A 377 -10.11 -8.48 -7.56
N ASN A 378 -9.45 -8.46 -6.41
CA ASN A 378 -8.76 -7.26 -5.97
C ASN A 378 -7.53 -7.00 -6.83
N GLU A 379 -7.18 -7.98 -7.65
CA GLU A 379 -6.07 -7.86 -8.58
C GLU A 379 -6.45 -8.71 -9.78
N ASP A 380 -5.91 -8.40 -10.95
CA ASP A 380 -6.20 -9.21 -12.12
C ASP A 380 -5.02 -9.23 -13.10
N ALA A 381 -5.19 -9.95 -14.22
CA ALA A 381 -4.14 -10.10 -15.20
C ALA A 381 -3.43 -8.82 -15.59
N GLU A 382 -4.15 -7.72 -15.61
CA GLU A 382 -3.54 -6.46 -16.00
C GLU A 382 -2.63 -5.84 -14.94
N ASP A 383 -2.69 -6.35 -13.72
CA ASP A 383 -1.85 -5.86 -12.63
C ASP A 383 -0.55 -6.67 -12.50
N PHE A 384 -0.42 -7.76 -13.28
CA PHE A 384 0.75 -8.62 -13.22
C PHE A 384 2.10 -7.92 -13.19
N ASP A 385 2.30 -6.95 -14.08
CA ASP A 385 3.57 -6.24 -14.10
C ASP A 385 3.78 -5.37 -12.87
N ASP A 386 2.71 -4.78 -12.35
CA ASP A 386 2.82 -3.94 -11.16
C ASP A 386 3.16 -4.78 -9.93
N TYR A 387 2.60 -5.97 -9.89
CA TYR A 387 2.83 -6.87 -8.76
C TYR A 387 4.29 -7.30 -8.71
N ASN A 388 4.88 -7.58 -9.88
CA ASN A 388 6.27 -8.00 -9.92
C ASN A 388 7.18 -6.83 -9.60
N VAL A 389 6.72 -5.62 -9.88
CA VAL A 389 7.50 -4.44 -9.60
C VAL A 389 7.52 -4.14 -8.11
N ILE A 390 6.39 -4.32 -7.45
CA ILE A 390 6.31 -4.06 -6.02
C ILE A 390 7.19 -5.09 -5.30
N GLN A 391 7.22 -6.31 -5.83
CA GLN A 391 8.05 -7.35 -5.25
C GLN A 391 9.50 -6.88 -5.31
N ARG A 392 9.89 -6.35 -6.45
CA ARG A 392 11.26 -5.86 -6.65
C ARG A 392 11.54 -4.65 -5.79
N ASP A 393 10.57 -3.73 -5.72
CA ASP A 393 10.73 -2.52 -4.92
C ASP A 393 10.99 -2.77 -3.43
N LEU A 394 10.16 -3.61 -2.82
CA LEU A 394 10.27 -3.89 -1.38
C LEU A 394 11.00 -5.18 -1.00
N LYS A 395 11.55 -5.85 -2.01
CA LYS A 395 12.24 -7.11 -1.81
C LYS A 395 11.33 -8.04 -1.00
N VAL A 396 10.10 -8.18 -1.47
CA VAL A 396 9.09 -9.03 -0.83
C VAL A 396 8.64 -10.12 -1.80
N ASP A 397 8.66 -11.38 -1.35
CA ASP A 397 8.23 -12.48 -2.18
C ASP A 397 6.72 -12.53 -2.18
N GLY A 398 6.12 -12.17 -3.32
CA GLY A 398 4.68 -12.18 -3.44
C GLY A 398 4.20 -13.47 -4.07
N GLY A 399 5.13 -14.41 -4.23
CA GLY A 399 4.81 -15.70 -4.80
C GLY A 399 4.75 -15.76 -6.32
N LEU A 400 4.93 -14.62 -7.00
CA LEU A 400 4.86 -14.63 -8.45
C LEU A 400 6.21 -14.27 -9.06
N ARG A 401 6.27 -14.28 -10.38
CA ARG A 401 7.51 -13.98 -11.08
C ARG A 401 7.28 -13.36 -12.45
N PRO A 402 8.27 -12.61 -12.94
CA PRO A 402 8.18 -11.98 -14.27
C PRO A 402 8.30 -13.13 -15.29
N VAL A 403 7.60 -13.04 -16.41
CA VAL A 403 7.65 -14.10 -17.42
C VAL A 403 7.81 -13.58 -18.83
N ARG A 404 8.31 -14.42 -19.73
CA ARG A 404 8.53 -14.03 -21.11
C ARG A 404 7.33 -14.37 -21.97
N GLU A 405 6.94 -13.44 -22.84
CA GLU A 405 5.81 -13.67 -23.73
C GLU A 405 5.97 -14.99 -24.47
N GLU A 406 7.14 -15.18 -25.07
CA GLU A 406 7.45 -16.40 -25.82
C GLU A 406 7.13 -17.65 -25.00
N ASP A 407 7.49 -17.65 -23.72
CA ASP A 407 7.22 -18.80 -22.85
C ASP A 407 5.72 -18.93 -22.60
N VAL A 408 5.08 -17.81 -22.27
CA VAL A 408 3.66 -17.82 -21.99
C VAL A 408 2.91 -18.37 -23.21
N ILE A 409 3.20 -17.82 -24.38
CA ILE A 409 2.56 -18.26 -25.61
C ILE A 409 2.67 -19.76 -25.79
N ALA A 410 3.87 -20.29 -25.63
CA ALA A 410 4.13 -21.72 -25.79
C ALA A 410 3.28 -22.56 -24.84
N ILE A 411 3.40 -22.25 -23.56
CA ILE A 411 2.67 -22.97 -22.53
C ILE A 411 1.16 -22.85 -22.73
N ARG A 412 0.67 -21.68 -23.11
CA ARG A 412 -0.76 -21.50 -23.34
C ARG A 412 -1.19 -22.39 -24.50
N ASN A 413 -0.35 -22.48 -25.52
CA ASN A 413 -0.65 -23.29 -26.69
C ASN A 413 -0.67 -24.77 -26.35
N LYS A 414 0.37 -25.23 -25.66
CA LYS A 414 0.44 -26.63 -25.28
C LYS A 414 -0.77 -27.03 -24.45
N ALA A 415 -1.30 -26.08 -23.69
CA ALA A 415 -2.45 -26.37 -22.85
C ALA A 415 -3.74 -26.46 -23.68
N ALA A 416 -3.79 -25.73 -24.79
CA ALA A 416 -4.97 -25.74 -25.66
C ALA A 416 -4.99 -27.01 -26.49
N ARG A 417 -3.82 -27.42 -26.97
CA ARG A 417 -3.72 -28.63 -27.76
C ARG A 417 -4.02 -29.82 -26.89
N ALA A 418 -3.49 -29.80 -25.66
CA ALA A 418 -3.70 -30.89 -24.71
C ALA A 418 -5.19 -31.09 -24.44
N LEU A 419 -5.90 -30.00 -24.15
CA LEU A 419 -7.33 -30.10 -23.86
C LEU A 419 -8.08 -30.53 -25.11
N GLN A 420 -7.60 -30.09 -26.27
CA GLN A 420 -8.22 -30.44 -27.54
C GLN A 420 -8.20 -31.96 -27.66
N ALA A 421 -7.03 -32.54 -27.41
CA ALA A 421 -6.85 -33.99 -27.47
C ALA A 421 -7.71 -34.69 -26.42
N VAL A 422 -7.92 -34.04 -25.28
CA VAL A 422 -8.75 -34.61 -24.23
C VAL A 422 -10.21 -34.67 -24.70
N PHE A 423 -10.66 -33.58 -25.31
CA PHE A 423 -12.02 -33.47 -25.82
C PHE A 423 -12.30 -34.44 -26.96
N ALA A 424 -11.31 -34.62 -27.83
CA ALA A 424 -11.45 -35.53 -28.95
C ALA A 424 -11.53 -36.95 -28.40
N GLY A 425 -10.59 -37.30 -27.53
CA GLY A 425 -10.56 -38.62 -26.92
C GLY A 425 -11.85 -38.99 -26.22
N MET A 426 -12.35 -38.12 -25.35
CA MET A 426 -13.58 -38.41 -24.63
C MET A 426 -14.81 -38.19 -25.49
N GLY A 427 -14.59 -37.83 -26.75
CA GLY A 427 -15.71 -37.59 -27.65
C GLY A 427 -16.62 -36.47 -27.20
N LEU A 428 -16.04 -35.32 -26.91
CA LEU A 428 -16.79 -34.16 -26.46
C LEU A 428 -16.85 -33.17 -27.61
N PRO A 429 -17.74 -32.15 -27.52
CA PRO A 429 -17.84 -31.16 -28.60
C PRO A 429 -16.41 -30.68 -28.93
N PRO A 430 -15.92 -31.00 -30.14
CA PRO A 430 -14.56 -30.63 -30.60
C PRO A 430 -14.04 -29.23 -30.32
N ILE A 431 -12.72 -29.16 -30.21
CA ILE A 431 -12.00 -27.92 -29.99
C ILE A 431 -11.23 -27.74 -31.28
N THR A 432 -11.63 -26.79 -32.11
CA THR A 432 -10.96 -26.59 -33.39
C THR A 432 -9.66 -25.83 -33.26
N ASP A 433 -8.79 -26.03 -34.25
CA ASP A 433 -7.50 -25.36 -34.27
C ASP A 433 -7.62 -23.84 -34.15
N GLU A 434 -8.75 -23.29 -34.60
CA GLU A 434 -8.97 -21.86 -34.51
C GLU A 434 -9.03 -21.51 -33.03
N GLU A 435 -9.84 -22.26 -32.30
CA GLU A 435 -10.01 -22.05 -30.86
C GLU A 435 -8.69 -22.18 -30.15
N VAL A 436 -7.90 -23.18 -30.53
CA VAL A 436 -6.60 -23.39 -29.92
C VAL A 436 -5.70 -22.16 -30.09
N GLU A 437 -5.51 -21.73 -31.34
CA GLU A 437 -4.67 -20.56 -31.59
C GLU A 437 -5.26 -19.31 -30.92
N ALA A 438 -6.58 -19.17 -30.97
CA ALA A 438 -7.23 -18.02 -30.35
C ALA A 438 -6.87 -17.97 -28.88
N ALA A 439 -7.02 -19.10 -28.21
CA ALA A 439 -6.73 -19.22 -26.79
C ALA A 439 -5.25 -18.97 -26.50
N THR A 440 -4.40 -19.26 -27.47
CA THR A 440 -2.97 -19.08 -27.28
C THR A 440 -2.57 -17.61 -27.16
N TYR A 441 -3.29 -16.73 -27.83
CA TYR A 441 -2.98 -15.30 -27.83
C TYR A 441 -4.03 -14.40 -27.21
N ALA A 442 -5.05 -14.99 -26.59
CA ALA A 442 -6.12 -14.18 -26.01
C ALA A 442 -5.71 -13.47 -24.72
N HIS A 443 -6.52 -12.48 -24.35
CA HIS A 443 -6.30 -11.73 -23.12
C HIS A 443 -7.57 -12.01 -22.31
N GLY A 444 -8.63 -12.41 -23.02
CA GLY A 444 -9.90 -12.71 -22.39
C GLY A 444 -10.86 -13.30 -23.41
N SER A 445 -12.06 -13.67 -22.96
CA SER A 445 -13.08 -14.25 -23.84
C SER A 445 -13.40 -13.43 -25.09
N LYS A 446 -13.24 -12.11 -24.99
CA LYS A 446 -13.49 -11.24 -26.13
C LYS A 446 -12.66 -11.68 -27.32
N ASP A 447 -11.54 -12.34 -27.05
CA ASP A 447 -10.65 -12.81 -28.10
C ASP A 447 -10.92 -14.24 -28.51
N MET A 448 -11.93 -14.86 -27.89
CA MET A 448 -12.25 -16.25 -28.18
C MET A 448 -13.47 -16.48 -29.07
N PRO A 449 -13.38 -17.45 -30.00
CA PRO A 449 -14.47 -17.79 -30.92
C PRO A 449 -15.67 -18.28 -30.11
N GLU A 450 -16.87 -17.87 -30.50
CA GLU A 450 -18.09 -18.26 -29.79
C GLU A 450 -18.29 -19.77 -29.87
N ARG A 451 -18.62 -20.41 -28.74
CA ARG A 451 -18.85 -21.84 -28.74
C ARG A 451 -20.32 -22.20 -28.63
N ASN A 452 -20.64 -23.46 -28.93
CA ASN A 452 -22.02 -23.96 -28.86
C ASN A 452 -22.31 -24.31 -27.40
N ILE A 453 -22.70 -23.32 -26.63
CA ILE A 453 -22.97 -23.52 -25.21
C ILE A 453 -24.00 -24.63 -24.97
N VAL A 454 -25.07 -24.65 -25.74
CA VAL A 454 -26.09 -25.69 -25.58
C VAL A 454 -25.50 -27.09 -25.76
N GLU A 455 -24.57 -27.25 -26.70
CA GLU A 455 -23.94 -28.55 -26.92
C GLU A 455 -22.99 -28.94 -25.77
N ASP A 456 -22.14 -28.00 -25.36
CA ASP A 456 -21.21 -28.26 -24.28
C ASP A 456 -21.98 -28.58 -23.01
N ILE A 457 -22.98 -27.75 -22.70
CA ILE A 457 -23.80 -27.95 -21.52
C ILE A 457 -24.30 -29.39 -21.43
N LYS A 458 -24.66 -29.96 -22.59
CA LYS A 458 -25.16 -31.33 -22.68
C LYS A 458 -24.08 -32.30 -22.23
N PHE A 459 -23.00 -32.36 -23.01
CA PHE A 459 -21.88 -33.26 -22.70
C PHE A 459 -21.28 -33.01 -21.31
N ALA A 460 -21.44 -31.80 -20.79
CA ALA A 460 -20.92 -31.48 -19.47
C ALA A 460 -21.72 -32.27 -18.45
N GLN A 461 -23.05 -32.22 -18.57
CA GLN A 461 -23.94 -32.94 -17.67
C GLN A 461 -23.76 -34.45 -17.80
N GLU A 462 -23.48 -34.90 -19.02
CA GLU A 462 -23.28 -36.31 -19.27
C GLU A 462 -22.11 -36.87 -18.46
N ILE A 463 -21.04 -36.09 -18.37
CA ILE A 463 -19.88 -36.53 -17.60
C ILE A 463 -20.32 -36.84 -16.18
N ILE A 464 -21.26 -36.04 -15.66
CA ILE A 464 -21.77 -36.23 -14.32
C ILE A 464 -22.73 -37.41 -14.25
N ASN A 465 -23.79 -37.32 -15.06
CA ASN A 465 -24.84 -38.34 -15.12
C ASN A 465 -24.33 -39.75 -15.45
N LYS A 466 -23.27 -39.84 -16.24
CA LYS A 466 -22.72 -41.16 -16.59
C LYS A 466 -21.44 -41.43 -15.81
N ASN A 467 -21.23 -40.68 -14.73
CA ASN A 467 -20.05 -40.80 -13.86
C ASN A 467 -18.74 -40.99 -14.60
N ARG A 468 -18.47 -40.14 -15.59
CA ARG A 468 -17.24 -40.21 -16.36
C ARG A 468 -16.13 -39.60 -15.51
N ASN A 469 -15.18 -40.42 -15.06
CA ASN A 469 -14.12 -39.94 -14.19
C ASN A 469 -12.83 -39.48 -14.87
N GLY A 470 -11.93 -38.95 -14.05
CA GLY A 470 -10.66 -38.43 -14.53
C GLY A 470 -9.74 -39.38 -15.24
N LEU A 471 -10.01 -40.68 -15.17
CA LEU A 471 -9.17 -41.64 -15.86
C LEU A 471 -9.36 -41.48 -17.36
N GLU A 472 -10.58 -41.15 -17.77
CA GLU A 472 -10.89 -40.94 -19.18
C GLU A 472 -10.04 -39.80 -19.70
N VAL A 473 -9.78 -38.82 -18.83
CA VAL A 473 -8.98 -37.66 -19.18
C VAL A 473 -7.49 -38.05 -19.32
N VAL A 474 -7.03 -38.90 -18.41
CA VAL A 474 -5.64 -39.35 -18.42
C VAL A 474 -5.35 -40.17 -19.68
N LYS A 475 -6.31 -41.00 -20.08
CA LYS A 475 -6.12 -41.83 -21.27
C LYS A 475 -6.20 -41.00 -22.54
N ALA A 476 -7.18 -40.11 -22.62
CA ALA A 476 -7.34 -39.24 -23.78
C ALA A 476 -6.03 -38.51 -24.01
N LEU A 477 -5.42 -38.03 -22.93
CA LEU A 477 -4.15 -37.31 -23.03
C LEU A 477 -3.04 -38.21 -23.54
N ALA A 478 -2.98 -39.42 -22.99
CA ALA A 478 -1.95 -40.38 -23.37
C ALA A 478 -2.05 -40.76 -24.85
N GLN A 479 -3.25 -41.08 -25.31
CA GLN A 479 -3.44 -41.47 -26.70
C GLN A 479 -3.39 -40.27 -27.62
N GLY A 480 -3.51 -39.08 -27.04
CA GLY A 480 -3.46 -37.85 -27.83
C GLY A 480 -2.04 -37.36 -28.01
N GLY A 481 -1.08 -38.15 -27.53
CA GLY A 481 0.32 -37.76 -27.66
C GLY A 481 0.80 -36.82 -26.57
N PHE A 482 0.16 -36.89 -25.40
CA PHE A 482 0.55 -36.06 -24.27
C PHE A 482 0.84 -36.97 -23.09
N THR A 483 1.78 -37.87 -23.30
CA THR A 483 2.20 -38.83 -22.29
C THR A 483 2.60 -38.10 -21.00
N ASP A 484 3.43 -37.07 -21.15
CA ASP A 484 3.90 -36.29 -20.01
C ASP A 484 2.77 -35.72 -19.16
N VAL A 485 1.81 -35.05 -19.81
CA VAL A 485 0.67 -34.46 -19.12
C VAL A 485 -0.21 -35.53 -18.42
N ALA A 486 -0.31 -36.70 -19.05
CA ALA A 486 -1.09 -37.80 -18.50
C ALA A 486 -0.42 -38.31 -17.23
N GLN A 487 0.90 -38.44 -17.30
CA GLN A 487 1.69 -38.89 -16.16
C GLN A 487 1.49 -37.89 -15.03
N ASP A 488 1.62 -36.60 -15.36
CA ASP A 488 1.45 -35.54 -14.38
C ASP A 488 0.09 -35.64 -13.70
N MET A 489 -0.94 -35.86 -14.50
CA MET A 489 -2.30 -36.01 -13.98
C MET A 489 -2.32 -37.21 -13.04
N LEU A 490 -1.55 -38.22 -13.39
CA LEU A 490 -1.48 -39.45 -12.62
C LEU A 490 -0.78 -39.17 -11.28
N ASN A 491 0.32 -38.43 -11.34
CA ASN A 491 1.08 -38.10 -10.16
C ASN A 491 0.23 -37.32 -9.16
N ILE A 492 -0.58 -36.40 -9.67
CA ILE A 492 -1.43 -35.62 -8.79
C ILE A 492 -2.42 -36.58 -8.11
N GLN A 493 -2.85 -37.60 -8.86
CA GLN A 493 -3.79 -38.58 -8.32
C GLN A 493 -3.10 -39.43 -7.26
N LYS A 494 -1.81 -39.67 -7.42
CA LYS A 494 -1.05 -40.45 -6.45
C LYS A 494 -0.93 -39.70 -5.13
N ALA A 495 -0.92 -38.37 -5.19
CA ALA A 495 -0.83 -37.52 -4.00
C ALA A 495 -2.04 -37.77 -3.09
N LYS A 496 -3.20 -37.97 -3.70
CA LYS A 496 -4.42 -38.24 -2.96
C LYS A 496 -4.33 -39.57 -2.21
N LEU A 497 -3.55 -40.49 -2.76
CA LEU A 497 -3.39 -41.81 -2.14
C LEU A 497 -2.51 -41.76 -0.89
N THR A 498 -1.50 -40.91 -0.89
CA THR A 498 -0.56 -40.80 0.23
C THR A 498 -1.06 -39.95 1.41
N GLY A 499 -1.94 -39.00 1.13
CA GLY A 499 -2.45 -38.15 2.20
C GLY A 499 -1.51 -37.08 2.74
N ASP A 500 -0.30 -36.97 2.19
CA ASP A 500 0.62 -35.98 2.71
C ASP A 500 0.10 -34.56 2.52
N TYR A 501 -0.49 -34.30 1.36
CA TYR A 501 -0.97 -32.97 1.06
C TYR A 501 -2.27 -32.58 1.75
N LEU A 502 -2.72 -33.42 2.67
CA LEU A 502 -3.95 -33.12 3.41
C LEU A 502 -3.62 -32.31 4.65
N HIS A 503 -2.33 -32.15 4.92
CA HIS A 503 -1.86 -31.41 6.08
C HIS A 503 -1.83 -29.90 5.87
N THR A 504 -1.98 -29.19 6.98
CA THR A 504 -1.98 -27.73 7.03
C THR A 504 -1.07 -27.05 6.02
N SER A 505 -1.68 -26.20 5.20
CA SER A 505 -0.97 -25.40 4.20
C SER A 505 -0.31 -26.11 3.04
N ALA A 506 -0.45 -27.42 2.98
CA ALA A 506 0.17 -28.21 1.91
C ALA A 506 -0.09 -27.75 0.49
N ILE A 507 0.96 -27.76 -0.32
CA ILE A 507 0.89 -27.47 -1.75
C ILE A 507 1.94 -28.42 -2.32
N ILE A 508 1.99 -28.60 -3.63
CA ILE A 508 2.99 -29.49 -4.22
C ILE A 508 3.91 -28.71 -5.15
N VAL A 509 5.20 -28.71 -4.82
CA VAL A 509 6.17 -27.98 -5.61
C VAL A 509 7.25 -28.89 -6.17
N GLY A 510 8.14 -28.30 -6.96
CA GLY A 510 9.22 -29.07 -7.55
C GLY A 510 8.69 -30.33 -8.19
N ASP A 511 9.39 -31.44 -7.94
CA ASP A 511 8.97 -32.70 -8.52
C ASP A 511 8.03 -33.49 -7.61
N GLY A 512 6.78 -33.05 -7.55
CA GLY A 512 5.80 -33.73 -6.72
C GLY A 512 6.15 -33.74 -5.26
N GLN A 513 6.72 -32.63 -4.78
CA GLN A 513 7.11 -32.52 -3.39
C GLN A 513 6.12 -31.70 -2.60
N VAL A 514 5.48 -32.34 -1.62
CA VAL A 514 4.54 -31.63 -0.78
C VAL A 514 5.29 -30.63 0.09
N LEU A 515 4.71 -29.45 0.23
CA LEU A 515 5.32 -28.39 1.04
C LEU A 515 4.23 -27.92 2.00
N SER A 516 4.26 -28.37 3.24
CA SER A 516 3.24 -27.96 4.20
C SER A 516 3.85 -27.37 5.45
N ALA A 517 2.99 -27.11 6.44
CA ALA A 517 3.42 -26.54 7.70
C ALA A 517 4.13 -27.59 8.54
N VAL A 518 4.03 -28.84 8.12
CA VAL A 518 4.66 -29.95 8.83
C VAL A 518 6.15 -30.07 8.48
N ASN A 519 6.48 -30.03 7.19
CA ASN A 519 7.87 -30.14 6.78
C ASN A 519 8.47 -28.79 6.39
N ASP A 520 7.67 -27.72 6.49
CA ASP A 520 8.15 -26.38 6.18
C ASP A 520 7.63 -25.47 7.29
N VAL A 521 7.98 -25.82 8.52
CA VAL A 521 7.55 -25.08 9.69
C VAL A 521 8.08 -23.65 9.71
N ASN A 522 7.20 -22.70 9.91
CA ASN A 522 7.61 -21.30 9.96
C ASN A 522 8.37 -21.13 11.26
N ASP A 523 9.60 -20.63 11.16
CA ASP A 523 10.47 -20.46 12.33
C ASP A 523 10.93 -19.01 12.57
N TYR A 524 10.02 -18.07 12.33
CA TYR A 524 10.35 -16.66 12.49
C TYR A 524 10.83 -16.33 13.90
N ALA A 525 11.97 -15.63 13.97
CA ALA A 525 12.56 -15.24 15.24
C ALA A 525 13.23 -13.87 15.09
N GLY A 526 12.57 -12.96 14.39
CA GLY A 526 13.12 -11.64 14.19
C GLY A 526 13.99 -11.54 12.95
N PRO A 527 14.64 -10.38 12.71
CA PRO A 527 15.52 -10.16 11.56
C PRO A 527 16.55 -11.26 11.35
N ALA A 528 16.83 -11.53 10.07
CA ALA A 528 17.81 -12.54 9.66
C ALA A 528 17.42 -13.96 10.05
N THR A 529 16.13 -14.20 10.29
CA THR A 529 15.64 -15.52 10.65
C THR A 529 14.29 -15.68 9.94
N GLY A 530 13.83 -16.93 9.85
CA GLY A 530 12.57 -17.20 9.18
C GLY A 530 12.74 -17.06 7.68
N TYR A 531 11.62 -17.02 6.94
CA TYR A 531 11.71 -16.91 5.50
C TYR A 531 12.31 -15.58 5.09
N ARG A 532 13.17 -15.62 4.08
CA ARG A 532 13.80 -14.41 3.58
C ARG A 532 13.94 -14.56 2.08
N LEU A 533 13.54 -13.53 1.35
CA LEU A 533 13.65 -13.56 -0.10
C LEU A 533 15.13 -13.44 -0.38
N GLN A 534 15.68 -14.35 -1.18
CA GLN A 534 17.09 -14.34 -1.50
C GLN A 534 17.42 -15.35 -2.58
N GLY A 535 18.72 -15.57 -2.77
CA GLY A 535 19.17 -16.53 -3.76
C GLY A 535 18.59 -16.36 -5.14
N GLU A 536 18.36 -17.48 -5.82
CA GLU A 536 17.81 -17.49 -7.17
C GLU A 536 16.41 -16.91 -7.24
N ARG A 537 15.62 -17.11 -6.17
CA ARG A 537 14.26 -16.59 -6.12
C ARG A 537 14.31 -15.06 -6.22
N TRP A 538 15.20 -14.44 -5.46
CA TRP A 538 15.38 -12.98 -5.49
C TRP A 538 15.79 -12.57 -6.90
N GLU A 539 16.70 -13.33 -7.51
CA GLU A 539 17.18 -13.03 -8.86
C GLU A 539 16.01 -13.08 -9.84
N GLU A 540 15.12 -14.02 -9.59
CA GLU A 540 13.96 -14.21 -10.43
C GLU A 540 13.01 -13.02 -10.27
N ILE A 541 12.87 -12.56 -9.03
CA ILE A 541 12.02 -11.44 -8.72
C ILE A 541 12.60 -10.14 -9.27
N LYS A 542 13.93 -10.04 -9.27
CA LYS A 542 14.60 -8.82 -9.76
C LYS A 542 14.50 -8.59 -11.25
N ASN A 543 14.62 -9.65 -12.03
CA ASN A 543 14.58 -9.55 -13.49
C ASN A 543 13.21 -9.26 -14.08
N ILE A 544 12.69 -8.06 -13.90
CA ILE A 544 11.40 -7.75 -14.50
C ILE A 544 11.65 -7.05 -15.84
N PRO A 545 10.64 -7.03 -16.72
CA PRO A 545 10.77 -6.41 -18.03
C PRO A 545 11.03 -4.90 -17.94
N GLY A 546 11.90 -4.40 -18.81
CA GLY A 546 12.19 -2.97 -18.81
C GLY A 546 13.46 -2.61 -18.08
N ALA A 547 14.02 -3.56 -17.33
CA ALA A 547 15.25 -3.32 -16.61
C ALA A 547 16.36 -3.26 -17.64
N LEU A 548 16.88 -2.06 -17.85
CA LEU A 548 17.96 -1.83 -18.82
C LEU A 548 19.31 -1.82 -18.11
N ASP A 549 20.36 -2.20 -18.82
CA ASP A 549 21.69 -2.20 -18.23
C ASP A 549 22.42 -0.93 -18.67
N PRO A 550 22.76 -0.06 -17.70
CA PRO A 550 23.46 1.22 -17.91
C PRO A 550 24.72 1.19 -18.77
N ASN A 551 25.45 0.08 -18.74
CA ASN A 551 26.68 -0.05 -19.53
C ASN A 551 26.48 0.09 -21.04
N GLY B 46 -50.11 -0.43 -4.27
CA GLY B 46 -50.54 -1.75 -3.73
C GLY B 46 -51.11 -2.63 -4.83
N PHE B 47 -50.24 -3.11 -5.71
CA PHE B 47 -50.67 -3.96 -6.81
C PHE B 47 -50.75 -5.44 -6.44
N LEU B 48 -50.40 -5.77 -5.20
CA LEU B 48 -50.45 -7.17 -4.77
C LEU B 48 -51.42 -7.41 -3.62
N THR B 49 -52.25 -8.44 -3.78
CA THR B 49 -53.25 -8.80 -2.77
C THR B 49 -53.14 -10.28 -2.42
N GLU B 50 -52.95 -10.57 -1.15
CA GLU B 50 -52.82 -11.95 -0.70
C GLU B 50 -54.17 -12.67 -0.62
N VAL B 51 -54.29 -13.76 -1.37
CA VAL B 51 -55.54 -14.51 -1.40
C VAL B 51 -55.44 -15.96 -0.91
N GLY B 52 -55.12 -16.13 0.37
CA GLY B 52 -55.02 -17.45 0.95
C GLY B 52 -53.84 -18.32 0.55
N GLU B 53 -53.49 -19.25 1.43
CA GLU B 53 -52.37 -20.16 1.23
C GLU B 53 -52.33 -20.73 -0.17
N ALA B 54 -51.19 -20.57 -0.85
CA ALA B 54 -51.02 -21.08 -2.21
C ALA B 54 -51.07 -22.60 -2.21
N ARG B 55 -51.78 -23.16 -3.19
CA ARG B 55 -51.94 -24.60 -3.31
C ARG B 55 -51.08 -25.16 -4.44
N GLN B 56 -50.78 -26.46 -4.41
CA GLN B 56 -49.96 -27.03 -5.45
C GLN B 56 -50.65 -26.98 -6.82
N GLY B 57 -49.85 -26.77 -7.85
CA GLY B 57 -50.37 -26.67 -9.19
C GLY B 57 -50.81 -28.00 -9.77
N THR B 58 -51.94 -28.01 -10.48
CA THR B 58 -52.41 -29.26 -11.05
C THR B 58 -52.02 -29.51 -12.51
N GLN B 59 -51.70 -28.45 -13.26
CA GLN B 59 -51.29 -28.67 -14.65
C GLN B 59 -49.89 -28.11 -14.88
N GLN B 60 -49.14 -28.78 -15.76
CA GLN B 60 -47.75 -28.41 -16.06
C GLN B 60 -47.58 -27.17 -16.94
N ASP B 61 -48.64 -26.41 -17.15
CA ASP B 61 -48.52 -25.24 -18.00
C ASP B 61 -48.41 -23.90 -17.25
N GLU B 62 -47.86 -23.96 -16.04
CA GLU B 62 -47.68 -22.74 -15.24
C GLU B 62 -46.27 -22.63 -14.68
N VAL B 63 -45.90 -21.41 -14.33
CA VAL B 63 -44.60 -21.14 -13.73
C VAL B 63 -44.91 -20.22 -12.57
N ILE B 64 -44.41 -20.57 -11.38
CA ILE B 64 -44.68 -19.75 -10.21
C ILE B 64 -43.60 -18.71 -9.98
N ILE B 65 -44.03 -17.50 -9.66
CA ILE B 65 -43.10 -16.44 -9.37
C ILE B 65 -43.21 -16.26 -7.86
N ALA B 66 -42.12 -16.59 -7.16
CA ALA B 66 -42.08 -16.46 -5.70
C ALA B 66 -41.28 -15.19 -5.37
N VAL B 67 -41.91 -14.29 -4.62
CA VAL B 67 -41.29 -13.03 -4.23
C VAL B 67 -41.13 -12.93 -2.72
N GLY B 68 -40.11 -12.18 -2.29
CA GLY B 68 -39.86 -12.00 -0.87
C GLY B 68 -41.01 -11.40 -0.09
N PRO B 69 -41.02 -11.57 1.24
CA PRO B 69 -42.08 -11.06 2.12
C PRO B 69 -42.32 -9.55 2.12
N ALA B 70 -41.39 -8.79 1.54
CA ALA B 70 -41.55 -7.34 1.51
C ALA B 70 -41.74 -6.84 0.10
N PHE B 71 -41.72 -7.75 -0.86
CA PHE B 71 -41.87 -7.39 -2.27
C PHE B 71 -43.23 -6.78 -2.55
N GLY B 72 -43.22 -5.53 -3.00
CA GLY B 72 -44.46 -4.85 -3.31
C GLY B 72 -45.08 -4.25 -2.06
N LEU B 73 -44.47 -4.52 -0.90
CA LEU B 73 -44.96 -4.00 0.36
C LEU B 73 -43.99 -2.99 0.94
N ALA B 74 -43.29 -3.37 2.00
CA ALA B 74 -42.33 -2.49 2.65
C ALA B 74 -41.38 -1.88 1.63
N GLN B 75 -41.06 -2.64 0.58
CA GLN B 75 -40.18 -2.13 -0.48
C GLN B 75 -40.99 -2.19 -1.77
N THR B 76 -40.80 -1.20 -2.64
CA THR B 76 -41.58 -1.16 -3.87
C THR B 76 -40.73 -1.06 -5.13
N VAL B 77 -39.42 -0.91 -4.96
CA VAL B 77 -38.51 -0.81 -6.10
C VAL B 77 -37.29 -1.66 -5.79
N ASN B 78 -36.58 -2.10 -6.81
CA ASN B 78 -35.40 -2.92 -6.58
C ASN B 78 -34.20 -2.04 -6.21
N ILE B 79 -33.03 -2.67 -6.08
CA ILE B 79 -31.83 -1.96 -5.69
C ILE B 79 -31.48 -0.72 -6.52
N VAL B 80 -31.80 -0.72 -7.81
CA VAL B 80 -31.50 0.43 -8.66
C VAL B 80 -32.72 1.24 -9.07
N GLY B 81 -33.75 1.23 -8.24
CA GLY B 81 -34.94 2.02 -8.52
C GLY B 81 -36.08 1.47 -9.38
N ILE B 82 -35.89 0.36 -10.08
CA ILE B 82 -36.97 -0.17 -10.92
C ILE B 82 -38.13 -0.62 -10.06
N PRO B 83 -39.34 -0.08 -10.32
CA PRO B 83 -40.52 -0.47 -9.54
C PRO B 83 -40.83 -1.95 -9.62
N HIS B 84 -41.18 -2.52 -8.47
CA HIS B 84 -41.53 -3.93 -8.38
C HIS B 84 -42.62 -4.26 -9.39
N LYS B 85 -43.62 -3.38 -9.46
CA LYS B 85 -44.75 -3.55 -10.35
C LYS B 85 -44.31 -3.74 -11.80
N SER B 86 -43.36 -2.92 -12.24
CA SER B 86 -42.86 -3.03 -13.61
C SER B 86 -42.12 -4.34 -13.81
N ILE B 87 -41.37 -4.74 -12.78
CA ILE B 87 -40.60 -5.98 -12.84
C ILE B 87 -41.52 -7.19 -12.95
N LEU B 88 -42.48 -7.30 -12.04
CA LEU B 88 -43.39 -8.43 -12.06
C LEU B 88 -44.14 -8.45 -13.40
N ARG B 89 -44.68 -7.31 -13.78
CA ARG B 89 -45.42 -7.20 -15.05
C ARG B 89 -44.62 -7.79 -16.19
N GLU B 90 -43.35 -7.40 -16.29
CA GLU B 90 -42.48 -7.88 -17.34
C GLU B 90 -42.16 -9.36 -17.25
N VAL B 91 -42.03 -9.87 -16.03
CA VAL B 91 -41.75 -11.29 -15.81
C VAL B 91 -42.99 -12.08 -16.24
N ILE B 92 -44.15 -11.61 -15.80
CA ILE B 92 -45.44 -12.21 -16.13
C ILE B 92 -45.54 -12.26 -17.66
N ALA B 93 -45.31 -11.10 -18.27
CA ALA B 93 -45.37 -10.96 -19.73
C ALA B 93 -44.49 -12.00 -20.41
N GLY B 94 -43.22 -12.09 -19.99
CA GLY B 94 -42.31 -13.05 -20.59
C GLY B 94 -42.78 -14.48 -20.49
N ILE B 95 -43.49 -14.80 -19.41
CA ILE B 95 -43.99 -16.16 -19.19
C ILE B 95 -45.14 -16.47 -20.14
N GLU B 96 -46.20 -15.66 -20.07
CA GLU B 96 -47.37 -15.82 -20.92
C GLU B 96 -47.00 -15.74 -22.39
N GLU B 97 -46.04 -14.87 -22.68
CA GLU B 97 -45.56 -14.68 -24.04
C GLU B 97 -45.13 -16.01 -24.63
N GLU B 98 -44.92 -17.00 -23.77
CA GLU B 98 -44.49 -18.32 -24.21
C GLU B 98 -45.63 -19.34 -24.18
N GLY B 99 -46.82 -18.87 -23.81
CA GLY B 99 -47.98 -19.73 -23.76
C GLY B 99 -48.18 -20.42 -22.42
N ILE B 100 -47.43 -19.99 -21.41
CA ILE B 100 -47.54 -20.59 -20.08
C ILE B 100 -48.23 -19.62 -19.11
N LYS B 101 -48.92 -20.17 -18.13
CA LYS B 101 -49.62 -19.36 -17.13
C LYS B 101 -48.61 -18.94 -16.07
N ALA B 102 -48.87 -17.82 -15.42
CA ALA B 102 -47.99 -17.33 -14.37
C ALA B 102 -48.78 -17.19 -13.08
N ARG B 103 -48.26 -17.75 -12.00
CA ARG B 103 -48.92 -17.67 -10.71
C ARG B 103 -47.95 -17.08 -9.67
N VAL B 104 -48.34 -15.94 -9.09
CA VAL B 104 -47.51 -15.25 -8.12
C VAL B 104 -47.86 -15.53 -6.66
N ILE B 105 -46.84 -15.86 -5.87
CA ILE B 105 -47.00 -16.13 -4.45
C ILE B 105 -45.94 -15.38 -3.63
N ARG B 106 -46.22 -15.18 -2.33
CA ARG B 106 -45.29 -14.51 -1.44
C ARG B 106 -44.82 -15.52 -0.41
N CYS B 107 -43.51 -15.66 -0.26
CA CYS B 107 -42.95 -16.61 0.71
C CYS B 107 -42.53 -15.87 1.98
N PHE B 108 -42.60 -16.57 3.12
CA PHE B 108 -42.26 -15.95 4.40
C PHE B 108 -41.28 -16.76 5.22
N LYS B 109 -41.21 -18.07 4.97
CA LYS B 109 -40.32 -18.93 5.73
C LYS B 109 -38.85 -18.50 5.71
N SER B 110 -38.43 -17.84 4.63
CA SER B 110 -37.06 -17.38 4.51
C SER B 110 -36.97 -16.27 3.48
N SER B 111 -36.13 -15.27 3.73
CA SER B 111 -35.96 -14.16 2.80
C SER B 111 -34.89 -14.49 1.77
N ASP B 112 -34.15 -15.57 1.99
CA ASP B 112 -33.11 -15.99 1.07
C ASP B 112 -33.77 -16.33 -0.26
N VAL B 113 -33.26 -15.75 -1.34
CA VAL B 113 -33.86 -15.97 -2.64
C VAL B 113 -33.94 -17.42 -3.10
N ALA B 114 -32.95 -18.23 -2.73
CA ALA B 114 -32.95 -19.63 -3.13
C ALA B 114 -34.13 -20.36 -2.49
N PHE B 115 -34.29 -20.19 -1.19
CA PHE B 115 -35.39 -20.85 -0.50
C PHE B 115 -36.74 -20.32 -0.93
N VAL B 116 -36.80 -19.03 -1.25
CA VAL B 116 -38.05 -18.42 -1.71
C VAL B 116 -38.46 -19.14 -2.99
N ALA B 117 -37.49 -19.36 -3.87
CA ALA B 117 -37.74 -20.05 -5.15
C ALA B 117 -38.14 -21.50 -4.93
N VAL B 118 -37.48 -22.17 -3.97
CA VAL B 118 -37.80 -23.56 -3.67
C VAL B 118 -39.23 -23.66 -3.13
N GLU B 119 -39.60 -22.79 -2.18
CA GLU B 119 -40.95 -22.82 -1.65
C GLU B 119 -41.90 -22.76 -2.83
N GLY B 120 -41.47 -22.03 -3.86
CA GLY B 120 -42.29 -21.89 -5.04
C GLY B 120 -42.30 -23.08 -5.97
N ASN B 121 -41.15 -23.68 -6.24
CA ASN B 121 -41.12 -24.81 -7.16
C ASN B 121 -41.85 -26.03 -6.62
N ARG B 122 -42.17 -26.00 -5.33
CA ARG B 122 -42.89 -27.11 -4.68
C ARG B 122 -44.36 -27.07 -5.07
N LEU B 123 -44.86 -25.85 -5.28
CA LEU B 123 -46.25 -25.63 -5.62
C LEU B 123 -46.48 -25.49 -7.13
N SER B 124 -45.40 -25.40 -7.89
CA SER B 124 -45.46 -25.22 -9.34
C SER B 124 -45.86 -26.49 -10.10
N GLY B 125 -46.94 -26.37 -10.86
CA GLY B 125 -47.42 -27.50 -11.64
C GLY B 125 -46.39 -27.98 -12.65
N SER B 126 -45.45 -27.10 -13.01
CA SER B 126 -44.41 -27.47 -13.97
C SER B 126 -43.11 -27.82 -13.25
N GLY B 127 -43.03 -27.43 -11.99
CA GLY B 127 -41.83 -27.71 -11.22
C GLY B 127 -40.81 -26.59 -11.35
N ILE B 128 -41.12 -25.63 -12.22
CA ILE B 128 -40.24 -24.49 -12.45
C ILE B 128 -40.81 -23.26 -11.75
N SER B 129 -39.93 -22.50 -11.11
CA SER B 129 -40.37 -21.28 -10.43
C SER B 129 -39.32 -20.17 -10.59
N ILE B 130 -39.69 -18.97 -10.17
CA ILE B 130 -38.80 -17.82 -10.25
C ILE B 130 -38.80 -17.08 -8.92
N GLY B 131 -37.64 -17.04 -8.28
CA GLY B 131 -37.52 -16.35 -7.01
C GLY B 131 -37.02 -14.94 -7.26
N ILE B 132 -37.54 -13.97 -6.50
CA ILE B 132 -37.14 -12.58 -6.65
C ILE B 132 -37.21 -11.89 -5.29
N GLN B 133 -36.10 -11.27 -4.90
CA GLN B 133 -36.04 -10.54 -3.64
C GLN B 133 -36.43 -9.11 -3.94
N SER B 134 -36.93 -8.40 -2.93
CA SER B 134 -37.32 -7.01 -3.15
C SER B 134 -36.20 -6.23 -3.83
N LYS B 135 -34.95 -6.45 -3.38
CA LYS B 135 -33.83 -5.74 -3.98
C LYS B 135 -33.55 -6.13 -5.44
N GLY B 136 -34.25 -7.15 -5.94
CA GLY B 136 -34.07 -7.51 -7.33
C GLY B 136 -33.47 -8.85 -7.71
N THR B 137 -32.58 -9.37 -6.88
CA THR B 137 -31.94 -10.65 -7.16
C THR B 137 -32.96 -11.69 -7.61
N THR B 138 -32.63 -12.42 -8.67
CA THR B 138 -33.55 -13.39 -9.23
C THR B 138 -32.91 -14.73 -9.57
N VAL B 139 -33.71 -15.80 -9.50
CA VAL B 139 -33.24 -17.15 -9.83
C VAL B 139 -34.32 -18.04 -10.46
N ILE B 140 -33.90 -18.90 -11.38
CA ILE B 140 -34.80 -19.84 -12.04
C ILE B 140 -34.54 -21.19 -11.37
N HIS B 141 -35.48 -21.67 -10.56
CA HIS B 141 -35.29 -22.94 -9.88
C HIS B 141 -36.08 -24.07 -10.52
N GLN B 142 -35.72 -25.30 -10.16
CA GLN B 142 -36.35 -26.50 -10.68
C GLN B 142 -36.57 -27.49 -9.53
N GLN B 143 -37.82 -27.80 -9.25
CA GLN B 143 -38.20 -28.75 -8.21
C GLN B 143 -37.31 -29.97 -8.36
N GLY B 144 -36.68 -30.41 -7.28
CA GLY B 144 -35.82 -31.58 -7.36
C GLY B 144 -34.35 -31.22 -7.22
N LEU B 145 -34.02 -29.97 -7.50
CA LEU B 145 -32.63 -29.51 -7.40
C LEU B 145 -32.34 -29.08 -5.98
N PRO B 146 -31.06 -29.13 -5.57
CA PRO B 146 -30.72 -28.72 -4.20
C PRO B 146 -31.08 -27.25 -4.07
N PRO B 147 -31.46 -26.81 -2.85
CA PRO B 147 -31.83 -25.42 -2.63
C PRO B 147 -30.90 -24.39 -3.27
N LEU B 148 -29.60 -24.53 -3.01
CA LEU B 148 -28.63 -23.60 -3.52
C LEU B 148 -28.12 -23.89 -4.92
N SER B 149 -28.92 -24.66 -5.65
CA SER B 149 -28.60 -25.00 -7.03
C SER B 149 -29.71 -24.32 -7.85
N ASN B 150 -29.59 -24.33 -9.17
CA ASN B 150 -30.61 -23.70 -10.00
C ASN B 150 -30.39 -23.99 -11.49
N LEU B 151 -31.27 -23.45 -12.32
CA LEU B 151 -31.14 -23.61 -13.77
C LEU B 151 -30.41 -22.38 -14.27
N GLU B 152 -30.78 -21.23 -13.73
CA GLU B 152 -30.18 -19.97 -14.10
C GLU B 152 -30.21 -19.04 -12.90
N LEU B 153 -29.16 -18.25 -12.71
CA LEU B 153 -29.08 -17.32 -11.59
C LEU B 153 -28.64 -15.96 -12.07
N PHE B 154 -29.17 -14.93 -11.41
CA PHE B 154 -28.86 -13.54 -11.73
C PHE B 154 -28.44 -12.88 -10.40
N PRO B 155 -27.17 -13.10 -10.02
CA PRO B 155 -26.42 -12.67 -8.85
C PRO B 155 -26.08 -11.19 -8.70
N GLN B 156 -26.36 -10.39 -9.71
CA GLN B 156 -26.06 -8.98 -9.65
C GLN B 156 -27.30 -8.17 -10.02
N ALA B 157 -28.19 -8.02 -9.03
CA ALA B 157 -29.44 -7.30 -9.19
C ALA B 157 -29.30 -5.94 -9.89
N PRO B 158 -28.29 -5.13 -9.51
CA PRO B 158 -28.10 -3.82 -10.12
C PRO B 158 -28.05 -3.82 -11.65
N LEU B 159 -27.65 -4.94 -12.24
CA LEU B 159 -27.53 -5.03 -13.70
C LEU B 159 -28.76 -5.46 -14.47
N LEU B 160 -29.78 -5.93 -13.76
CA LEU B 160 -31.00 -6.38 -14.43
C LEU B 160 -31.89 -5.24 -14.85
N THR B 161 -32.34 -5.31 -16.10
CA THR B 161 -33.23 -4.30 -16.67
C THR B 161 -34.60 -4.95 -16.85
N LEU B 162 -35.59 -4.15 -17.21
CA LEU B 162 -36.92 -4.70 -17.43
C LEU B 162 -36.94 -5.69 -18.58
N GLU B 163 -36.00 -5.55 -19.53
CA GLU B 163 -35.92 -6.48 -20.65
C GLU B 163 -35.41 -7.80 -20.11
N THR B 164 -34.45 -7.70 -19.19
CA THR B 164 -33.86 -8.89 -18.59
C THR B 164 -34.94 -9.69 -17.86
N TYR B 165 -35.79 -9.00 -17.11
CA TYR B 165 -36.86 -9.63 -16.37
C TYR B 165 -37.90 -10.29 -17.27
N ARG B 166 -37.99 -9.81 -18.50
CA ARG B 166 -38.93 -10.37 -19.46
C ARG B 166 -38.28 -11.64 -19.98
N GLN B 167 -36.97 -11.59 -20.18
CA GLN B 167 -36.20 -12.73 -20.65
C GLN B 167 -36.27 -13.84 -19.63
N ILE B 168 -36.16 -13.48 -18.36
CA ILE B 168 -36.20 -14.47 -17.29
C ILE B 168 -37.54 -15.20 -17.32
N GLY B 169 -38.63 -14.44 -17.36
CA GLY B 169 -39.94 -15.06 -17.38
C GLY B 169 -40.14 -15.95 -18.59
N LYS B 170 -39.53 -15.58 -19.70
CA LYS B 170 -39.64 -16.32 -20.94
C LYS B 170 -38.91 -17.67 -20.84
N ASN B 171 -37.68 -17.65 -20.34
CA ASN B 171 -36.91 -18.88 -20.21
C ASN B 171 -37.56 -19.83 -19.22
N ALA B 172 -38.15 -19.25 -18.18
CA ALA B 172 -38.84 -20.04 -17.15
C ALA B 172 -39.95 -20.80 -17.86
N ALA B 173 -40.78 -20.06 -18.58
CA ALA B 173 -41.90 -20.63 -19.32
C ALA B 173 -41.37 -21.67 -20.31
N ARG B 174 -40.17 -21.45 -20.82
CA ARG B 174 -39.53 -22.37 -21.77
C ARG B 174 -39.12 -23.66 -21.07
N TYR B 175 -38.66 -23.54 -19.82
CA TYR B 175 -38.25 -24.70 -19.04
C TYR B 175 -39.49 -25.48 -18.60
N ALA B 176 -40.59 -24.78 -18.40
CA ALA B 176 -41.84 -25.40 -18.01
C ALA B 176 -42.33 -26.29 -19.15
N LYS B 177 -42.03 -25.87 -20.39
CA LYS B 177 -42.40 -26.64 -21.58
C LYS B 177 -41.29 -27.66 -21.85
N ARG B 178 -40.46 -27.86 -20.85
CA ARG B 178 -39.35 -28.80 -20.92
C ARG B 178 -38.51 -28.70 -22.18
N GLU B 179 -38.14 -27.46 -22.53
CA GLU B 179 -37.27 -27.20 -23.68
C GLU B 179 -35.88 -26.91 -23.11
N SER B 180 -34.92 -26.61 -23.97
CA SER B 180 -33.57 -26.30 -23.50
C SER B 180 -33.14 -24.93 -24.02
N PRO B 181 -33.79 -23.86 -23.54
CA PRO B 181 -33.47 -22.50 -23.96
C PRO B 181 -32.04 -22.07 -23.71
N GLN B 182 -31.54 -21.20 -24.58
CA GLN B 182 -30.19 -20.69 -24.43
C GLN B 182 -30.30 -19.84 -23.15
N PRO B 183 -29.31 -19.98 -22.25
CA PRO B 183 -29.37 -19.19 -21.02
C PRO B 183 -29.34 -17.69 -21.28
N VAL B 184 -30.08 -16.94 -20.47
CA VAL B 184 -30.09 -15.48 -20.61
C VAL B 184 -28.64 -15.02 -20.44
N PRO B 185 -28.12 -14.23 -21.40
CA PRO B 185 -26.76 -13.71 -21.39
C PRO B 185 -26.21 -13.32 -20.01
N THR B 186 -25.03 -13.84 -19.67
CA THR B 186 -24.40 -13.55 -18.38
C THR B 186 -24.05 -12.07 -18.21
N LEU B 187 -24.61 -11.46 -17.17
CA LEU B 187 -24.34 -10.06 -16.86
C LEU B 187 -23.36 -10.05 -15.69
N ASN B 188 -22.23 -9.36 -15.86
CA ASN B 188 -21.23 -9.30 -14.81
C ASN B 188 -20.51 -7.96 -14.81
N ASP B 189 -20.52 -7.28 -13.67
CA ASP B 189 -19.87 -5.99 -13.52
C ASP B 189 -18.96 -6.00 -12.29
N GLN B 190 -17.65 -6.05 -12.54
CA GLN B 190 -16.65 -6.08 -11.49
C GLN B 190 -16.84 -4.99 -10.45
N MET B 191 -17.53 -3.91 -10.81
CA MET B 191 -17.75 -2.81 -9.88
C MET B 191 -19.12 -2.83 -9.24
N ALA B 192 -19.90 -3.85 -9.58
CA ALA B 192 -21.25 -4.00 -9.04
C ALA B 192 -21.22 -4.03 -7.52
N ARG B 193 -20.42 -4.93 -6.94
CA ARG B 193 -20.32 -5.04 -5.49
C ARG B 193 -19.74 -3.77 -4.87
N PRO B 194 -18.60 -3.27 -5.40
CA PRO B 194 -18.01 -2.06 -4.84
C PRO B 194 -19.02 -0.93 -4.69
N LYS B 195 -19.98 -0.87 -5.61
CA LYS B 195 -20.98 0.18 -5.58
C LYS B 195 -22.28 -0.16 -4.86
N TYR B 196 -22.69 -1.43 -4.89
CA TYR B 196 -23.96 -1.80 -4.30
C TYR B 196 -24.03 -2.87 -3.21
N GLN B 197 -22.93 -3.55 -2.91
CA GLN B 197 -23.00 -4.60 -1.89
C GLN B 197 -23.52 -4.08 -0.55
N ALA B 198 -23.00 -2.96 -0.10
CA ALA B 198 -23.45 -2.40 1.17
C ALA B 198 -24.95 -2.10 1.12
N LYS B 199 -25.42 -1.53 0.01
CA LYS B 199 -26.84 -1.24 -0.11
C LYS B 199 -27.63 -2.54 -0.14
N SER B 200 -27.13 -3.49 -0.93
CA SER B 200 -27.77 -4.79 -1.03
C SER B 200 -27.97 -5.41 0.35
N ALA B 201 -26.92 -5.43 1.15
CA ALA B 201 -26.99 -6.01 2.49
C ALA B 201 -28.07 -5.31 3.31
N ILE B 202 -28.10 -3.98 3.24
CA ILE B 202 -29.08 -3.19 4.00
C ILE B 202 -30.53 -3.47 3.58
N LEU B 203 -30.78 -3.51 2.28
CA LEU B 203 -32.13 -3.79 1.79
C LEU B 203 -32.56 -5.18 2.25
N HIS B 204 -31.64 -6.13 2.16
CA HIS B 204 -31.94 -7.50 2.57
C HIS B 204 -32.19 -7.57 4.06
N ILE B 205 -31.45 -6.78 4.83
CA ILE B 205 -31.60 -6.72 6.28
C ILE B 205 -33.03 -6.34 6.58
N LYS B 206 -33.52 -5.35 5.84
CA LYS B 206 -34.88 -4.83 6.01
C LYS B 206 -35.95 -5.81 5.58
N GLU B 207 -35.76 -6.47 4.45
CA GLU B 207 -36.75 -7.44 3.99
C GLU B 207 -36.84 -8.62 4.94
N THR B 208 -35.68 -9.07 5.44
CA THR B 208 -35.63 -10.21 6.36
C THR B 208 -36.49 -10.00 7.62
N LYS B 209 -36.80 -8.76 7.93
CA LYS B 209 -37.60 -8.48 9.11
C LYS B 209 -39.03 -8.98 8.95
N TYR B 210 -39.41 -9.28 7.70
CA TYR B 210 -40.76 -9.77 7.41
C TYR B 210 -40.82 -11.26 7.23
N VAL B 211 -39.78 -11.94 7.70
CA VAL B 211 -39.71 -13.39 7.61
C VAL B 211 -40.49 -14.01 8.77
N VAL B 212 -41.32 -14.99 8.47
CA VAL B 212 -42.11 -15.67 9.49
C VAL B 212 -41.94 -17.19 9.39
N THR B 213 -41.30 -17.77 10.41
CA THR B 213 -41.05 -19.19 10.44
C THR B 213 -42.34 -20.00 10.43
N GLY B 214 -42.37 -21.06 9.63
CA GLY B 214 -43.56 -21.90 9.57
C GLY B 214 -44.73 -21.38 8.76
N LYS B 215 -44.69 -20.12 8.36
CA LYS B 215 -45.79 -19.53 7.59
C LYS B 215 -45.71 -19.87 6.10
N ASN B 216 -46.60 -20.76 5.65
CA ASN B 216 -46.63 -21.19 4.25
C ASN B 216 -46.92 -20.05 3.28
N PRO B 217 -46.46 -20.17 2.03
CA PRO B 217 -46.65 -19.18 0.98
C PRO B 217 -48.09 -18.70 0.84
N GLN B 218 -48.26 -17.52 0.27
CA GLN B 218 -49.58 -16.94 0.06
C GLN B 218 -49.70 -16.57 -1.40
N GLU B 219 -50.71 -17.10 -2.08
CA GLU B 219 -50.90 -16.78 -3.47
C GLU B 219 -51.30 -15.30 -3.53
N LEU B 220 -50.92 -14.63 -4.61
CA LEU B 220 -51.22 -13.20 -4.72
C LEU B 220 -52.05 -12.80 -5.94
N ARG B 221 -52.85 -11.75 -5.78
CA ARG B 221 -53.65 -11.23 -6.89
C ARG B 221 -52.96 -9.95 -7.37
N VAL B 222 -52.35 -10.04 -8.54
CA VAL B 222 -51.64 -8.90 -9.13
C VAL B 222 -52.59 -7.85 -9.65
N ALA B 223 -52.90 -6.86 -8.81
CA ALA B 223 -53.80 -5.77 -9.23
C ALA B 223 -53.06 -4.85 -10.20
N SER C 37 2.02 -45.91 15.19
CA SER C 37 1.91 -44.43 15.30
C SER C 37 3.10 -43.72 14.64
N ALA C 38 2.80 -42.96 13.59
CA ALA C 38 3.82 -42.22 12.86
C ALA C 38 3.95 -40.82 13.44
N ARG C 39 5.04 -40.15 13.13
CA ARG C 39 5.27 -38.81 13.62
C ARG C 39 5.85 -37.89 12.54
N VAL C 40 5.91 -36.60 12.86
CA VAL C 40 6.42 -35.59 11.94
C VAL C 40 7.65 -36.07 11.19
N SER C 41 8.52 -36.77 11.89
CA SER C 41 9.74 -37.28 11.30
C SER C 41 9.43 -38.26 10.18
N ASP C 42 8.32 -38.99 10.33
CA ASP C 42 7.89 -39.99 9.35
C ASP C 42 7.24 -39.35 8.13
N TYR C 43 7.02 -38.05 8.19
CA TYR C 43 6.37 -37.29 7.11
C TYR C 43 7.40 -36.54 6.27
N PRO C 44 7.16 -36.41 4.95
CA PRO C 44 6.01 -36.91 4.19
C PRO C 44 6.13 -38.42 3.93
N LEU C 45 5.03 -39.14 4.14
CA LEU C 45 5.03 -40.58 3.93
C LEU C 45 5.59 -40.94 2.55
N ALA C 46 5.15 -40.22 1.53
CA ALA C 46 5.62 -40.48 0.18
C ALA C 46 7.13 -40.45 0.09
N ASN C 47 7.76 -39.66 0.96
CA ASN C 47 9.21 -39.52 0.95
C ASN C 47 9.93 -40.39 1.97
N LYS C 48 9.40 -40.44 3.18
CA LYS C 48 10.00 -41.23 4.26
C LYS C 48 9.68 -42.72 4.21
N HIS C 49 8.38 -43.05 4.23
CA HIS C 49 7.92 -44.43 4.22
C HIS C 49 6.95 -44.73 3.09
N PRO C 50 7.40 -44.68 1.83
CA PRO C 50 6.48 -44.96 0.73
C PRO C 50 5.81 -46.33 0.83
N GLU C 51 6.51 -47.31 1.37
CA GLU C 51 5.99 -48.67 1.52
C GLU C 51 4.79 -48.70 2.46
N TRP C 52 4.69 -47.71 3.33
CA TRP C 52 3.58 -47.65 4.27
C TRP C 52 2.29 -47.34 3.54
N VAL C 53 2.42 -46.85 2.32
CA VAL C 53 1.28 -46.48 1.50
C VAL C 53 0.90 -47.53 0.47
N LYS C 54 -0.21 -48.21 0.75
CA LYS C 54 -0.79 -49.24 -0.10
C LYS C 54 -2.27 -48.89 -0.28
N THR C 55 -2.83 -49.20 -1.45
CA THR C 55 -4.23 -48.88 -1.75
C THR C 55 -5.25 -49.92 -1.29
N ALA C 56 -6.52 -49.67 -1.62
CA ALA C 56 -7.61 -50.56 -1.27
C ALA C 56 -7.39 -51.94 -1.87
N THR C 57 -7.20 -51.98 -3.19
CA THR C 57 -6.96 -53.23 -3.90
C THR C 57 -5.58 -53.79 -3.58
N ASN C 58 -4.76 -52.97 -2.92
CA ASN C 58 -3.42 -53.36 -2.52
C ASN C 58 -2.37 -53.20 -3.63
N LYS C 59 -2.21 -51.97 -4.10
CA LYS C 59 -1.23 -51.65 -5.15
C LYS C 59 -0.20 -50.71 -4.52
N THR C 60 0.99 -50.65 -5.11
CA THR C 60 2.03 -49.76 -4.57
C THR C 60 2.00 -48.41 -5.28
N LEU C 61 2.46 -47.37 -4.59
CA LEU C 61 2.47 -46.02 -5.15
C LEU C 61 3.11 -46.01 -6.54
N ASP C 62 4.08 -46.89 -6.72
CA ASP C 62 4.81 -47.01 -7.98
C ASP C 62 3.97 -47.69 -9.07
N ASP C 63 3.15 -48.65 -8.68
CA ASP C 63 2.31 -49.37 -9.63
C ASP C 63 1.38 -48.46 -10.41
N PHE C 64 1.23 -47.22 -9.98
CA PHE C 64 0.35 -46.31 -10.68
C PHE C 64 1.06 -45.50 -11.74
N THR C 65 1.41 -46.21 -12.81
CA THR C 65 2.10 -45.64 -13.95
C THR C 65 1.09 -45.60 -15.09
N LEU C 66 1.36 -44.77 -16.10
CA LEU C 66 0.47 -44.68 -17.26
C LEU C 66 0.18 -46.06 -17.81
N GLU C 67 1.25 -46.84 -17.98
CA GLU C 67 1.11 -48.18 -18.53
C GLU C 67 0.09 -49.05 -17.78
N ASN C 68 0.29 -49.24 -16.48
CA ASN C 68 -0.64 -50.05 -15.68
C ASN C 68 -2.07 -49.52 -15.80
N VAL C 69 -2.20 -48.27 -16.19
CA VAL C 69 -3.50 -47.62 -16.35
C VAL C 69 -4.09 -47.92 -17.72
N LEU C 70 -3.23 -47.91 -18.73
CA LEU C 70 -3.65 -48.19 -20.09
C LEU C 70 -3.93 -49.69 -20.28
N SER C 71 -3.25 -50.53 -19.51
CA SER C 71 -3.45 -51.98 -19.59
C SER C 71 -4.46 -52.40 -18.53
N ASN C 72 -4.97 -51.41 -17.80
CA ASN C 72 -5.97 -51.63 -16.75
C ASN C 72 -5.54 -52.50 -15.59
N LYS C 73 -4.23 -52.68 -15.44
CA LYS C 73 -3.70 -53.48 -14.34
C LYS C 73 -4.00 -52.69 -13.07
N VAL C 74 -4.30 -51.41 -13.27
CA VAL C 74 -4.70 -50.53 -12.19
C VAL C 74 -5.86 -49.70 -12.73
N THR C 75 -6.93 -49.60 -11.95
CA THR C 75 -8.09 -48.82 -12.35
C THR C 75 -8.58 -47.95 -11.21
N ALA C 76 -9.62 -47.17 -11.50
CA ALA C 76 -10.20 -46.27 -10.52
C ALA C 76 -10.47 -46.94 -9.18
N GLN C 77 -10.67 -48.25 -9.19
CA GLN C 77 -10.97 -48.97 -7.97
C GLN C 77 -9.74 -49.20 -7.10
N ASP C 78 -8.56 -49.00 -7.69
CA ASP C 78 -7.32 -49.21 -6.95
C ASP C 78 -6.75 -47.88 -6.44
N MET C 79 -7.38 -46.78 -6.85
CA MET C 79 -6.91 -45.46 -6.47
C MET C 79 -7.62 -44.75 -5.33
N ARG C 80 -8.08 -45.49 -4.34
CA ARG C 80 -8.74 -44.86 -3.20
C ARG C 80 -7.85 -44.89 -1.96
N ILE C 81 -7.82 -43.78 -1.22
CA ILE C 81 -7.02 -43.67 -0.01
C ILE C 81 -7.57 -44.70 0.99
N THR C 82 -6.68 -45.46 1.63
CA THR C 82 -7.08 -46.49 2.59
C THR C 82 -7.25 -45.94 3.98
N PRO C 83 -8.12 -46.55 4.80
CA PRO C 83 -8.29 -46.04 6.16
C PRO C 83 -6.99 -46.16 6.96
N GLU C 84 -6.10 -47.06 6.54
CA GLU C 84 -4.81 -47.23 7.22
C GLU C 84 -4.01 -45.95 7.03
N THR C 85 -3.85 -45.54 5.78
CA THR C 85 -3.09 -44.32 5.47
C THR C 85 -3.66 -43.13 6.24
N LEU C 86 -4.96 -42.91 6.12
CA LEU C 86 -5.62 -41.81 6.82
C LEU C 86 -5.33 -41.86 8.31
N ARG C 87 -5.19 -43.06 8.86
CA ARG C 87 -4.90 -43.19 10.28
C ARG C 87 -3.44 -42.90 10.62
N LEU C 88 -2.56 -43.06 9.62
CA LEU C 88 -1.16 -42.76 9.85
C LEU C 88 -1.02 -41.24 9.84
N GLN C 89 -1.85 -40.58 9.03
CA GLN C 89 -1.80 -39.12 8.96
C GLN C 89 -2.42 -38.50 10.20
N ALA C 90 -3.42 -39.16 10.77
CA ALA C 90 -4.05 -38.63 11.98
C ALA C 90 -3.01 -38.66 13.09
N SER C 91 -2.17 -39.70 13.07
CA SER C 91 -1.12 -39.87 14.06
C SER C 91 -0.12 -38.73 13.91
N ILE C 92 0.28 -38.45 12.68
CA ILE C 92 1.23 -37.38 12.43
C ILE C 92 0.66 -36.01 12.81
N ALA C 93 -0.63 -35.78 12.54
CA ALA C 93 -1.29 -34.52 12.88
C ALA C 93 -1.34 -34.35 14.38
N LYS C 94 -1.50 -35.46 15.08
CA LYS C 94 -1.56 -35.45 16.54
C LYS C 94 -0.18 -35.10 17.08
N ASP C 95 0.84 -35.65 16.44
CA ASP C 95 2.22 -35.39 16.84
C ASP C 95 2.59 -33.97 16.50
N ALA C 96 1.91 -33.39 15.51
CA ALA C 96 2.18 -32.02 15.11
C ALA C 96 1.37 -31.03 15.94
N GLY C 97 0.71 -31.53 16.98
CA GLY C 97 -0.09 -30.67 17.84
C GLY C 97 -1.45 -30.29 17.30
N ARG C 98 -1.97 -31.06 16.35
CA ARG C 98 -3.28 -30.78 15.76
C ARG C 98 -4.26 -31.92 16.01
N ASP C 99 -4.85 -31.91 17.20
CA ASP C 99 -5.81 -32.93 17.61
C ASP C 99 -7.08 -32.95 16.79
N ARG C 100 -7.63 -31.78 16.49
CA ARG C 100 -8.85 -31.75 15.71
C ARG C 100 -8.60 -32.24 14.30
N LEU C 101 -7.43 -31.94 13.76
CA LEU C 101 -7.12 -32.38 12.42
C LEU C 101 -7.06 -33.92 12.45
N ALA C 102 -6.46 -34.45 13.50
CA ALA C 102 -6.33 -35.91 13.63
C ALA C 102 -7.72 -36.54 13.75
N MET C 103 -8.58 -35.90 14.53
CA MET C 103 -9.93 -36.39 14.73
C MET C 103 -10.67 -36.43 13.40
N ASN C 104 -10.48 -35.40 12.59
CA ASN C 104 -11.11 -35.33 11.27
C ASN C 104 -10.59 -36.49 10.41
N PHE C 105 -9.30 -36.75 10.47
CA PHE C 105 -8.70 -37.83 9.70
C PHE C 105 -9.22 -39.17 10.18
N GLU C 106 -9.56 -39.25 11.47
CA GLU C 106 -10.10 -40.47 12.06
C GLU C 106 -11.44 -40.77 11.42
N ARG C 107 -12.31 -39.77 11.44
CA ARG C 107 -13.64 -39.93 10.86
C ARG C 107 -13.50 -40.29 9.39
N ALA C 108 -12.58 -39.62 8.71
CA ALA C 108 -12.35 -39.86 7.30
C ALA C 108 -11.99 -41.32 7.08
N ALA C 109 -11.16 -41.85 7.97
CA ALA C 109 -10.74 -43.25 7.87
C ALA C 109 -11.98 -44.14 7.90
N GLU C 110 -12.95 -43.77 8.71
CA GLU C 110 -14.17 -44.54 8.83
C GLU C 110 -15.03 -44.47 7.57
N LEU C 111 -15.04 -43.28 6.96
CA LEU C 111 -15.85 -43.04 5.77
C LEU C 111 -15.32 -43.62 4.47
N THR C 112 -14.05 -43.99 4.43
CA THR C 112 -13.50 -44.56 3.21
C THR C 112 -14.31 -45.80 2.82
N ALA C 113 -15.00 -46.37 3.80
CA ALA C 113 -15.79 -47.56 3.57
C ALA C 113 -17.19 -47.27 3.07
N VAL C 114 -17.67 -46.03 3.26
CA VAL C 114 -19.01 -45.68 2.84
C VAL C 114 -19.10 -45.32 1.36
N PRO C 115 -19.98 -46.00 0.61
CA PRO C 115 -20.12 -45.70 -0.82
C PRO C 115 -20.35 -44.23 -1.12
N ASP C 116 -19.86 -43.79 -2.28
CA ASP C 116 -20.00 -42.40 -2.71
C ASP C 116 -21.41 -41.88 -2.54
N ASP C 117 -22.37 -42.60 -3.09
CA ASP C 117 -23.76 -42.19 -3.03
C ASP C 117 -24.29 -42.15 -1.61
N ARG C 118 -23.80 -43.03 -0.75
CA ARG C 118 -24.26 -43.07 0.63
C ARG C 118 -23.70 -41.87 1.39
N ILE C 119 -22.47 -41.49 1.05
CA ILE C 119 -21.84 -40.34 1.67
C ILE C 119 -22.73 -39.12 1.38
N LEU C 120 -23.04 -38.92 0.09
CA LEU C 120 -23.87 -37.79 -0.31
C LEU C 120 -25.22 -37.83 0.39
N GLU C 121 -25.78 -39.02 0.56
CA GLU C 121 -27.07 -39.16 1.24
C GLU C 121 -26.97 -38.67 2.69
N ILE C 122 -25.91 -39.11 3.37
CA ILE C 122 -25.69 -38.75 4.76
C ILE C 122 -25.55 -37.24 4.90
N TYR C 123 -24.62 -36.68 4.12
CA TYR C 123 -24.37 -35.25 4.13
C TYR C 123 -25.66 -34.46 3.96
N ASN C 124 -26.41 -34.78 2.91
CA ASN C 124 -27.66 -34.09 2.68
C ASN C 124 -28.60 -34.25 3.85
N ALA C 125 -28.61 -35.43 4.44
CA ALA C 125 -29.48 -35.71 5.58
C ALA C 125 -29.19 -34.79 6.76
N LEU C 126 -27.94 -34.35 6.87
CA LEU C 126 -27.55 -33.48 7.97
C LEU C 126 -27.82 -31.99 7.71
N ARG C 127 -28.21 -31.65 6.47
CA ARG C 127 -28.49 -30.25 6.15
C ARG C 127 -29.82 -29.85 6.81
N PRO C 128 -30.01 -28.55 7.10
CA PRO C 128 -31.23 -28.04 7.73
C PRO C 128 -32.56 -28.48 7.16
N TYR C 129 -33.46 -28.88 8.05
CA TYR C 129 -34.82 -29.30 7.72
C TYR C 129 -34.94 -30.47 6.76
N ARG C 130 -33.92 -31.32 6.68
CA ARG C 130 -33.93 -32.46 5.76
C ARG C 130 -34.51 -33.75 6.35
N SER C 131 -34.10 -34.07 7.57
CA SER C 131 -34.53 -35.30 8.22
C SER C 131 -35.33 -35.12 9.50
N THR C 132 -35.72 -36.27 10.05
CA THR C 132 -36.46 -36.38 11.31
C THR C 132 -35.44 -37.02 12.25
N LYS C 133 -35.61 -36.83 13.55
CA LYS C 133 -34.67 -37.41 14.50
C LYS C 133 -34.47 -38.91 14.22
N GLU C 134 -35.58 -39.60 13.95
CA GLU C 134 -35.56 -41.03 13.66
C GLU C 134 -34.64 -41.39 12.51
N GLU C 135 -34.78 -40.68 11.40
CA GLU C 135 -33.96 -40.94 10.23
C GLU C 135 -32.48 -40.74 10.50
N LEU C 136 -32.17 -39.74 11.31
CA LEU C 136 -30.77 -39.47 11.64
C LEU C 136 -30.25 -40.60 12.52
N LEU C 137 -31.03 -40.96 13.54
CA LEU C 137 -30.65 -42.05 14.42
C LEU C 137 -30.48 -43.33 13.60
N ALA C 138 -31.32 -43.47 12.58
CA ALA C 138 -31.27 -44.63 11.69
C ALA C 138 -29.98 -44.59 10.89
N ILE C 139 -29.59 -43.39 10.45
CA ILE C 139 -28.36 -43.24 9.70
C ILE C 139 -27.21 -43.66 10.61
N ALA C 140 -27.28 -43.22 11.87
CA ALA C 140 -26.25 -43.55 12.84
C ALA C 140 -26.08 -45.06 12.96
N ASP C 141 -27.19 -45.77 13.20
CA ASP C 141 -27.17 -47.22 13.33
C ASP C 141 -26.52 -47.87 12.12
N ASP C 142 -26.88 -47.41 10.94
CA ASP C 142 -26.31 -47.98 9.73
C ASP C 142 -24.81 -47.76 9.70
N LEU C 143 -24.39 -46.55 10.06
CA LEU C 143 -22.97 -46.22 10.07
C LEU C 143 -22.20 -47.16 10.98
N GLU C 144 -22.71 -47.33 12.19
CA GLU C 144 -22.08 -48.16 13.20
C GLU C 144 -22.10 -49.65 12.88
N SER C 145 -23.27 -50.18 12.54
CA SER C 145 -23.43 -51.60 12.26
C SER C 145 -22.92 -52.07 10.90
N ARG C 146 -23.34 -51.39 9.84
CA ARG C 146 -22.93 -51.76 8.49
C ARG C 146 -21.53 -51.32 8.09
N TYR C 147 -21.06 -50.21 8.66
CA TYR C 147 -19.74 -49.70 8.31
C TYR C 147 -18.73 -49.65 9.44
N GLN C 148 -19.19 -49.94 10.65
CA GLN C 148 -18.31 -49.91 11.81
C GLN C 148 -17.71 -48.51 11.97
N ALA C 149 -18.48 -47.49 11.61
CA ALA C 149 -18.04 -46.11 11.73
C ALA C 149 -18.56 -45.58 13.05
N LYS C 150 -18.00 -46.07 14.15
CA LYS C 150 -18.47 -45.66 15.47
C LYS C 150 -18.36 -44.17 15.70
N ILE C 151 -17.19 -43.61 15.39
CA ILE C 151 -16.95 -42.18 15.57
C ILE C 151 -18.01 -41.35 14.84
N CYS C 152 -18.18 -41.62 13.54
CA CYS C 152 -19.15 -40.89 12.73
C CYS C 152 -20.57 -41.11 13.21
N ALA C 153 -20.86 -42.31 13.70
CA ALA C 153 -22.20 -42.65 14.18
C ALA C 153 -22.58 -41.78 15.38
N ALA C 154 -21.64 -41.57 16.28
CA ALA C 154 -21.90 -40.75 17.46
C ALA C 154 -22.06 -39.28 17.04
N PHE C 155 -21.26 -38.86 16.07
CA PHE C 155 -21.32 -37.48 15.57
C PHE C 155 -22.74 -37.21 15.08
N VAL C 156 -23.31 -38.17 14.36
CA VAL C 156 -24.66 -38.04 13.83
C VAL C 156 -25.71 -38.07 14.94
N ARG C 157 -25.50 -38.89 15.96
CA ARG C 157 -26.44 -38.96 17.08
C ARG C 157 -26.43 -37.63 17.84
N GLU C 158 -25.25 -37.04 17.95
CA GLU C 158 -25.10 -35.76 18.62
C GLU C 158 -25.84 -34.68 17.84
N ALA C 159 -25.73 -34.72 16.52
CA ALA C 159 -26.41 -33.75 15.68
C ALA C 159 -27.91 -33.89 15.88
N ALA C 160 -28.38 -35.14 15.81
CA ALA C 160 -29.79 -35.45 15.97
C ALA C 160 -30.36 -34.82 17.24
N THR C 161 -29.67 -35.04 18.35
CA THR C 161 -30.10 -34.49 19.64
C THR C 161 -30.16 -32.96 19.63
N LEU C 162 -29.12 -32.35 19.06
CA LEU C 162 -29.05 -30.90 18.98
C LEU C 162 -30.03 -30.33 17.97
N TYR C 163 -30.27 -31.06 16.89
CA TYR C 163 -31.19 -30.59 15.86
C TYR C 163 -32.59 -30.47 16.43
N VAL C 164 -32.91 -31.31 17.40
CA VAL C 164 -34.22 -31.26 18.04
C VAL C 164 -34.29 -29.96 18.82
N GLU C 165 -33.27 -29.76 19.66
CA GLU C 165 -33.17 -28.58 20.49
C GLU C 165 -33.13 -27.26 19.69
N ARG C 166 -32.37 -27.23 18.60
CA ARG C 166 -32.26 -26.02 17.80
C ARG C 166 -33.22 -25.95 16.61
N LYS C 167 -34.10 -26.94 16.48
CA LYS C 167 -35.10 -26.98 15.42
C LYS C 167 -34.56 -26.87 14.00
N LYS C 168 -33.86 -27.90 13.56
CA LYS C 168 -33.31 -27.95 12.22
C LYS C 168 -33.74 -29.25 11.55
N LEU C 169 -34.75 -29.88 12.14
CA LEU C 169 -35.31 -31.12 11.61
C LEU C 169 -36.42 -30.79 10.62
N LYS C 170 -36.82 -31.77 9.82
CA LYS C 170 -37.88 -31.59 8.85
C LYS C 170 -39.10 -31.03 9.58
N GLY C 171 -39.71 -30.00 9.01
CA GLY C 171 -40.88 -29.42 9.63
C GLY C 171 -40.61 -28.27 10.57
N ASP C 172 -39.34 -28.01 10.88
CA ASP C 172 -38.99 -26.93 11.78
C ASP C 172 -38.90 -25.56 11.11
N ASP C 173 -38.73 -25.53 9.80
CA ASP C 173 -38.62 -24.26 9.09
C ASP C 173 -39.93 -23.49 9.03
N MET D 1 3.23 -12.77 -34.46
CA MET D 1 1.96 -13.01 -33.70
C MET D 1 2.17 -12.70 -32.22
N ARG D 2 1.56 -11.62 -31.76
CA ARG D 2 1.67 -11.18 -30.38
C ARG D 2 0.53 -11.66 -29.47
N SER D 3 0.85 -11.83 -28.19
CA SER D 3 -0.15 -12.25 -27.20
C SER D 3 -0.88 -11.01 -26.75
N LYS D 4 -2.20 -11.00 -26.92
CA LYS D 4 -3.00 -9.87 -26.52
C LYS D 4 -2.84 -9.61 -25.02
N ARG D 5 -2.46 -10.64 -24.28
CA ARG D 5 -2.25 -10.51 -22.85
C ARG D 5 -1.08 -9.55 -22.59
N PHE D 6 0.03 -9.76 -23.30
CA PHE D 6 1.18 -8.88 -23.09
C PHE D 6 1.02 -7.51 -23.72
N GLU D 7 0.15 -7.39 -24.71
CA GLU D 7 -0.07 -6.08 -25.34
C GLU D 7 -0.84 -5.22 -24.35
N ALA D 8 -1.73 -5.87 -23.60
CA ALA D 8 -2.52 -5.17 -22.59
C ALA D 8 -1.59 -4.76 -21.46
N LEU D 9 -0.66 -5.64 -21.10
CA LEU D 9 0.28 -5.34 -20.03
C LEU D 9 1.31 -4.31 -20.44
N ALA D 10 1.63 -4.30 -21.73
CA ALA D 10 2.61 -3.35 -22.26
C ALA D 10 2.09 -1.91 -22.17
N LYS D 11 0.78 -1.73 -22.25
CA LYS D 11 0.19 -0.38 -22.20
C LYS D 11 0.14 0.17 -20.79
N ARG D 12 0.34 -0.68 -19.80
CA ARG D 12 0.28 -0.25 -18.41
C ARG D 12 1.23 0.87 -18.04
N PRO D 13 0.73 1.86 -17.29
CA PRO D 13 1.54 3.00 -16.85
C PRO D 13 2.85 2.60 -16.18
N VAL D 14 2.81 1.58 -15.34
CA VAL D 14 3.99 1.12 -14.62
C VAL D 14 5.13 0.83 -15.58
N ASN D 15 4.80 0.51 -16.82
CA ASN D 15 5.84 0.20 -17.79
C ASN D 15 6.46 1.43 -18.46
N GLN D 16 6.03 2.60 -18.01
CA GLN D 16 6.57 3.86 -18.50
C GLN D 16 7.64 4.32 -17.52
N ASP D 17 7.64 3.73 -16.33
CA ASP D 17 8.61 4.03 -15.28
C ASP D 17 10.02 3.68 -15.73
N GLY D 18 11.01 4.33 -15.13
CA GLY D 18 12.40 4.03 -15.49
C GLY D 18 13.00 2.97 -14.58
N PHE D 19 13.36 1.83 -15.16
CA PHE D 19 13.97 0.72 -14.43
C PHE D 19 15.36 0.40 -14.97
N VAL D 20 16.31 0.06 -14.09
CA VAL D 20 17.64 -0.29 -14.55
C VAL D 20 18.25 -1.45 -13.77
N LYS D 21 19.25 -2.08 -14.36
CA LYS D 21 19.94 -3.19 -13.73
C LYS D 21 21.08 -2.62 -12.89
N GLU D 22 21.26 -3.14 -11.68
CA GLU D 22 22.32 -2.66 -10.79
C GLU D 22 23.66 -2.43 -11.50
N TRP D 23 24.28 -1.30 -11.17
CA TRP D 23 25.58 -0.89 -11.73
C TRP D 23 26.48 -0.58 -10.54
N ILE D 24 26.96 -1.65 -9.89
CA ILE D 24 27.81 -1.55 -8.71
C ILE D 24 28.95 -0.55 -8.80
N GLU D 25 29.57 -0.46 -9.97
CA GLU D 25 30.69 0.46 -10.20
C GLU D 25 30.33 1.91 -9.93
N GLU D 26 29.18 2.34 -10.44
CA GLU D 26 28.76 3.72 -10.26
C GLU D 26 27.80 3.90 -9.10
N GLY D 27 27.80 2.94 -8.18
CA GLY D 27 26.93 3.00 -7.02
C GLY D 27 25.45 2.94 -7.34
N PHE D 28 25.11 2.45 -8.53
CA PHE D 28 23.72 2.33 -8.93
C PHE D 28 23.12 1.05 -8.34
N ILE D 29 23.11 0.99 -7.02
CA ILE D 29 22.56 -0.14 -6.29
C ILE D 29 22.08 0.46 -4.97
N ALA D 30 20.83 0.18 -4.63
CA ALA D 30 20.18 0.72 -3.44
C ALA D 30 20.89 0.52 -2.12
N MET D 31 21.10 -0.73 -1.73
CA MET D 31 21.75 -1.01 -0.47
C MET D 31 22.43 -2.36 -0.56
N GLU D 32 23.03 -2.79 0.54
CA GLU D 32 23.71 -4.08 0.62
C GLU D 32 24.61 -4.30 -0.60
N SER D 33 25.46 -3.31 -0.88
CA SER D 33 26.39 -3.35 -2.00
C SER D 33 27.70 -3.99 -1.53
N PRO D 34 28.40 -4.69 -2.44
CA PRO D 34 29.67 -5.35 -2.12
C PRO D 34 30.80 -4.36 -1.86
N ASN D 35 30.71 -3.20 -2.49
CA ASN D 35 31.73 -2.16 -2.35
C ASN D 35 31.65 -1.39 -1.05
N ASP D 36 30.54 -1.54 -0.33
CA ASP D 36 30.39 -0.81 0.92
C ASP D 36 31.37 -1.32 1.95
N PRO D 37 31.93 -0.41 2.75
CA PRO D 37 32.90 -0.74 3.80
C PRO D 37 32.31 -1.51 4.98
N LYS D 38 33.14 -2.36 5.57
CA LYS D 38 32.74 -3.16 6.72
C LYS D 38 32.86 -2.25 7.94
N PRO D 39 31.91 -2.36 8.89
CA PRO D 39 31.96 -1.52 10.09
C PRO D 39 33.22 -1.72 10.93
N SER D 40 33.83 -0.59 11.34
CA SER D 40 35.03 -0.63 12.16
C SER D 40 35.25 0.72 12.81
N ILE D 41 35.89 0.72 13.98
CA ILE D 41 36.18 1.95 14.68
C ILE D 41 37.46 1.74 15.49
N LYS D 42 38.36 2.71 15.39
CA LYS D 42 39.63 2.66 16.08
C LYS D 42 39.79 4.03 16.73
N ILE D 43 39.79 4.08 18.06
CA ILE D 43 39.94 5.34 18.77
C ILE D 43 41.22 5.41 19.61
N VAL D 44 41.94 6.51 19.49
CA VAL D 44 43.18 6.71 20.23
C VAL D 44 43.16 8.06 20.93
N ASN D 45 43.30 8.04 22.25
CA ASN D 45 43.32 9.26 23.03
C ASN D 45 42.09 10.11 22.74
N GLY D 46 40.93 9.46 22.65
CA GLY D 46 39.68 10.18 22.39
C GLY D 46 39.45 10.70 20.98
N ALA D 47 40.19 10.18 20.01
CA ALA D 47 40.03 10.61 18.64
C ALA D 47 40.11 9.44 17.67
N VAL D 48 39.11 9.36 16.80
CA VAL D 48 39.03 8.29 15.81
C VAL D 48 40.25 8.28 14.89
N THR D 49 40.86 7.13 14.75
CA THR D 49 42.03 6.99 13.89
C THR D 49 41.66 6.09 12.70
N GLU D 50 40.50 5.45 12.82
CA GLU D 50 40.00 4.56 11.77
C GLU D 50 38.48 4.54 11.84
N LEU D 51 37.83 4.75 10.70
CA LEU D 51 36.38 4.74 10.63
C LEU D 51 35.95 3.89 9.45
N ASP D 52 35.29 2.77 9.76
CA ASP D 52 34.81 1.85 8.74
C ASP D 52 35.89 1.45 7.75
N GLY D 53 36.97 0.89 8.28
CA GLY D 53 38.06 0.41 7.45
C GLY D 53 38.92 1.49 6.83
N LYS D 54 38.58 2.74 7.07
CA LYS D 54 39.35 3.83 6.50
C LYS D 54 40.22 4.47 7.56
N PRO D 55 41.52 4.67 7.26
CA PRO D 55 42.44 5.29 8.22
C PRO D 55 42.26 6.80 8.18
N VAL D 56 42.43 7.44 9.32
CA VAL D 56 42.26 8.88 9.41
C VAL D 56 43.10 9.66 8.39
N SER D 57 44.23 9.07 8.01
CA SER D 57 45.11 9.69 7.02
C SER D 57 44.42 9.90 5.69
N ASP D 58 43.35 9.15 5.45
CA ASP D 58 42.62 9.26 4.18
C ASP D 58 41.24 9.91 4.29
N PHE D 59 40.86 10.29 5.51
CA PHE D 59 39.56 10.93 5.74
C PHE D 59 39.31 12.11 4.82
N ASP D 60 38.10 12.20 4.26
CA ASP D 60 37.76 13.35 3.44
C ASP D 60 37.00 14.22 4.41
N LEU D 61 36.50 15.37 3.96
CA LEU D 61 35.77 16.26 4.86
C LEU D 61 34.63 15.60 5.61
N ILE D 62 33.94 14.68 4.93
CA ILE D 62 32.80 13.98 5.54
C ILE D 62 33.30 13.06 6.66
N ASP D 63 34.30 12.24 6.35
CA ASP D 63 34.86 11.33 7.35
C ASP D 63 35.28 12.16 8.57
N HIS D 64 36.04 13.21 8.33
CA HIS D 64 36.51 14.08 9.39
C HIS D 64 35.38 14.59 10.26
N PHE D 65 34.38 15.19 9.63
CA PHE D 65 33.22 15.74 10.33
C PHE D 65 32.47 14.65 11.10
N ILE D 66 32.22 13.51 10.44
CA ILE D 66 31.52 12.41 11.09
C ILE D 66 32.32 11.88 12.28
N ALA D 67 33.59 11.57 12.03
CA ALA D 67 34.48 11.04 13.07
C ALA D 67 34.61 11.93 14.29
N ARG D 68 34.68 13.24 14.08
CA ARG D 68 34.83 14.18 15.18
C ARG D 68 33.56 14.56 15.91
N TYR D 69 32.46 14.71 15.19
CA TYR D 69 31.21 15.13 15.82
C TYR D 69 30.03 14.18 15.78
N GLY D 70 29.97 13.32 14.79
CA GLY D 70 28.83 12.42 14.65
C GLY D 70 28.71 11.14 15.45
N ILE D 71 29.79 10.69 16.07
CA ILE D 71 29.75 9.45 16.81
C ILE D 71 30.05 9.58 18.30
N ASN D 72 29.20 9.00 19.14
CA ASN D 72 29.40 9.01 20.58
C ASN D 72 30.56 8.04 20.75
N LEU D 73 31.77 8.57 20.85
CA LEU D 73 32.95 7.74 20.97
C LEU D 73 33.08 7.01 22.31
N ASN D 74 32.26 7.38 23.28
CA ASN D 74 32.34 6.74 24.59
C ASN D 74 31.84 5.30 24.55
N ARG D 75 30.84 5.03 23.73
CA ARG D 75 30.31 3.68 23.63
C ARG D 75 30.53 3.09 22.25
N ALA D 76 31.23 3.83 21.40
CA ALA D 76 31.49 3.39 20.03
C ALA D 76 32.08 1.99 19.88
N GLU D 77 33.18 1.71 20.55
CA GLU D 77 33.80 0.39 20.43
C GLU D 77 32.94 -0.70 21.03
N GLU D 78 32.23 -0.33 22.09
CA GLU D 78 31.36 -1.27 22.76
C GLU D 78 30.26 -1.76 21.81
N VAL D 79 29.56 -0.82 21.18
CA VAL D 79 28.48 -1.17 20.28
C VAL D 79 28.98 -1.83 19.00
N MET D 80 30.19 -1.46 18.57
CA MET D 80 30.75 -2.01 17.36
C MET D 80 30.86 -3.53 17.48
N ALA D 81 31.19 -4.01 18.68
CA ALA D 81 31.35 -5.44 18.90
C ALA D 81 30.04 -6.19 19.05
N MET D 82 28.96 -5.47 19.27
CA MET D 82 27.66 -6.10 19.42
C MET D 82 27.24 -6.72 18.10
N ASP D 83 26.40 -7.75 18.16
CA ASP D 83 25.93 -8.44 16.95
C ASP D 83 24.85 -7.61 16.27
N SER D 84 25.08 -7.31 15.00
CA SER D 84 24.17 -6.52 14.20
C SER D 84 22.77 -7.13 14.10
N VAL D 85 22.71 -8.46 14.07
CA VAL D 85 21.41 -9.13 13.98
C VAL D 85 20.67 -8.87 15.29
N LYS D 86 21.41 -8.96 16.40
CA LYS D 86 20.85 -8.75 17.71
C LYS D 86 20.31 -7.33 17.79
N LEU D 87 21.09 -6.38 17.26
CA LEU D 87 20.69 -4.98 17.28
C LEU D 87 19.42 -4.75 16.46
N ALA D 88 19.39 -5.28 15.25
CA ALA D 88 18.24 -5.16 14.36
C ALA D 88 17.00 -5.72 15.05
N ASN D 89 17.20 -6.78 15.83
CA ASN D 89 16.11 -7.41 16.57
C ASN D 89 15.59 -6.43 17.62
N MET D 90 16.50 -5.74 18.28
CA MET D 90 16.14 -4.77 19.30
C MET D 90 15.31 -3.63 18.71
N LEU D 91 15.62 -3.24 17.47
CA LEU D 91 14.90 -2.14 16.83
C LEU D 91 13.42 -2.45 16.70
N CYS D 92 13.09 -3.66 16.26
CA CYS D 92 11.69 -4.01 16.10
C CYS D 92 11.06 -4.70 17.30
N ASP D 93 11.86 -5.09 18.30
CA ASP D 93 11.31 -5.73 19.49
C ASP D 93 10.42 -4.70 20.20
N PRO D 94 9.10 -4.93 20.26
CA PRO D 94 8.27 -3.93 20.93
C PRO D 94 8.63 -3.70 22.39
N ASN D 95 9.40 -4.61 22.96
CA ASN D 95 9.77 -4.50 24.36
C ASN D 95 11.11 -3.87 24.69
N VAL D 96 11.84 -3.40 23.68
CA VAL D 96 13.11 -2.72 23.95
C VAL D 96 12.85 -1.23 23.74
N LYS D 97 12.85 -0.48 24.83
CA LYS D 97 12.58 0.95 24.81
C LYS D 97 13.44 1.73 23.83
N ARG D 98 12.85 2.81 23.31
CA ARG D 98 13.55 3.69 22.38
C ARG D 98 14.69 4.32 23.14
N SER D 99 14.46 4.62 24.41
CA SER D 99 15.45 5.22 25.27
C SER D 99 16.65 4.30 25.48
N GLU D 100 16.43 3.00 25.37
CA GLU D 100 17.52 2.04 25.54
C GLU D 100 18.29 1.88 24.23
N ILE D 101 17.62 2.14 23.12
CA ILE D 101 18.21 2.02 21.79
C ILE D 101 19.14 3.18 21.42
N VAL D 102 18.61 4.41 21.46
CA VAL D 102 19.37 5.59 21.09
C VAL D 102 20.83 5.67 21.56
N PRO D 103 21.09 5.33 22.85
CA PRO D 103 22.48 5.38 23.34
C PRO D 103 23.40 4.45 22.54
N LEU D 104 22.83 3.39 21.98
CA LEU D 104 23.60 2.45 21.19
C LEU D 104 23.75 2.89 19.75
N THR D 105 22.65 3.30 19.14
CA THR D 105 22.67 3.74 17.74
C THR D 105 23.54 4.97 17.52
N THR D 106 23.43 5.96 18.41
CA THR D 106 24.23 7.18 18.26
C THR D 106 25.69 6.91 18.56
N ALA D 107 26.04 5.65 18.74
CA ALA D 107 27.41 5.27 19.02
C ALA D 107 27.94 4.41 17.88
N MET D 108 27.08 4.11 16.92
CA MET D 108 27.46 3.28 15.78
C MET D 108 28.09 4.10 14.68
N THR D 109 28.84 3.42 13.80
CA THR D 109 29.46 4.10 12.67
C THR D 109 28.47 4.03 11.51
N PRO D 110 28.65 4.85 10.47
CA PRO D 110 27.71 4.79 9.35
C PRO D 110 27.50 3.36 8.85
N ALA D 111 28.59 2.65 8.60
CA ALA D 111 28.53 1.29 8.11
C ALA D 111 27.86 0.35 9.10
N LYS D 112 28.15 0.51 10.37
CA LYS D 112 27.56 -0.34 11.39
C LYS D 112 26.04 -0.29 11.36
N ILE D 113 25.48 0.91 11.54
CA ILE D 113 24.03 1.08 11.57
C ILE D 113 23.37 0.62 10.26
N VAL D 114 24.06 0.79 9.14
CA VAL D 114 23.52 0.37 7.85
C VAL D 114 23.42 -1.14 7.82
N GLU D 115 24.41 -1.80 8.39
CA GLU D 115 24.47 -3.25 8.45
C GLU D 115 23.30 -3.76 9.28
N VAL D 116 22.99 -3.03 10.35
CA VAL D 116 21.91 -3.40 11.23
C VAL D 116 20.57 -3.38 10.52
N VAL D 117 20.14 -2.21 10.02
CA VAL D 117 18.86 -2.14 9.35
C VAL D 117 18.76 -3.03 8.12
N SER D 118 19.90 -3.35 7.51
CA SER D 118 19.89 -4.21 6.33
C SER D 118 19.47 -5.66 6.62
N HIS D 119 19.42 -6.02 7.89
CA HIS D 119 19.01 -7.36 8.28
C HIS D 119 17.49 -7.42 8.38
N MET D 120 16.83 -6.31 8.05
CA MET D 120 15.38 -6.22 8.20
C MET D 120 14.54 -6.14 6.92
N ASN D 121 13.35 -6.70 6.99
CA ASN D 121 12.44 -6.62 5.85
C ASN D 121 11.56 -5.41 6.20
N VAL D 122 10.77 -4.92 5.23
CA VAL D 122 9.98 -3.73 5.51
C VAL D 122 8.98 -3.83 6.64
N VAL D 123 8.48 -5.03 6.93
CA VAL D 123 7.51 -5.15 8.03
C VAL D 123 8.22 -4.92 9.36
N GLU D 124 9.47 -5.37 9.44
CA GLU D 124 10.26 -5.21 10.66
C GLU D 124 10.65 -3.75 10.79
N MET D 125 10.98 -3.13 9.65
CA MET D 125 11.36 -1.73 9.62
C MET D 125 10.21 -0.82 10.07
N MET D 126 8.99 -1.15 9.68
CA MET D 126 7.87 -0.32 10.09
C MET D 126 7.62 -0.52 11.57
N MET D 127 7.70 -1.77 12.01
CA MET D 127 7.49 -2.12 13.41
C MET D 127 8.46 -1.32 14.28
N ALA D 128 9.65 -1.09 13.74
CA ALA D 128 10.69 -0.35 14.44
C ALA D 128 10.45 1.16 14.35
N MET D 129 10.04 1.63 13.17
CA MET D 129 9.81 3.04 12.98
C MET D 129 8.77 3.63 13.93
N GLN D 130 7.71 2.89 14.20
CA GLN D 130 6.68 3.40 15.10
C GLN D 130 7.23 3.63 16.49
N LYS D 131 8.31 2.93 16.81
CA LYS D 131 8.95 3.04 18.11
C LYS D 131 10.08 4.08 18.08
N MET D 132 10.85 4.10 16.99
CA MET D 132 11.97 5.02 16.85
C MET D 132 11.61 6.47 16.50
N ARG D 133 10.43 6.69 15.92
CA ARG D 133 10.02 8.04 15.57
C ARG D 133 10.13 8.95 16.80
N ALA D 134 10.84 10.06 16.64
CA ALA D 134 11.07 10.99 17.74
C ALA D 134 9.79 11.57 18.36
N ARG D 135 8.94 12.21 17.57
CA ARG D 135 7.72 12.76 18.14
C ARG D 135 6.67 11.65 18.25
N ARG D 136 5.97 11.60 19.38
CA ARG D 136 4.95 10.58 19.62
C ARG D 136 3.81 10.69 18.62
N THR D 137 3.41 11.93 18.33
CA THR D 137 2.34 12.22 17.38
C THR D 137 2.89 12.41 15.97
N PRO D 138 2.33 11.70 14.98
CA PRO D 138 2.81 11.85 13.60
C PRO D 138 2.27 13.14 12.99
N SER D 139 2.90 13.62 11.92
CA SER D 139 2.44 14.84 11.29
C SER D 139 2.65 14.78 9.78
N GLN D 140 2.30 15.86 9.10
CA GLN D 140 2.41 15.93 7.64
C GLN D 140 2.93 17.27 7.16
N GLN D 141 3.55 17.28 5.98
CA GLN D 141 4.09 18.49 5.37
C GLN D 141 3.64 18.58 3.92
N ALA D 142 3.21 19.76 3.49
CA ALA D 142 2.72 19.94 2.12
C ALA D 142 3.44 20.97 1.28
N HIS D 143 3.36 20.76 -0.03
CA HIS D 143 3.94 21.68 -1.00
C HIS D 143 2.81 22.63 -1.38
N VAL D 144 3.12 23.92 -1.49
CA VAL D 144 2.13 24.91 -1.91
C VAL D 144 2.78 25.80 -2.94
N THR D 145 2.68 25.41 -4.20
CA THR D 145 3.29 26.17 -5.28
C THR D 145 2.38 26.13 -6.51
N ASN D 146 2.82 26.80 -7.57
CA ASN D 146 2.09 26.77 -8.83
C ASN D 146 3.02 27.30 -9.92
N VAL D 147 2.80 26.81 -11.13
CA VAL D 147 3.63 27.16 -12.28
C VAL D 147 3.81 28.64 -12.61
N LYS D 148 3.02 29.51 -12.01
CA LYS D 148 3.13 30.94 -12.29
C LYS D 148 3.64 31.78 -11.12
N ASP D 149 4.03 31.12 -10.04
CA ASP D 149 4.50 31.82 -8.85
C ASP D 149 3.44 32.85 -8.48
N ASN D 150 2.19 32.56 -8.83
CA ASN D 150 1.07 33.46 -8.52
C ASN D 150 0.83 33.48 -7.02
N PRO D 151 1.09 34.62 -6.36
CA PRO D 151 0.91 34.77 -4.92
C PRO D 151 -0.51 34.64 -4.37
N VAL D 152 -1.51 34.98 -5.17
CA VAL D 152 -2.88 34.90 -4.70
C VAL D 152 -3.27 33.44 -4.54
N GLN D 153 -2.84 32.64 -5.51
CA GLN D 153 -3.12 31.22 -5.50
C GLN D 153 -2.44 30.57 -4.30
N ILE D 154 -1.16 30.86 -4.11
CA ILE D 154 -0.41 30.28 -3.01
C ILE D 154 -1.07 30.55 -1.66
N ALA D 155 -1.45 31.80 -1.39
CA ALA D 155 -2.07 32.13 -0.12
C ALA D 155 -3.33 31.29 0.08
N ALA D 156 -4.12 31.15 -0.99
CA ALA D 156 -5.34 30.38 -0.93
C ALA D 156 -5.07 28.90 -0.68
N ASP D 157 -4.27 28.29 -1.56
CA ASP D 157 -3.95 26.88 -1.41
C ASP D 157 -3.29 26.61 -0.05
N ALA D 158 -2.45 27.54 0.40
CA ALA D 158 -1.78 27.39 1.69
C ALA D 158 -2.81 27.33 2.84
N ALA D 159 -3.82 28.20 2.78
CA ALA D 159 -4.85 28.24 3.80
C ALA D 159 -5.63 26.91 3.84
N GLU D 160 -5.83 26.31 2.67
CA GLU D 160 -6.55 25.06 2.59
C GLU D 160 -5.70 23.95 3.19
N GLY D 161 -4.45 23.87 2.74
CA GLY D 161 -3.55 22.86 3.26
C GLY D 161 -3.55 22.91 4.77
N ALA D 162 -3.37 24.09 5.33
CA ALA D 162 -3.38 24.27 6.77
C ALA D 162 -4.71 23.77 7.33
N TRP D 163 -5.78 24.03 6.61
CA TRP D 163 -7.10 23.61 7.04
C TRP D 163 -7.26 22.09 7.02
N ARG D 164 -6.66 21.44 6.04
CA ARG D 164 -6.74 19.98 5.93
C ARG D 164 -5.88 19.24 6.94
N GLY D 165 -4.97 19.94 7.62
CA GLY D 165 -4.16 19.30 8.62
C GLY D 165 -2.65 19.45 8.58
N PHE D 166 -2.11 19.95 7.47
CA PHE D 166 -0.66 20.11 7.35
C PHE D 166 -0.12 21.06 8.41
N ASP D 167 0.90 20.61 9.14
CA ASP D 167 1.50 21.42 10.21
C ASP D 167 2.75 22.16 9.76
N GLU D 168 3.21 21.84 8.55
CA GLU D 168 4.38 22.45 7.95
C GLU D 168 4.08 22.53 6.47
N GLN D 169 4.32 23.67 5.85
CA GLN D 169 4.06 23.79 4.43
C GLN D 169 5.25 24.44 3.77
N GLU D 170 5.49 24.08 2.51
CA GLU D 170 6.64 24.60 1.79
C GLU D 170 6.33 25.03 0.37
N THR D 171 6.96 26.11 -0.04
CA THR D 171 6.77 26.62 -1.39
C THR D 171 8.13 26.85 -2.01
N THR D 172 8.13 27.15 -3.29
CA THR D 172 9.36 27.42 -4.02
C THR D 172 9.01 28.18 -5.28
N VAL D 173 10.01 28.59 -6.04
CA VAL D 173 9.79 29.39 -7.22
C VAL D 173 10.20 28.81 -8.56
N ALA D 174 9.43 29.19 -9.58
CA ALA D 174 9.69 28.80 -10.96
C ALA D 174 10.73 29.82 -11.42
N VAL D 175 10.51 31.08 -11.03
CA VAL D 175 11.42 32.18 -11.32
C VAL D 175 11.87 32.74 -9.97
N ALA D 176 13.12 32.45 -9.64
CA ALA D 176 13.74 32.86 -8.39
C ALA D 176 13.29 34.22 -7.85
N ARG D 177 13.48 35.27 -8.65
CA ARG D 177 13.12 36.62 -8.25
C ARG D 177 11.77 36.76 -7.56
N TYR D 178 10.90 35.77 -7.75
CA TYR D 178 9.57 35.80 -7.17
C TYR D 178 9.50 35.46 -5.67
N ALA D 179 10.49 34.69 -5.22
CA ALA D 179 10.58 34.23 -3.82
C ALA D 179 9.91 35.04 -2.71
N PRO D 180 10.31 36.30 -2.51
CA PRO D 180 9.68 37.08 -1.44
C PRO D 180 8.15 37.02 -1.44
N PHE D 181 7.55 37.08 -2.63
CA PHE D 181 6.10 37.03 -2.78
C PHE D 181 5.56 35.66 -2.34
N ASN D 182 6.16 34.60 -2.88
CA ASN D 182 5.73 33.25 -2.54
C ASN D 182 5.79 33.06 -1.03
N ALA D 183 6.95 33.35 -0.46
CA ALA D 183 7.17 33.19 0.97
C ALA D 183 6.11 33.92 1.80
N ILE D 184 5.85 35.19 1.47
CA ILE D 184 4.84 35.96 2.18
C ILE D 184 3.45 35.36 2.00
N ALA D 185 3.11 35.04 0.76
CA ALA D 185 1.83 34.43 0.46
C ALA D 185 1.64 33.19 1.33
N LEU D 186 2.62 32.29 1.26
CA LEU D 186 2.61 31.04 2.03
C LEU D 186 2.40 31.32 3.51
N LEU D 187 3.23 32.20 4.04
CA LEU D 187 3.15 32.56 5.45
C LEU D 187 1.78 33.10 5.83
N VAL D 188 1.25 34.02 5.01
CA VAL D 188 -0.06 34.63 5.26
C VAL D 188 -1.20 33.61 5.18
N GLY D 189 -1.23 32.83 4.12
CA GLY D 189 -2.27 31.84 3.96
C GLY D 189 -2.26 30.82 5.09
N SER D 190 -1.10 30.22 5.32
CA SER D 190 -0.94 29.21 6.36
C SER D 190 -1.52 29.66 7.71
N GLN D 191 -1.18 30.87 8.14
CA GLN D 191 -1.68 31.39 9.40
C GLN D 191 -3.20 31.54 9.41
N VAL D 192 -3.79 31.76 8.24
CA VAL D 192 -5.24 31.88 8.16
C VAL D 192 -5.86 30.49 8.27
N GLY D 193 -5.24 29.50 7.63
CA GLY D 193 -5.74 28.14 7.70
C GLY D 193 -5.66 27.65 9.14
N ARG D 194 -4.49 27.82 9.76
CA ARG D 194 -4.29 27.42 11.15
C ARG D 194 -3.04 28.09 11.73
N PRO D 195 -3.23 29.06 12.65
CA PRO D 195 -2.10 29.75 13.26
C PRO D 195 -1.19 28.70 13.88
N GLY D 196 0.10 28.77 13.56
CA GLY D 196 1.04 27.80 14.09
C GLY D 196 1.70 26.97 13.02
N VAL D 197 1.06 26.90 11.86
CA VAL D 197 1.63 26.14 10.75
C VAL D 197 2.93 26.81 10.35
N LEU D 198 4.02 26.06 10.39
CA LEU D 198 5.34 26.58 10.05
C LEU D 198 5.48 26.64 8.52
N THR D 199 6.15 27.67 8.01
CA THR D 199 6.32 27.81 6.57
C THR D 199 7.77 28.03 6.12
N GLN D 200 8.09 27.55 4.93
CA GLN D 200 9.45 27.70 4.40
C GLN D 200 9.39 27.96 2.89
N CYS D 201 10.46 28.52 2.35
CA CYS D 201 10.57 28.80 0.92
C CYS D 201 11.94 28.26 0.49
N SER D 202 11.92 27.18 -0.29
CA SER D 202 13.15 26.52 -0.72
C SER D 202 13.90 27.20 -1.86
N LEU D 203 15.03 27.81 -1.52
CA LEU D 203 15.86 28.51 -2.50
C LEU D 203 17.34 28.20 -2.29
N GLU D 204 18.20 28.87 -3.05
CA GLU D 204 19.64 28.74 -2.92
C GLU D 204 19.97 29.11 -1.46
N GLU D 205 20.88 28.37 -0.84
CA GLU D 205 21.25 28.58 0.56
C GLU D 205 21.31 30.03 1.08
N ALA D 206 22.26 30.80 0.58
CA ALA D 206 22.42 32.18 0.99
C ALA D 206 21.13 32.97 0.88
N THR D 207 20.43 32.81 -0.25
CA THR D 207 19.19 33.52 -0.48
C THR D 207 18.14 33.19 0.56
N GLU D 208 17.98 31.89 0.83
CA GLU D 208 16.99 31.46 1.80
C GLU D 208 17.29 31.97 3.21
N LEU D 209 18.56 32.04 3.56
CA LEU D 209 18.89 32.53 4.90
C LEU D 209 18.47 33.98 5.06
N LYS D 210 18.65 34.78 4.02
CA LYS D 210 18.28 36.19 4.05
C LYS D 210 16.78 36.35 4.19
N LEU D 211 16.05 35.49 3.51
CA LEU D 211 14.58 35.55 3.56
C LEU D 211 14.10 35.28 4.95
N GLY D 212 14.84 34.44 5.67
CA GLY D 212 14.49 34.12 7.03
C GLY D 212 14.86 35.29 7.89
N MET D 213 15.97 35.95 7.56
CA MET D 213 16.44 37.12 8.30
C MET D 213 15.43 38.25 8.18
N LEU D 214 14.79 38.36 7.02
CA LEU D 214 13.79 39.41 6.79
C LEU D 214 12.45 39.09 7.44
N GLY D 215 12.29 37.86 7.94
CA GLY D 215 11.06 37.47 8.60
C GLY D 215 9.92 36.95 7.73
N HIS D 216 10.24 36.41 6.57
CA HIS D 216 9.19 35.89 5.67
C HIS D 216 9.12 34.37 5.63
N THR D 217 9.75 33.71 6.60
CA THR D 217 9.73 32.24 6.69
C THR D 217 9.75 31.86 8.17
N CYS D 218 9.21 30.68 8.47
CA CYS D 218 9.15 30.16 9.84
C CYS D 218 10.27 29.19 10.13
N TYR D 219 10.77 28.54 9.09
CA TYR D 219 11.85 27.57 9.24
C TYR D 219 12.42 27.29 7.86
N ALA D 220 13.41 26.40 7.80
CA ALA D 220 14.04 26.03 6.55
C ALA D 220 14.33 24.54 6.59
N GLU D 221 14.11 23.87 5.46
CA GLU D 221 14.31 22.42 5.39
C GLU D 221 15.33 21.94 4.37
N THR D 222 15.29 22.53 3.18
CA THR D 222 16.21 22.12 2.11
C THR D 222 17.67 22.53 2.29
N ILE D 223 18.17 22.51 3.52
CA ILE D 223 19.55 22.86 3.77
C ILE D 223 20.31 21.56 3.53
N SER D 224 20.70 21.37 2.28
CA SER D 224 21.36 20.17 1.80
C SER D 224 22.74 19.73 2.31
N VAL D 225 22.94 18.41 2.29
CA VAL D 225 24.20 17.77 2.68
C VAL D 225 24.32 16.57 1.73
N TYR D 226 25.55 16.12 1.46
CA TYR D 226 25.75 15.03 0.52
C TYR D 226 26.69 13.91 0.99
N GLY D 227 26.52 12.73 0.42
CA GLY D 227 27.32 11.57 0.79
C GLY D 227 28.78 11.45 0.37
N THR D 228 29.18 12.21 -0.64
CA THR D 228 30.56 12.16 -1.10
C THR D 228 31.10 13.57 -1.19
N GLU D 229 32.41 13.71 -1.02
CA GLU D 229 33.07 15.02 -1.07
C GLU D 229 32.88 15.73 -2.41
N PRO D 230 33.08 15.01 -3.53
CA PRO D 230 32.93 15.62 -4.85
C PRO D 230 31.52 16.16 -5.11
N VAL D 231 30.52 15.40 -4.71
CA VAL D 231 29.12 15.80 -4.90
C VAL D 231 28.76 16.91 -3.91
N PHE D 232 29.34 16.86 -2.72
CA PHE D 232 29.06 17.90 -1.74
C PHE D 232 29.64 19.20 -2.29
N THR D 233 30.78 19.09 -2.96
CA THR D 233 31.43 20.27 -3.54
C THR D 233 30.60 20.91 -4.64
N ASP D 234 30.01 20.08 -5.50
CA ASP D 234 29.16 20.60 -6.57
C ASP D 234 27.90 21.15 -5.92
N GLY D 235 27.66 20.75 -4.68
CA GLY D 235 26.50 21.22 -3.96
C GLY D 235 26.81 22.62 -3.45
N ASP D 236 28.10 22.97 -3.52
CA ASP D 236 28.64 24.26 -3.12
C ASP D 236 28.68 24.49 -1.60
N ASP D 237 29.19 23.49 -0.88
CA ASP D 237 29.30 23.54 0.57
C ASP D 237 30.26 22.46 1.03
N THR D 238 30.48 22.42 2.34
CA THR D 238 31.31 21.42 2.97
C THR D 238 30.58 21.12 4.27
N PRO D 239 31.04 20.11 5.02
CA PRO D 239 30.32 19.84 6.27
C PRO D 239 30.40 21.04 7.21
N TRP D 240 31.45 21.84 7.07
CA TRP D 240 31.63 23.00 7.93
C TRP D 240 30.79 24.21 7.54
N SER D 241 30.65 24.45 6.24
CA SER D 241 29.84 25.58 5.80
C SER D 241 28.40 25.34 6.16
N LYS D 242 27.93 24.08 6.04
CA LYS D 242 26.55 23.77 6.38
C LYS D 242 26.35 23.72 7.89
N GLY D 243 27.37 23.30 8.62
CA GLY D 243 27.26 23.27 10.06
C GLY D 243 27.15 24.71 10.53
N PHE D 244 27.92 25.60 9.91
CA PHE D 244 27.90 27.01 10.26
C PHE D 244 26.53 27.59 9.98
N LEU D 245 26.00 27.26 8.80
CA LEU D 245 24.71 27.74 8.37
C LEU D 245 23.60 27.24 9.29
N ALA D 246 23.81 26.06 9.86
CA ALA D 246 22.83 25.47 10.76
C ALA D 246 22.75 26.30 12.04
N SER D 247 23.90 26.73 12.52
CA SER D 247 23.95 27.51 13.74
C SER D 247 23.52 28.95 13.49
N SER D 248 23.59 29.39 12.24
CA SER D 248 23.19 30.75 11.90
C SER D 248 21.67 30.84 11.94
N TYR D 249 21.00 29.84 11.39
CA TYR D 249 19.53 29.82 11.42
C TYR D 249 19.04 29.82 12.86
N ALA D 250 19.70 29.02 13.69
CA ALA D 250 19.35 28.91 15.10
C ALA D 250 19.55 30.23 15.84
N SER D 251 20.60 30.97 15.50
CA SER D 251 20.87 32.23 16.16
C SER D 251 19.83 33.30 15.82
N ARG D 252 19.01 33.04 14.82
CA ARG D 252 17.97 33.97 14.43
C ARG D 252 16.63 33.50 14.96
N GLY D 253 16.68 32.40 15.72
CA GLY D 253 15.47 31.84 16.32
C GLY D 253 14.63 31.01 15.36
N LEU D 254 15.22 30.60 14.24
CA LEU D 254 14.53 29.81 13.24
C LEU D 254 14.86 28.32 13.31
N LYS D 255 13.83 27.48 13.29
CA LYS D 255 13.97 26.03 13.32
C LYS D 255 14.41 25.57 11.93
N MET D 256 15.25 24.55 11.87
CA MET D 256 15.70 24.04 10.58
C MET D 256 16.16 22.59 10.64
N ARG D 257 16.32 21.98 9.47
CA ARG D 257 16.77 20.61 9.34
C ARG D 257 17.53 20.55 8.03
N PHE D 258 18.28 19.48 7.82
CA PHE D 258 19.01 19.34 6.59
C PHE D 258 18.13 18.52 5.66
N THR D 259 18.56 18.39 4.41
CA THR D 259 17.88 17.56 3.43
C THR D 259 18.93 16.76 2.73
N SER D 260 18.64 15.48 2.53
CA SER D 260 19.55 14.56 1.86
C SER D 260 18.68 13.59 1.07
N GLY D 261 19.06 12.32 1.04
CA GLY D 261 18.26 11.36 0.31
C GLY D 261 19.05 10.45 -0.60
N SER D 262 18.70 9.17 -0.57
CA SER D 262 19.36 8.17 -1.38
C SER D 262 19.29 8.49 -2.87
N GLY D 263 20.41 8.27 -3.56
CA GLY D 263 20.47 8.52 -4.99
C GLY D 263 21.05 9.83 -5.48
N SER D 264 21.20 10.82 -4.61
CA SER D 264 21.72 12.11 -5.05
C SER D 264 23.16 12.03 -5.55
N GLU D 265 24.01 11.28 -4.86
CA GLU D 265 25.40 11.15 -5.28
C GLU D 265 25.45 10.58 -6.70
N VAL D 266 24.62 9.59 -6.95
CA VAL D 266 24.56 8.96 -8.27
C VAL D 266 24.06 9.97 -9.29
N GLN D 267 22.99 10.67 -8.94
CA GLN D 267 22.41 11.68 -9.84
C GLN D 267 23.43 12.76 -10.17
N MET D 268 24.35 13.03 -9.25
CA MET D 268 25.36 14.06 -9.49
C MET D 268 26.74 13.56 -9.92
N GLY D 269 26.81 12.33 -10.41
CA GLY D 269 28.08 11.81 -10.91
C GLY D 269 29.15 11.13 -10.07
N TYR D 270 29.12 11.26 -8.74
CA TYR D 270 30.16 10.64 -7.92
C TYR D 270 29.63 9.88 -6.72
N ALA D 271 29.38 8.59 -6.92
CA ALA D 271 28.87 7.75 -5.84
C ALA D 271 30.06 7.06 -5.18
N GLU D 272 31.22 7.17 -5.80
CA GLU D 272 32.43 6.55 -5.28
C GLU D 272 32.19 5.06 -5.08
N GLY D 273 31.50 4.46 -6.04
CA GLY D 273 31.20 3.04 -6.00
C GLY D 273 30.43 2.50 -4.81
N LYS D 274 29.86 3.37 -3.99
CA LYS D 274 29.12 2.90 -2.83
C LYS D 274 27.62 2.81 -3.08
N SER D 275 26.91 2.10 -2.22
CA SER D 275 25.46 1.97 -2.37
C SER D 275 24.81 3.25 -1.88
N MET D 276 23.60 3.51 -2.38
CA MET D 276 22.86 4.70 -2.01
C MET D 276 22.60 4.76 -0.51
N LEU D 277 22.36 3.61 0.09
CA LEU D 277 22.10 3.59 1.53
C LEU D 277 23.35 3.96 2.32
N TYR D 278 24.50 3.41 1.94
CA TYR D 278 25.73 3.74 2.66
C TYR D 278 26.00 5.23 2.62
N LEU D 279 25.92 5.81 1.43
CA LEU D 279 26.16 7.24 1.25
C LEU D 279 25.14 8.07 2.00
N GLU D 280 23.88 7.64 1.96
CA GLU D 280 22.83 8.36 2.67
C GLU D 280 23.10 8.30 4.16
N ALA D 281 23.67 7.18 4.62
CA ALA D 281 24.00 7.05 6.02
C ALA D 281 24.98 8.15 6.42
N ARG D 282 25.94 8.42 5.54
CA ARG D 282 26.95 9.45 5.80
C ARG D 282 26.25 10.79 6.00
N CYS D 283 25.24 11.06 5.17
CA CYS D 283 24.50 12.31 5.27
C CYS D 283 23.76 12.38 6.59
N ILE D 284 23.18 11.26 7.00
CA ILE D 284 22.45 11.22 8.25
C ILE D 284 23.40 11.56 9.40
N TYR D 285 24.61 11.04 9.33
CA TYR D 285 25.58 11.31 10.37
C TYR D 285 26.11 12.73 10.28
N ILE D 286 26.24 13.26 9.06
CA ILE D 286 26.70 14.64 8.93
C ILE D 286 25.69 15.51 9.67
N THR D 287 24.40 15.21 9.50
CA THR D 287 23.32 15.95 10.13
C THR D 287 23.44 15.89 11.63
N LYS D 288 23.66 14.68 12.16
CA LYS D 288 23.81 14.48 13.58
C LYS D 288 25.02 15.29 14.07
N ALA D 289 26.15 15.11 13.40
CA ALA D 289 27.39 15.80 13.76
C ALA D 289 27.22 17.32 13.84
N ALA D 290 26.50 17.88 12.88
CA ALA D 290 26.30 19.33 12.84
C ALA D 290 25.49 19.87 14.00
N GLY D 291 24.71 19.02 14.66
CA GLY D 291 23.90 19.50 15.76
C GLY D 291 22.50 19.85 15.30
N VAL D 292 22.21 19.53 14.04
CA VAL D 292 20.90 19.79 13.45
C VAL D 292 19.91 18.82 14.10
N GLN D 293 18.69 19.28 14.37
CA GLN D 293 17.70 18.44 15.04
C GLN D 293 16.99 17.41 14.18
N GLY D 294 16.74 17.74 12.92
CA GLY D 294 16.06 16.81 12.06
C GLY D 294 16.64 16.70 10.67
N LEU D 295 16.06 15.80 9.88
CA LEU D 295 16.52 15.59 8.51
C LEU D 295 15.39 15.19 7.58
N GLN D 296 15.40 15.73 6.37
CA GLN D 296 14.40 15.37 5.39
C GLN D 296 15.09 14.38 4.48
N ASN D 297 14.73 13.10 4.60
CA ASN D 297 15.33 12.10 3.75
C ASN D 297 14.35 11.04 3.25
N GLY D 298 14.87 9.99 2.64
CA GLY D 298 14.03 8.96 2.08
C GLY D 298 14.07 9.21 0.57
N SER D 299 15.27 9.49 0.07
CA SER D 299 15.55 9.78 -1.34
C SER D 299 15.09 11.18 -1.79
N VAL D 300 13.92 11.58 -1.31
CA VAL D 300 13.35 12.88 -1.63
C VAL D 300 13.30 13.14 -3.15
N SER D 301 13.92 14.21 -3.62
CA SER D 301 13.89 14.56 -5.03
C SER D 301 14.61 13.66 -6.03
N CYS D 302 15.43 12.73 -5.55
CA CYS D 302 16.14 11.82 -6.44
C CYS D 302 15.54 10.42 -6.37
N ILE D 303 14.27 10.34 -5.99
CA ILE D 303 13.53 9.09 -5.83
C ILE D 303 13.60 8.17 -7.06
N GLY D 304 13.82 8.76 -8.23
CA GLY D 304 13.90 7.98 -9.45
C GLY D 304 15.14 7.12 -9.61
N VAL D 305 16.14 7.36 -8.77
CA VAL D 305 17.38 6.60 -8.84
C VAL D 305 17.29 5.28 -8.07
N PRO D 306 16.96 5.33 -6.77
CA PRO D 306 16.88 4.06 -6.04
C PRO D 306 15.67 3.23 -6.48
N SER D 307 14.61 3.91 -6.92
CA SER D 307 13.40 3.21 -7.35
C SER D 307 13.62 2.43 -8.64
N ALA D 308 14.63 2.81 -9.41
CA ALA D 308 14.88 2.09 -10.67
C ALA D 308 15.63 0.79 -10.47
N VAL D 309 16.17 0.57 -9.27
CA VAL D 309 16.91 -0.66 -8.97
C VAL D 309 16.24 -1.49 -7.89
N PRO D 310 16.63 -2.78 -7.78
CA PRO D 310 16.05 -3.70 -6.77
C PRO D 310 16.12 -3.19 -5.34
N SER D 311 15.10 -3.52 -4.55
CA SER D 311 15.03 -3.11 -3.15
C SER D 311 15.18 -1.62 -2.92
N GLY D 312 14.88 -0.83 -3.95
CA GLY D 312 15.00 0.61 -3.83
C GLY D 312 14.08 1.27 -2.83
N ILE D 313 12.80 0.87 -2.85
CA ILE D 313 11.81 1.44 -1.93
C ILE D 313 12.04 0.94 -0.50
N ARG D 314 12.56 -0.28 -0.39
CA ARG D 314 12.88 -0.84 0.92
C ARG D 314 14.04 -0.03 1.50
N ALA D 315 14.95 0.41 0.63
CA ALA D 315 16.10 1.19 1.06
C ALA D 315 15.63 2.54 1.56
N VAL D 316 14.63 3.09 0.88
CA VAL D 316 14.06 4.37 1.25
C VAL D 316 13.53 4.32 2.68
N LEU D 317 12.83 3.25 3.04
CA LEU D 317 12.31 3.12 4.40
C LEU D 317 13.48 2.93 5.36
N ALA D 318 14.49 2.19 4.92
CA ALA D 318 15.67 1.94 5.75
C ALA D 318 16.36 3.23 6.18
N GLU D 319 16.57 4.16 5.24
CA GLU D 319 17.23 5.42 5.59
C GLU D 319 16.36 6.23 6.55
N ASN D 320 15.04 6.18 6.39
CA ASN D 320 14.14 6.88 7.29
C ASN D 320 14.32 6.30 8.68
N LEU D 321 14.44 4.97 8.75
CA LEU D 321 14.62 4.30 10.04
C LEU D 321 15.97 4.65 10.66
N ILE D 322 17.02 4.68 9.85
CA ILE D 322 18.35 5.05 10.36
C ILE D 322 18.27 6.44 10.99
N CYS D 323 17.52 7.33 10.33
CA CYS D 323 17.37 8.69 10.80
C CYS D 323 16.73 8.77 12.17
N SER D 324 15.54 8.19 12.30
CA SER D 324 14.84 8.21 13.58
C SER D 324 15.61 7.47 14.66
N SER D 325 16.25 6.37 14.28
CA SER D 325 17.02 5.58 15.23
C SER D 325 18.18 6.39 15.79
N LEU D 326 18.67 7.34 15.00
CA LEU D 326 19.78 8.19 15.44
C LEU D 326 19.28 9.39 16.25
N ASP D 327 18.04 9.30 16.71
CA ASP D 327 17.41 10.35 17.49
C ASP D 327 17.32 11.67 16.74
N LEU D 328 16.91 11.59 15.48
CA LEU D 328 16.74 12.79 14.65
C LEU D 328 15.30 12.82 14.15
N GLU D 329 14.74 14.02 14.04
CA GLU D 329 13.38 14.21 13.53
C GLU D 329 13.48 13.77 12.07
N CYS D 330 12.47 13.05 11.58
CA CYS D 330 12.50 12.61 10.19
C CYS D 330 11.28 13.07 9.38
N ALA D 331 11.55 13.87 8.34
CA ALA D 331 10.49 14.32 7.44
C ALA D 331 10.72 13.32 6.33
N SER D 332 9.94 12.25 6.36
CA SER D 332 10.09 11.14 5.43
C SER D 332 9.61 11.21 3.99
N SER D 333 10.16 12.14 3.22
CA SER D 333 9.84 12.30 1.80
C SER D 333 8.37 12.06 1.38
N ASN D 334 8.14 11.09 0.50
CA ASN D 334 6.78 10.83 -0.01
C ASN D 334 6.31 12.17 -0.57
N ASP D 335 7.23 12.87 -1.22
CA ASP D 335 6.97 14.19 -1.76
C ASP D 335 7.38 14.34 -3.21
N GLN D 336 7.83 13.26 -3.84
CA GLN D 336 8.28 13.37 -5.21
C GLN D 336 7.83 12.22 -6.13
N THR D 337 7.47 12.57 -7.35
CA THR D 337 7.02 11.58 -8.31
C THR D 337 8.14 10.68 -8.79
N PHE D 338 7.83 9.40 -8.94
CA PHE D 338 8.81 8.44 -9.41
C PHE D 338 8.14 7.33 -10.23
N THR D 339 6.81 7.38 -10.31
CA THR D 339 6.09 6.35 -11.05
C THR D 339 4.79 6.85 -11.67
N HIS D 340 4.36 6.18 -12.75
CA HIS D 340 3.11 6.52 -13.42
C HIS D 340 1.98 5.68 -12.82
N SER D 341 2.34 4.76 -11.92
CA SER D 341 1.36 3.85 -11.31
C SER D 341 0.86 4.22 -9.94
N ASP D 342 -0.46 4.20 -9.78
CA ASP D 342 -1.07 4.50 -8.49
C ASP D 342 -0.77 3.38 -7.51
N MET D 343 -0.74 2.15 -8.00
CA MET D 343 -0.45 1.02 -7.14
C MET D 343 0.95 1.18 -6.58
N ARG D 344 1.91 1.38 -7.48
CA ARG D 344 3.28 1.52 -7.08
C ARG D 344 3.54 2.66 -6.10
N ARG D 345 2.99 3.85 -6.39
CA ARG D 345 3.24 4.98 -5.50
C ARG D 345 2.58 4.76 -4.15
N THR D 346 1.45 4.07 -4.12
CA THR D 346 0.76 3.82 -2.88
C THR D 346 1.60 2.92 -1.98
N ALA D 347 2.25 1.92 -2.57
CA ALA D 347 3.09 1.00 -1.82
C ALA D 347 4.25 1.75 -1.19
N ARG D 348 4.81 2.69 -1.96
CA ARG D 348 5.93 3.50 -1.50
C ARG D 348 5.55 4.39 -0.31
N LEU D 349 4.34 4.92 -0.34
CA LEU D 349 3.86 5.81 0.71
C LEU D 349 3.51 5.07 1.99
N LEU D 350 2.86 3.92 1.86
CA LEU D 350 2.46 3.14 3.02
C LEU D 350 3.60 2.74 3.95
N MET D 351 4.82 2.75 3.44
CA MET D 351 5.98 2.39 4.24
C MET D 351 6.14 3.34 5.43
N GLN D 352 5.85 4.62 5.21
CA GLN D 352 5.98 5.62 6.27
C GLN D 352 4.62 5.94 6.89
N PHE D 353 3.59 5.92 6.05
CA PHE D 353 2.22 6.19 6.48
C PHE D 353 1.75 5.27 7.58
N LEU D 354 1.88 3.97 7.34
CA LEU D 354 1.44 2.93 8.29
C LEU D 354 2.02 3.07 9.70
N PRO D 355 3.36 3.12 9.83
CA PRO D 355 3.96 3.27 11.16
C PRO D 355 3.91 4.70 11.67
N GLY D 356 3.96 5.65 10.73
CA GLY D 356 3.94 7.06 11.09
C GLY D 356 5.33 7.57 11.38
N THR D 357 5.62 8.80 10.93
CA THR D 357 6.92 9.43 11.15
C THR D 357 6.64 10.87 11.54
N ASP D 358 7.67 11.60 11.94
CA ASP D 358 7.49 12.99 12.33
C ASP D 358 6.68 13.72 11.26
N PHE D 359 7.01 13.48 9.99
CA PHE D 359 6.27 14.06 8.87
C PHE D 359 6.16 12.94 7.84
N ILE D 360 5.02 12.26 7.84
CA ILE D 360 4.80 11.15 6.92
C ILE D 360 5.18 11.51 5.48
N SER D 361 4.92 12.74 5.09
CA SER D 361 5.31 13.24 3.79
C SER D 361 6.01 14.53 4.13
N SER D 362 7.10 14.80 3.45
CA SER D 362 7.80 16.05 3.65
C SER D 362 7.52 16.82 2.37
N GLY D 363 6.26 16.80 1.97
CA GLY D 363 5.88 17.50 0.76
C GLY D 363 4.72 16.90 -0.01
N TYR D 364 3.61 16.66 0.67
CA TYR D 364 2.43 16.13 0.00
C TYR D 364 1.97 17.35 -0.79
N SER D 365 1.78 17.21 -2.10
CA SER D 365 1.35 18.37 -2.87
C SER D 365 -0.07 18.80 -2.57
N ALA D 366 -0.22 19.99 -1.99
CA ALA D 366 -1.52 20.54 -1.64
C ALA D 366 -2.21 21.18 -2.87
N VAL D 367 -1.57 21.04 -4.02
CA VAL D 367 -2.11 21.55 -5.28
C VAL D 367 -1.98 20.41 -6.31
N PRO D 368 -2.75 20.47 -7.40
CA PRO D 368 -2.63 19.39 -8.40
C PRO D 368 -1.20 19.40 -8.91
N ASN D 369 -0.63 18.23 -9.15
CA ASN D 369 0.75 18.15 -9.58
C ASN D 369 1.19 19.01 -10.75
N TYR D 370 0.28 19.43 -11.61
CA TYR D 370 0.72 20.27 -12.73
C TYR D 370 1.21 21.62 -12.18
N ASP D 371 0.83 21.93 -10.94
CA ASP D 371 1.26 23.17 -10.29
C ASP D 371 2.44 22.93 -9.33
N ASN D 372 2.77 21.66 -9.09
CA ASN D 372 3.87 21.32 -8.18
C ASN D 372 5.23 21.68 -8.76
N MET D 373 5.85 22.70 -8.19
CA MET D 373 7.16 23.17 -8.67
C MET D 373 8.38 22.37 -8.21
N PHE D 374 8.13 21.19 -7.66
CA PHE D 374 9.18 20.28 -7.22
C PHE D 374 9.10 19.11 -8.20
N ALA D 375 8.56 19.40 -9.39
CA ALA D 375 8.41 18.42 -10.44
C ALA D 375 7.44 17.29 -10.12
N GLY D 376 6.50 17.54 -9.21
CA GLY D 376 5.52 16.52 -8.86
C GLY D 376 5.76 15.79 -7.54
N SER D 377 4.69 15.63 -6.76
CA SER D 377 4.76 14.94 -5.48
C SER D 377 4.20 13.52 -5.59
N ASN D 378 4.52 12.68 -4.63
CA ASN D 378 4.03 11.31 -4.64
C ASN D 378 2.51 11.29 -4.41
N GLU D 379 1.98 12.42 -3.95
CA GLU D 379 0.54 12.57 -3.70
C GLU D 379 0.23 14.03 -4.01
N ASP D 380 -1.00 14.33 -4.38
CA ASP D 380 -1.40 15.71 -4.65
C ASP D 380 -2.85 15.97 -4.24
N ALA D 381 -3.31 17.20 -4.48
CA ALA D 381 -4.66 17.61 -4.11
C ALA D 381 -5.77 16.66 -4.55
N GLU D 382 -5.60 16.01 -5.69
CA GLU D 382 -6.61 15.09 -6.21
C GLU D 382 -6.68 13.75 -5.46
N ASP D 383 -5.71 13.49 -4.59
CA ASP D 383 -5.67 12.26 -3.81
C ASP D 383 -6.24 12.48 -2.40
N PHE D 384 -6.55 13.73 -2.05
CA PHE D 384 -7.07 14.01 -0.69
C PHE D 384 -8.14 13.06 -0.18
N ASP D 385 -9.16 12.78 -1.00
CA ASP D 385 -10.24 11.89 -0.58
C ASP D 385 -9.77 10.47 -0.36
N ASP D 386 -8.86 9.99 -1.20
CA ASP D 386 -8.33 8.64 -1.04
C ASP D 386 -7.52 8.53 0.25
N TYR D 387 -6.78 9.58 0.56
CA TYR D 387 -5.94 9.58 1.75
C TYR D 387 -6.79 9.49 3.01
N ASN D 388 -7.90 10.22 3.04
CA ASN D 388 -8.79 10.17 4.20
C ASN D 388 -9.49 8.83 4.28
N VAL D 389 -9.69 8.19 3.13
CA VAL D 389 -10.35 6.89 3.08
C VAL D 389 -9.44 5.80 3.63
N ILE D 390 -8.17 5.85 3.26
CA ILE D 390 -7.23 4.85 3.74
C ILE D 390 -7.03 5.02 5.24
N GLN D 391 -7.11 6.26 5.72
CA GLN D 391 -6.98 6.51 7.16
C GLN D 391 -8.14 5.80 7.84
N ARG D 392 -9.31 5.92 7.24
CA ARG D 392 -10.53 5.32 7.75
C ARG D 392 -10.47 3.79 7.65
N ASP D 393 -10.02 3.28 6.51
CA ASP D 393 -9.92 1.84 6.32
C ASP D 393 -9.03 1.13 7.33
N LEU D 394 -7.82 1.65 7.49
CA LEU D 394 -6.82 1.07 8.39
C LEU D 394 -6.75 1.62 9.82
N LYS D 395 -7.57 2.62 10.12
CA LYS D 395 -7.56 3.26 11.42
C LYS D 395 -6.15 3.75 11.72
N VAL D 396 -5.59 4.45 10.74
CA VAL D 396 -4.25 5.00 10.84
C VAL D 396 -4.31 6.53 10.74
N ASP D 397 -3.64 7.21 11.67
CA ASP D 397 -3.63 8.66 11.64
C ASP D 397 -2.60 9.10 10.61
N GLY D 398 -3.08 9.63 9.49
CA GLY D 398 -2.19 10.09 8.44
C GLY D 398 -1.92 11.58 8.56
N GLY D 399 -2.42 12.17 9.65
CA GLY D 399 -2.21 13.59 9.89
C GLY D 399 -3.17 14.54 9.18
N LEU D 400 -4.08 14.01 8.38
CA LEU D 400 -5.01 14.88 7.67
C LEU D 400 -6.45 14.60 8.09
N ARG D 401 -7.40 15.34 7.52
CA ARG D 401 -8.81 15.12 7.86
C ARG D 401 -9.73 15.51 6.74
N PRO D 402 -10.96 14.97 6.77
CA PRO D 402 -11.95 15.29 5.73
C PRO D 402 -12.42 16.73 6.02
N VAL D 403 -12.72 17.49 4.98
CA VAL D 403 -13.18 18.86 5.16
C VAL D 403 -14.41 19.20 4.31
N ARG D 404 -15.12 20.26 4.71
CA ARG D 404 -16.32 20.69 4.00
C ARG D 404 -15.99 21.76 2.99
N GLU D 405 -16.56 21.64 1.79
CA GLU D 405 -16.29 22.61 0.74
C GLU D 405 -16.57 24.03 1.27
N GLU D 406 -17.72 24.20 1.91
CA GLU D 406 -18.11 25.48 2.48
C GLU D 406 -16.98 26.08 3.33
N ASP D 407 -16.38 25.28 4.20
CA ASP D 407 -15.28 25.78 5.04
C ASP D 407 -14.05 26.11 4.21
N VAL D 408 -13.67 25.21 3.32
CA VAL D 408 -12.49 25.44 2.49
C VAL D 408 -12.65 26.75 1.74
N ILE D 409 -13.79 26.90 1.05
CA ILE D 409 -14.04 28.12 0.29
C ILE D 409 -13.88 29.38 1.15
N ALA D 410 -14.49 29.39 2.34
CA ALA D 410 -14.39 30.53 3.25
C ALA D 410 -12.93 30.84 3.58
N ILE D 411 -12.21 29.83 4.07
CA ILE D 411 -10.81 29.97 4.42
C ILE D 411 -9.97 30.46 3.24
N ARG D 412 -10.18 29.85 2.07
CA ARG D 412 -9.42 30.23 0.88
C ARG D 412 -9.69 31.70 0.60
N ASN D 413 -10.93 32.12 0.82
CA ASN D 413 -11.31 33.50 0.55
C ASN D 413 -10.65 34.45 1.54
N LYS D 414 -10.78 34.15 2.82
CA LYS D 414 -10.19 35.01 3.84
C LYS D 414 -8.70 35.15 3.62
N ALA D 415 -8.07 34.11 3.06
CA ALA D 415 -6.64 34.14 2.79
C ALA D 415 -6.29 35.03 1.60
N ALA D 416 -7.20 35.11 0.64
CA ALA D 416 -6.98 35.93 -0.55
C ALA D 416 -7.19 37.41 -0.23
N ARG D 417 -8.20 37.71 0.57
CA ARG D 417 -8.45 39.10 0.92
C ARG D 417 -7.35 39.56 1.88
N ALA D 418 -6.90 38.66 2.73
CA ALA D 418 -5.84 38.98 3.69
C ALA D 418 -4.59 39.40 2.93
N LEU D 419 -4.18 38.59 1.96
CA LEU D 419 -2.99 38.89 1.17
C LEU D 419 -3.21 40.17 0.35
N GLN D 420 -4.42 40.34 -0.16
CA GLN D 420 -4.76 41.52 -0.95
C GLN D 420 -4.45 42.76 -0.10
N ALA D 421 -4.95 42.74 1.14
CA ALA D 421 -4.73 43.83 2.07
C ALA D 421 -3.25 44.06 2.33
N VAL D 422 -2.48 42.96 2.37
CA VAL D 422 -1.05 43.06 2.61
C VAL D 422 -0.37 43.73 1.43
N PHE D 423 -0.74 43.33 0.21
CA PHE D 423 -0.16 43.91 -1.00
C PHE D 423 -0.50 45.38 -1.14
N ALA D 424 -1.71 45.74 -0.72
CA ALA D 424 -2.15 47.12 -0.80
C ALA D 424 -1.32 47.92 0.19
N GLY D 425 -1.27 47.44 1.43
CA GLY D 425 -0.52 48.11 2.47
C GLY D 425 0.94 48.37 2.12
N MET D 426 1.64 47.34 1.68
CA MET D 426 3.04 47.47 1.33
C MET D 426 3.23 48.13 -0.03
N GLY D 427 2.12 48.51 -0.65
CA GLY D 427 2.19 49.16 -1.94
C GLY D 427 2.83 48.29 -3.01
N LEU D 428 2.37 47.06 -3.16
CA LEU D 428 2.91 46.14 -4.17
C LEU D 428 1.87 45.99 -5.28
N PRO D 429 2.27 45.44 -6.44
CA PRO D 429 1.33 45.25 -7.54
C PRO D 429 0.02 44.66 -7.01
N PRO D 430 -1.04 45.48 -6.98
CA PRO D 430 -2.38 45.11 -6.49
C PRO D 430 -2.95 43.74 -6.87
N ILE D 431 -3.79 43.22 -5.97
CA ILE D 431 -4.47 41.95 -6.16
C ILE D 431 -5.94 42.35 -6.29
N THR D 432 -6.46 42.19 -7.50
CA THR D 432 -7.85 42.56 -7.81
C THR D 432 -8.84 41.60 -7.20
N ASP D 433 -10.05 42.09 -6.96
CA ASP D 433 -11.09 41.27 -6.39
C ASP D 433 -11.41 40.09 -7.30
N GLU D 434 -11.03 40.20 -8.57
CA GLU D 434 -11.24 39.11 -9.51
C GLU D 434 -10.29 37.99 -9.13
N GLU D 435 -9.03 38.35 -8.91
CA GLU D 435 -8.01 37.40 -8.52
C GLU D 435 -8.39 36.73 -7.19
N VAL D 436 -8.98 37.52 -6.29
CA VAL D 436 -9.40 37.02 -5.00
C VAL D 436 -10.45 35.94 -5.15
N GLU D 437 -11.53 36.24 -5.87
CA GLU D 437 -12.57 35.22 -6.02
C GLU D 437 -12.07 34.05 -6.84
N ALA D 438 -11.22 34.34 -7.82
CA ALA D 438 -10.67 33.28 -8.65
C ALA D 438 -9.94 32.28 -7.77
N ALA D 439 -9.07 32.80 -6.91
CA ALA D 439 -8.28 31.97 -6.00
C ALA D 439 -9.16 31.25 -4.99
N THR D 440 -10.34 31.81 -4.72
CA THR D 440 -11.26 31.22 -3.76
C THR D 440 -11.85 29.90 -4.25
N TYR D 441 -12.00 29.78 -5.57
CA TYR D 441 -12.60 28.57 -6.16
C TYR D 441 -11.72 27.81 -7.13
N ALA D 442 -10.45 28.18 -7.22
CA ALA D 442 -9.53 27.50 -8.12
C ALA D 442 -9.10 26.12 -7.65
N HIS D 443 -8.57 25.35 -8.58
CA HIS D 443 -8.07 24.02 -8.30
C HIS D 443 -6.59 24.08 -8.66
N GLY D 444 -6.24 25.09 -9.45
CA GLY D 444 -4.86 25.27 -9.88
C GLY D 444 -4.74 26.56 -10.67
N SER D 445 -3.51 26.90 -11.05
CA SER D 445 -3.25 28.13 -11.79
C SER D 445 -4.10 28.26 -13.05
N LYS D 446 -4.52 27.15 -13.64
CA LYS D 446 -5.34 27.21 -14.84
C LYS D 446 -6.58 28.06 -14.60
N ASP D 447 -7.00 28.14 -13.34
CA ASP D 447 -8.18 28.90 -12.97
C ASP D 447 -7.85 30.30 -12.48
N MET D 448 -6.58 30.68 -12.57
CA MET D 448 -6.15 32.00 -12.10
C MET D 448 -5.91 33.01 -13.22
N PRO D 449 -6.33 34.27 -12.99
CA PRO D 449 -6.14 35.33 -13.98
C PRO D 449 -4.64 35.57 -14.13
N GLU D 450 -4.20 35.78 -15.36
CA GLU D 450 -2.78 36.01 -15.66
C GLU D 450 -2.29 37.28 -14.96
N ARG D 451 -1.14 37.20 -14.29
CA ARG D 451 -0.58 38.37 -13.60
C ARG D 451 0.59 38.98 -14.36
N ASN D 452 0.96 40.20 -13.97
CA ASN D 452 2.08 40.89 -14.61
C ASN D 452 3.34 40.44 -13.90
N ILE D 453 3.89 39.34 -14.40
CA ILE D 453 5.10 38.76 -13.83
C ILE D 453 6.25 39.76 -13.74
N VAL D 454 6.49 40.48 -14.83
CA VAL D 454 7.57 41.46 -14.84
C VAL D 454 7.42 42.49 -13.72
N GLU D 455 6.20 42.92 -13.45
CA GLU D 455 5.96 43.91 -12.40
C GLU D 455 6.15 43.30 -11.00
N ASP D 456 5.62 42.11 -10.79
CA ASP D 456 5.77 41.46 -9.49
C ASP D 456 7.24 41.16 -9.23
N ILE D 457 7.94 40.62 -10.24
CA ILE D 457 9.35 40.30 -10.12
C ILE D 457 10.14 41.52 -9.63
N LYS D 458 9.74 42.70 -10.06
CA LYS D 458 10.40 43.94 -9.66
C LYS D 458 10.22 44.14 -8.15
N PHE D 459 8.97 44.33 -7.75
CA PHE D 459 8.65 44.55 -6.34
C PHE D 459 9.11 43.41 -5.42
N ALA D 460 9.25 42.21 -5.98
CA ALA D 460 9.71 41.07 -5.19
C ALA D 460 11.16 41.32 -4.81
N GLN D 461 11.99 41.65 -5.79
CA GLN D 461 13.40 41.93 -5.54
C GLN D 461 13.58 43.16 -4.64
N GLU D 462 12.67 44.11 -4.77
CA GLU D 462 12.71 45.34 -3.99
C GLU D 462 12.63 45.00 -2.50
N ILE D 463 11.74 44.07 -2.16
CA ILE D 463 11.57 43.65 -0.77
C ILE D 463 12.92 43.18 -0.21
N ILE D 464 13.71 42.53 -1.07
CA ILE D 464 15.02 42.03 -0.67
C ILE D 464 16.04 43.17 -0.62
N ASN D 465 16.24 43.82 -1.76
CA ASN D 465 17.21 44.91 -1.88
C ASN D 465 16.97 46.09 -0.93
N LYS D 466 15.73 46.29 -0.51
CA LYS D 466 15.41 47.38 0.39
C LYS D 466 15.17 46.83 1.82
N ASN D 467 15.51 45.56 2.01
CA ASN D 467 15.35 44.89 3.30
C ASN D 467 14.01 45.11 3.97
N ARG D 468 12.94 44.91 3.22
CA ARG D 468 11.58 45.07 3.75
C ARG D 468 11.25 43.79 4.54
N ASN D 469 11.16 43.91 5.86
CA ASN D 469 10.88 42.75 6.70
C ASN D 469 9.40 42.45 6.97
N GLY D 470 9.18 41.33 7.66
CA GLY D 470 7.85 40.88 7.98
C GLY D 470 6.97 41.80 8.80
N LEU D 471 7.55 42.81 9.45
CA LEU D 471 6.72 43.72 10.25
C LEU D 471 5.81 44.52 9.31
N GLU D 472 6.32 44.81 8.11
CA GLU D 472 5.54 45.55 7.13
C GLU D 472 4.28 44.74 6.80
N VAL D 473 4.42 43.41 6.81
CA VAL D 473 3.30 42.53 6.53
C VAL D 473 2.32 42.52 7.71
N VAL D 474 2.85 42.52 8.93
CA VAL D 474 2.01 42.53 10.12
C VAL D 474 1.17 43.80 10.20
N LYS D 475 1.79 44.92 9.84
CA LYS D 475 1.11 46.20 9.89
C LYS D 475 0.06 46.31 8.79
N ALA D 476 0.43 45.95 7.58
CA ALA D 476 -0.49 46.00 6.45
C ALA D 476 -1.75 45.17 6.79
N LEU D 477 -1.56 44.02 7.42
CA LEU D 477 -2.67 43.16 7.83
C LEU D 477 -3.55 43.88 8.85
N ALA D 478 -2.90 44.50 9.84
CA ALA D 478 -3.61 45.22 10.88
C ALA D 478 -4.44 46.36 10.32
N GLN D 479 -3.81 47.18 9.49
CA GLN D 479 -4.49 48.33 8.89
C GLN D 479 -5.52 47.88 7.89
N GLY D 480 -5.36 46.65 7.39
CA GLY D 480 -6.28 46.12 6.41
C GLY D 480 -7.49 45.48 7.05
N GLY D 481 -7.61 45.59 8.37
CA GLY D 481 -8.73 45.01 9.08
C GLY D 481 -8.57 43.52 9.37
N PHE D 482 -7.33 43.09 9.47
CA PHE D 482 -7.03 41.69 9.77
C PHE D 482 -6.20 41.64 11.03
N THR D 483 -6.75 42.22 12.08
CA THR D 483 -6.08 42.25 13.37
C THR D 483 -5.72 40.82 13.80
N ASP D 484 -6.67 39.90 13.65
CA ASP D 484 -6.47 38.50 13.99
C ASP D 484 -5.21 37.91 13.36
N VAL D 485 -5.14 37.94 12.03
CA VAL D 485 -4.00 37.39 11.31
C VAL D 485 -2.69 38.08 11.69
N ALA D 486 -2.76 39.39 11.94
CA ALA D 486 -1.58 40.15 12.32
C ALA D 486 -1.01 39.63 13.63
N GLN D 487 -1.88 39.44 14.62
CA GLN D 487 -1.44 38.94 15.91
C GLN D 487 -0.89 37.54 15.69
N ASP D 488 -1.56 36.75 14.85
CA ASP D 488 -1.10 35.40 14.57
C ASP D 488 0.33 35.43 14.09
N MET D 489 0.61 36.31 13.14
CA MET D 489 1.96 36.42 12.61
C MET D 489 2.91 36.86 13.71
N LEU D 490 2.42 37.68 14.62
CA LEU D 490 3.25 38.12 15.74
C LEU D 490 3.53 36.94 16.66
N ASN D 491 2.51 36.13 16.91
CA ASN D 491 2.67 34.97 17.77
C ASN D 491 3.72 34.02 17.22
N ILE D 492 3.75 33.87 15.89
CA ILE D 492 4.75 33.02 15.27
C ILE D 492 6.11 33.64 15.61
N GLN D 493 6.17 34.96 15.51
CA GLN D 493 7.40 35.71 15.81
C GLN D 493 7.83 35.44 17.25
N LYS D 494 6.86 35.37 18.16
CA LYS D 494 7.16 35.11 19.57
C LYS D 494 7.87 33.78 19.75
N ALA D 495 7.41 32.77 19.01
CA ALA D 495 7.99 31.45 19.11
C ALA D 495 9.49 31.45 18.84
N LYS D 496 9.92 32.24 17.85
CA LYS D 496 11.32 32.32 17.51
C LYS D 496 12.10 32.93 18.68
N LEU D 497 11.45 33.81 19.42
CA LEU D 497 12.08 34.46 20.57
C LEU D 497 12.33 33.50 21.70
N THR D 498 11.41 32.57 21.93
CA THR D 498 11.57 31.64 23.04
C THR D 498 12.36 30.36 22.75
N GLY D 499 12.54 30.01 21.47
CA GLY D 499 13.32 28.84 21.12
C GLY D 499 12.80 27.44 21.39
N ASP D 500 11.59 27.33 21.93
CA ASP D 500 11.04 26.01 22.22
C ASP D 500 10.92 25.15 20.96
N TYR D 501 10.46 25.76 19.88
CA TYR D 501 10.26 25.01 18.66
C TYR D 501 11.53 24.73 17.85
N LEU D 502 12.68 24.97 18.46
CA LEU D 502 13.96 24.70 17.81
C LEU D 502 14.35 23.26 18.10
N HIS D 503 13.64 22.65 19.05
CA HIS D 503 13.90 21.29 19.47
C HIS D 503 13.32 20.22 18.54
N THR D 504 14.01 19.08 18.51
CA THR D 504 13.65 17.89 17.70
C THR D 504 12.16 17.71 17.44
N SER D 505 11.80 17.66 16.16
CA SER D 505 10.42 17.44 15.71
C SER D 505 9.34 18.48 16.07
N ALA D 506 9.74 19.58 16.69
CA ALA D 506 8.78 20.59 17.09
C ALA D 506 7.91 21.16 15.99
N ILE D 507 6.64 21.38 16.32
CA ILE D 507 5.64 21.99 15.45
C ILE D 507 4.77 22.76 16.44
N ILE D 508 3.91 23.64 15.96
CA ILE D 508 3.05 24.40 16.87
C ILE D 508 1.58 24.06 16.62
N VAL D 509 0.94 23.53 17.66
CA VAL D 509 -0.46 23.16 17.53
C VAL D 509 -1.34 23.93 18.51
N GLY D 510 -2.65 23.74 18.38
CA GLY D 510 -3.59 24.41 19.23
C GLY D 510 -3.34 25.89 19.37
N ASP D 511 -3.31 26.35 20.62
CA ASP D 511 -3.09 27.75 20.96
C ASP D 511 -1.60 28.07 21.08
N GLY D 512 -0.87 28.04 19.97
CA GLY D 512 0.55 28.32 20.03
C GLY D 512 1.30 27.40 20.96
N GLN D 513 0.92 26.12 20.94
CA GLN D 513 1.57 25.12 21.78
C GLN D 513 2.59 24.29 21.01
N VAL D 514 3.85 24.38 21.40
CA VAL D 514 4.89 23.62 20.73
C VAL D 514 4.68 22.14 21.06
N LEU D 515 4.85 21.29 20.06
CA LEU D 515 4.71 19.84 20.26
C LEU D 515 5.98 19.24 19.65
N SER D 516 6.92 18.84 20.52
CA SER D 516 8.17 18.28 20.06
C SER D 516 8.47 16.94 20.70
N ALA D 517 9.64 16.40 20.40
CA ALA D 517 10.05 15.11 20.96
C ALA D 517 10.43 15.28 22.43
N VAL D 518 10.50 16.52 22.89
CA VAL D 518 10.85 16.80 24.28
C VAL D 518 9.64 16.70 25.18
N ASN D 519 8.53 17.30 24.76
CA ASN D 519 7.31 17.27 25.56
C ASN D 519 6.30 16.27 25.04
N ASP D 520 6.61 15.61 23.92
CA ASP D 520 5.73 14.61 23.36
C ASP D 520 6.57 13.39 23.01
N VAL D 521 7.24 12.88 24.04
CA VAL D 521 8.14 11.73 23.93
C VAL D 521 7.43 10.48 23.43
N ASN D 522 7.94 9.87 22.36
CA ASN D 522 7.32 8.65 21.85
C ASN D 522 7.62 7.55 22.88
N ASP D 523 6.57 6.90 23.37
CA ASP D 523 6.73 5.86 24.39
C ASP D 523 6.20 4.51 23.96
N TYR D 524 6.44 4.13 22.71
CA TYR D 524 5.96 2.86 22.19
C TYR D 524 6.48 1.70 23.01
N ALA D 525 5.57 0.80 23.37
CA ALA D 525 5.90 -0.39 24.14
C ALA D 525 4.97 -1.53 23.72
N GLY D 526 4.72 -1.64 22.42
CA GLY D 526 3.85 -2.70 21.93
C GLY D 526 2.39 -2.31 21.91
N PRO D 527 1.48 -3.26 21.61
CA PRO D 527 0.04 -3.04 21.55
C PRO D 527 -0.54 -2.31 22.76
N ALA D 528 -1.50 -1.42 22.52
CA ALA D 528 -2.16 -0.68 23.59
C ALA D 528 -1.25 0.34 24.28
N THR D 529 -0.14 0.69 23.64
CA THR D 529 0.79 1.67 24.22
C THR D 529 1.26 2.58 23.08
N GLY D 530 1.87 3.71 23.44
CA GLY D 530 2.34 4.62 22.43
C GLY D 530 1.17 5.35 21.79
N TYR D 531 1.41 6.00 20.66
CA TYR D 531 0.37 6.73 19.98
C TYR D 531 -0.72 5.78 19.48
N ARG D 532 -1.97 6.17 19.65
CA ARG D 532 -3.09 5.36 19.17
C ARG D 532 -4.15 6.30 18.63
N LEU D 533 -4.62 6.03 17.43
CA LEU D 533 -5.65 6.86 16.84
C LEU D 533 -6.91 6.56 17.65
N GLN D 534 -7.55 7.59 18.17
CA GLN D 534 -8.75 7.38 18.97
C GLN D 534 -9.44 8.70 19.30
N GLY D 535 -10.41 8.63 20.22
CA GLY D 535 -11.14 9.83 20.61
C GLY D 535 -11.71 10.67 19.49
N GLU D 536 -11.68 11.98 19.68
CA GLU D 536 -12.20 12.92 18.69
C GLU D 536 -11.47 12.87 17.35
N ARG D 537 -10.16 12.61 17.41
CA ARG D 537 -9.37 12.54 16.18
C ARG D 537 -9.89 11.39 15.32
N TRP D 538 -10.16 10.25 15.97
CA TRP D 538 -10.69 9.07 15.28
C TRP D 538 -12.04 9.41 14.64
N GLU D 539 -12.90 10.12 15.39
CA GLU D 539 -14.21 10.52 14.90
C GLU D 539 -14.05 11.44 13.70
N GLU D 540 -13.03 12.28 13.78
CA GLU D 540 -12.70 13.22 12.73
C GLU D 540 -12.32 12.46 11.47
N ILE D 541 -11.50 11.43 11.66
CA ILE D 541 -11.03 10.62 10.55
C ILE D 541 -12.14 9.74 9.97
N LYS D 542 -13.05 9.31 10.83
CA LYS D 542 -14.15 8.46 10.40
C LYS D 542 -15.17 9.16 9.51
N ASN D 543 -15.45 10.43 9.80
CA ASN D 543 -16.44 11.20 9.05
C ASN D 543 -16.00 11.69 7.67
N ILE D 544 -15.86 10.78 6.71
CA ILE D 544 -15.47 11.18 5.36
C ILE D 544 -16.73 11.42 4.53
N PRO D 545 -16.61 12.14 3.41
CA PRO D 545 -17.78 12.40 2.56
C PRO D 545 -18.30 11.12 1.89
N GLY D 546 -19.62 10.97 1.87
CA GLY D 546 -20.20 9.79 1.25
C GLY D 546 -20.65 8.71 2.22
N ALA D 547 -20.33 8.87 3.51
CA ALA D 547 -20.71 7.89 4.51
C ALA D 547 -22.21 7.98 4.85
N LEU D 548 -23.01 7.26 4.08
CA LEU D 548 -24.46 7.25 4.25
C LEU D 548 -24.87 6.55 5.54
N ASP D 549 -25.79 7.15 6.29
CA ASP D 549 -26.27 6.53 7.50
C ASP D 549 -27.27 5.46 7.07
N PRO D 550 -26.97 4.18 7.33
CA PRO D 550 -27.83 3.06 6.95
C PRO D 550 -29.26 3.21 7.48
N ASN D 551 -29.47 4.27 8.26
CA ASN D 551 -30.78 4.57 8.85
C ASN D 551 -30.96 3.75 10.11
N GLY E 46 31.34 16.79 -35.92
CA GLY E 46 32.32 17.64 -35.19
C GLY E 46 32.18 19.11 -35.56
N PHE E 47 31.10 19.73 -35.10
CA PHE E 47 30.85 21.13 -35.39
C PHE E 47 31.56 22.08 -34.43
N LEU E 48 32.23 21.54 -33.42
CA LEU E 48 32.93 22.38 -32.46
C LEU E 48 34.44 22.16 -32.46
N THR E 49 35.17 23.27 -32.51
CA THR E 49 36.63 23.25 -32.51
C THR E 49 37.20 24.16 -31.43
N GLU E 50 38.07 23.58 -30.61
CA GLU E 50 38.73 24.25 -29.49
C GLU E 50 39.79 25.25 -29.96
N VAL E 51 39.59 26.54 -29.70
CA VAL E 51 40.56 27.57 -30.12
C VAL E 51 41.24 28.31 -28.97
N GLY E 52 41.96 27.60 -28.12
CA GLY E 52 42.67 28.23 -27.01
C GLY E 52 41.83 28.78 -25.85
N GLU E 53 42.46 28.90 -24.68
CA GLU E 53 41.81 29.39 -23.47
C GLU E 53 40.97 30.64 -23.73
N ALA E 54 39.70 30.59 -23.34
CA ALA E 54 38.79 31.71 -23.54
C ALA E 54 39.21 32.90 -22.68
N ARG E 55 39.16 34.09 -23.25
CA ARG E 55 39.52 35.30 -22.52
C ARG E 55 38.34 36.17 -22.17
N GLN E 56 38.52 37.02 -21.16
CA GLN E 56 37.49 37.93 -20.69
C GLN E 56 36.93 38.79 -21.82
N GLY E 57 35.62 39.02 -21.78
CA GLY E 57 34.98 39.83 -22.80
C GLY E 57 35.27 41.31 -22.67
N THR E 58 35.44 41.94 -23.84
CA THR E 58 35.77 43.37 -23.98
C THR E 58 34.57 44.31 -23.93
N GLN E 59 33.54 43.94 -24.69
CA GLN E 59 32.32 44.74 -24.79
C GLN E 59 31.11 44.03 -24.22
N GLN E 60 30.16 44.83 -23.71
CA GLN E 60 28.92 44.31 -23.13
C GLN E 60 27.89 43.87 -24.17
N ASP E 61 28.32 43.69 -25.42
CA ASP E 61 27.42 43.30 -26.49
C ASP E 61 27.44 41.80 -26.78
N GLU E 62 27.93 41.00 -25.84
CA GLU E 62 28.01 39.57 -26.04
C GLU E 62 27.39 38.75 -24.91
N VAL E 63 27.05 37.50 -25.21
CA VAL E 63 26.49 36.57 -24.25
C VAL E 63 27.27 35.28 -24.45
N ILE E 64 27.82 34.74 -23.38
CA ILE E 64 28.58 33.51 -23.48
C ILE E 64 27.77 32.25 -23.27
N ILE E 65 27.96 31.29 -24.17
CA ILE E 65 27.29 29.99 -24.10
C ILE E 65 28.35 29.04 -23.59
N ALA E 66 28.20 28.58 -22.35
CA ALA E 66 29.15 27.63 -21.77
C ALA E 66 28.51 26.25 -21.78
N VAL E 67 29.20 25.30 -22.40
CA VAL E 67 28.68 23.95 -22.49
C VAL E 67 29.60 22.94 -21.82
N GLY E 68 29.02 21.82 -21.38
CA GLY E 68 29.76 20.79 -20.70
C GLY E 68 30.94 20.21 -21.46
N PRO E 69 31.88 19.55 -20.77
CA PRO E 69 33.08 18.95 -21.36
C PRO E 69 32.84 17.89 -22.41
N ALA E 70 31.61 17.38 -22.49
CA ALA E 70 31.29 16.35 -23.46
C ALA E 70 30.31 16.82 -24.53
N PHE E 71 29.85 18.05 -24.39
CA PHE E 71 28.90 18.62 -25.34
C PHE E 71 29.49 18.69 -26.75
N GLY E 72 28.84 18.05 -27.70
CA GLY E 72 29.31 18.05 -29.06
C GLY E 72 30.42 17.04 -29.29
N LEU E 73 30.87 16.42 -28.20
CA LEU E 73 31.91 15.41 -28.26
C LEU E 73 31.37 14.03 -27.92
N ALA E 74 31.74 13.53 -26.74
CA ALA E 74 31.30 12.21 -26.29
C ALA E 74 29.80 12.03 -26.48
N GLN E 75 29.05 13.12 -26.29
CA GLN E 75 27.60 13.10 -26.46
C GLN E 75 27.28 14.11 -27.56
N THR E 76 26.32 13.79 -28.41
CA THR E 76 25.98 14.69 -29.50
C THR E 76 24.51 15.10 -29.56
N VAL E 77 23.71 14.55 -28.65
CA VAL E 77 22.29 14.86 -28.57
C VAL E 77 21.88 14.99 -27.11
N ASN E 78 20.81 15.72 -26.85
CA ASN E 78 20.35 15.90 -25.48
C ASN E 78 19.62 14.63 -24.99
N ILE E 79 19.08 14.69 -23.79
CA ILE E 79 18.38 13.55 -23.19
C ILE E 79 17.23 13.00 -24.03
N VAL E 80 16.59 13.86 -24.81
CA VAL E 80 15.47 13.41 -25.63
C VAL E 80 15.78 13.34 -27.13
N GLY E 81 17.05 13.15 -27.48
CA GLY E 81 17.43 13.03 -28.88
C GLY E 81 17.75 14.26 -29.72
N ILE E 82 17.46 15.47 -29.23
CA ILE E 82 17.76 16.69 -29.98
C ILE E 82 19.26 16.85 -30.15
N PRO E 83 19.72 16.96 -31.40
CA PRO E 83 21.16 17.12 -31.65
C PRO E 83 21.71 18.41 -31.04
N HIS E 84 22.88 18.31 -30.42
CA HIS E 84 23.54 19.45 -29.80
C HIS E 84 23.70 20.59 -30.80
N LYS E 85 24.09 20.23 -32.03
CA LYS E 85 24.28 21.23 -33.10
C LYS E 85 23.04 22.06 -33.32
N SER E 86 21.89 21.40 -33.37
CA SER E 86 20.63 22.09 -33.57
C SER E 86 20.32 23.00 -32.40
N ILE E 87 20.62 22.53 -31.19
CA ILE E 87 20.38 23.30 -29.99
C ILE E 87 21.24 24.55 -29.96
N LEU E 88 22.54 24.36 -30.10
CA LEU E 88 23.48 25.47 -30.09
C LEU E 88 23.09 26.50 -31.15
N ARG E 89 22.90 26.02 -32.37
CA ARG E 89 22.52 26.88 -33.48
C ARG E 89 21.32 27.76 -33.14
N GLU E 90 20.29 27.16 -32.54
CA GLU E 90 19.10 27.90 -32.18
C GLU E 90 19.31 28.87 -31.02
N VAL E 91 20.21 28.54 -30.10
CA VAL E 91 20.50 29.43 -28.98
C VAL E 91 21.29 30.61 -29.53
N ILE E 92 22.25 30.31 -30.40
CA ILE E 92 23.05 31.37 -31.02
C ILE E 92 22.10 32.29 -31.77
N ALA E 93 21.22 31.68 -32.58
CA ALA E 93 20.25 32.43 -33.36
C ALA E 93 19.44 33.37 -32.47
N GLY E 94 18.93 32.85 -31.35
CA GLY E 94 18.14 33.66 -30.43
C GLY E 94 18.91 34.83 -29.87
N ILE E 95 20.21 34.62 -29.68
CA ILE E 95 21.14 35.64 -29.15
C ILE E 95 21.29 36.79 -30.15
N GLU E 96 21.84 36.46 -31.31
CA GLU E 96 22.08 37.44 -32.38
C GLU E 96 20.79 38.09 -32.86
N GLU E 97 19.71 37.34 -32.88
CA GLU E 97 18.41 37.86 -33.30
C GLU E 97 18.04 39.07 -32.45
N GLU E 98 18.75 39.23 -31.33
CA GLU E 98 18.51 40.34 -30.41
C GLU E 98 19.54 41.45 -30.60
N GLY E 99 20.48 41.23 -31.51
CA GLY E 99 21.51 42.22 -31.77
C GLY E 99 22.74 42.04 -30.92
N ILE E 100 22.84 40.90 -30.23
CA ILE E 100 24.00 40.62 -29.38
C ILE E 100 24.85 39.52 -29.99
N LYS E 101 26.16 39.59 -29.71
CA LYS E 101 27.11 38.62 -30.21
C LYS E 101 27.06 37.39 -29.29
N ALA E 102 27.36 36.22 -29.83
CA ALA E 102 27.36 35.00 -29.04
C ALA E 102 28.74 34.34 -29.09
N ARG E 103 29.28 34.01 -27.92
CA ARG E 103 30.59 33.37 -27.85
C ARG E 103 30.47 32.04 -27.12
N VAL E 104 30.83 30.95 -27.81
CA VAL E 104 30.74 29.62 -27.24
C VAL E 104 32.05 29.10 -26.65
N ILE E 105 31.97 28.59 -25.42
CA ILE E 105 33.12 28.05 -24.71
C ILE E 105 32.82 26.69 -24.08
N ARG E 106 33.86 25.93 -23.77
CA ARG E 106 33.72 24.62 -23.15
C ARG E 106 34.38 24.66 -21.78
N CYS E 107 33.62 24.32 -20.74
CA CYS E 107 34.12 24.32 -19.37
C CYS E 107 34.56 22.91 -18.96
N PHE E 108 35.58 22.82 -18.11
CA PHE E 108 36.10 21.53 -17.68
C PHE E 108 36.19 21.39 -16.16
N LYS E 109 36.31 22.52 -15.47
CA LYS E 109 36.44 22.50 -14.02
C LYS E 109 35.33 21.72 -13.31
N SER E 110 34.13 21.71 -13.88
CA SER E 110 33.00 21.01 -13.28
C SER E 110 31.90 20.73 -14.31
N SER E 111 31.27 19.57 -14.20
CA SER E 111 30.21 19.21 -15.12
C SER E 111 28.87 19.75 -14.65
N ASP E 112 28.84 20.27 -13.42
CA ASP E 112 27.59 20.83 -12.89
C ASP E 112 27.23 22.04 -13.76
N VAL E 113 25.99 22.06 -14.24
CA VAL E 113 25.53 23.15 -15.11
C VAL E 113 25.67 24.55 -14.49
N ALA E 114 25.45 24.65 -13.18
CA ALA E 114 25.56 25.95 -12.53
C ALA E 114 26.97 26.51 -12.63
N PHE E 115 27.95 25.70 -12.24
CA PHE E 115 29.33 26.14 -12.29
C PHE E 115 29.81 26.34 -13.72
N VAL E 116 29.31 25.53 -14.64
CA VAL E 116 29.68 25.68 -16.03
C VAL E 116 29.25 27.08 -16.48
N ALA E 117 28.04 27.47 -16.06
CA ALA E 117 27.50 28.79 -16.41
C ALA E 117 28.31 29.89 -15.76
N VAL E 118 28.69 29.69 -14.50
CA VAL E 118 29.47 30.68 -13.77
C VAL E 118 30.85 30.86 -14.43
N GLU E 119 31.51 29.76 -14.76
CA GLU E 119 32.81 29.83 -15.41
C GLU E 119 32.65 30.73 -16.62
N GLY E 120 31.46 30.68 -17.21
CA GLY E 120 31.17 31.48 -18.38
C GLY E 120 30.83 32.94 -18.11
N ASN E 121 30.01 33.22 -17.11
CA ASN E 121 29.63 34.60 -16.83
C ASN E 121 30.80 35.46 -16.37
N ARG E 122 31.92 34.83 -16.02
CA ARG E 122 33.06 35.59 -15.58
C ARG E 122 33.89 36.08 -16.76
N LEU E 123 33.71 35.44 -17.91
CA LEU E 123 34.42 35.82 -19.13
C LEU E 123 33.49 36.63 -20.04
N SER E 124 32.21 36.69 -19.68
CA SER E 124 31.22 37.40 -20.48
C SER E 124 31.30 38.91 -20.36
N GLY E 125 31.45 39.58 -21.50
CA GLY E 125 31.53 41.02 -21.50
C GLY E 125 30.28 41.69 -20.96
N SER E 126 29.16 40.98 -21.00
CA SER E 126 27.91 41.54 -20.50
C SER E 126 27.60 41.02 -19.10
N GLY E 127 28.31 39.96 -18.71
CA GLY E 127 28.08 39.38 -17.40
C GLY E 127 27.03 38.29 -17.41
N ILE E 128 26.36 38.14 -18.56
CA ILE E 128 25.32 37.12 -18.71
C ILE E 128 25.88 35.95 -19.51
N SER E 129 25.49 34.75 -19.12
CA SER E 129 25.95 33.55 -19.80
C SER E 129 24.85 32.51 -19.84
N ILE E 130 25.08 31.45 -20.62
CA ILE E 130 24.11 30.37 -20.75
C ILE E 130 24.84 29.05 -20.56
N GLY E 131 24.45 28.31 -19.53
CA GLY E 131 25.07 27.03 -19.27
C GLY E 131 24.19 25.93 -19.85
N ILE E 132 24.81 24.90 -20.41
CA ILE E 132 24.07 23.79 -20.99
C ILE E 132 24.87 22.51 -20.85
N GLN E 133 24.26 21.47 -20.28
CA GLN E 133 24.92 20.18 -20.11
C GLN E 133 24.61 19.37 -21.36
N SER E 134 25.44 18.38 -21.67
CA SER E 134 25.17 17.56 -22.84
C SER E 134 23.74 17.03 -22.83
N LYS E 135 23.25 16.60 -21.66
CA LYS E 135 21.88 16.08 -21.58
C LYS E 135 20.80 17.14 -21.81
N GLY E 136 21.20 18.40 -21.96
CA GLY E 136 20.24 19.44 -22.23
C GLY E 136 19.94 20.49 -21.19
N THR E 137 20.04 20.15 -19.90
CA THR E 137 19.76 21.10 -18.82
C THR E 137 20.38 22.45 -19.13
N THR E 138 19.61 23.52 -18.96
CA THR E 138 20.07 24.88 -19.28
C THR E 138 19.78 25.91 -18.20
N VAL E 139 20.64 26.93 -18.11
CA VAL E 139 20.47 27.99 -17.13
C VAL E 139 21.02 29.35 -17.61
N ILE E 140 20.32 30.41 -17.23
CA ILE E 140 20.74 31.77 -17.57
C ILE E 140 21.34 32.38 -16.31
N HIS E 141 22.67 32.53 -16.29
CA HIS E 141 23.39 33.07 -15.14
C HIS E 141 23.76 34.54 -15.32
N GLN E 142 24.10 35.17 -14.19
CA GLN E 142 24.48 36.57 -14.15
C GLN E 142 25.68 36.73 -13.22
N GLN E 143 26.81 37.17 -13.78
CA GLN E 143 28.03 37.38 -13.02
C GLN E 143 27.66 38.15 -11.75
N GLY E 144 28.16 37.69 -10.60
CA GLY E 144 27.85 38.36 -9.35
C GLY E 144 26.79 37.66 -8.52
N LEU E 145 26.11 36.70 -9.14
CA LEU E 145 25.06 35.93 -8.47
C LEU E 145 25.67 34.67 -7.86
N PRO E 146 25.09 34.16 -6.77
CA PRO E 146 25.61 32.94 -6.14
C PRO E 146 25.63 31.85 -7.21
N PRO E 147 26.62 30.95 -7.16
CA PRO E 147 26.70 29.88 -8.16
C PRO E 147 25.38 29.16 -8.41
N LEU E 148 24.71 28.75 -7.34
CA LEU E 148 23.45 28.01 -7.45
C LEU E 148 22.21 28.89 -7.55
N SER E 149 22.40 30.13 -7.97
CA SER E 149 21.28 31.04 -8.17
C SER E 149 21.33 31.35 -9.66
N ASN E 150 20.38 32.15 -10.15
CA ASN E 150 20.35 32.48 -11.56
C ASN E 150 19.25 33.48 -11.89
N LEU E 151 19.11 33.78 -13.19
CA LEU E 151 18.08 34.68 -13.67
C LEU E 151 16.91 33.81 -14.13
N GLU E 152 17.22 32.72 -14.79
CA GLU E 152 16.22 31.78 -15.26
C GLU E 152 16.85 30.40 -15.29
N LEU E 153 16.05 29.39 -14.98
CA LEU E 153 16.53 28.01 -14.97
C LEU E 153 15.55 27.09 -15.68
N PHE E 154 16.10 26.05 -16.31
CA PHE E 154 15.30 25.07 -17.04
C PHE E 154 15.75 23.69 -16.55
N PRO E 155 15.19 23.26 -15.40
CA PRO E 155 15.42 22.01 -14.66
C PRO E 155 14.87 20.72 -15.24
N GLN E 156 14.18 20.79 -16.36
CA GLN E 156 13.62 19.59 -16.97
C GLN E 156 14.00 19.57 -18.44
N ALA E 157 15.22 19.12 -18.68
CA ALA E 157 15.78 19.04 -20.03
C ALA E 157 14.86 18.35 -21.05
N PRO E 158 14.19 17.27 -20.63
CA PRO E 158 13.29 16.55 -21.55
C PRO E 158 12.18 17.40 -22.18
N LEU E 159 11.80 18.49 -21.52
CA LEU E 159 10.73 19.35 -22.02
C LEU E 159 11.19 20.48 -22.93
N LEU E 160 12.50 20.66 -23.06
CA LEU E 160 13.04 21.73 -23.90
C LEU E 160 13.02 21.36 -25.38
N THR E 161 12.46 22.26 -26.19
CA THR E 161 12.39 22.07 -27.64
C THR E 161 13.35 23.10 -28.25
N LEU E 162 13.59 22.99 -29.56
CA LEU E 162 14.49 23.94 -30.21
C LEU E 162 13.96 25.36 -30.14
N GLU E 163 12.64 25.49 -30.05
CA GLU E 163 12.02 26.80 -29.96
C GLU E 163 12.36 27.37 -28.60
N THR E 164 12.39 26.50 -27.61
CA THR E 164 12.71 26.89 -26.24
C THR E 164 14.15 27.39 -26.18
N TYR E 165 15.05 26.67 -26.82
CA TYR E 165 16.46 27.04 -26.83
C TYR E 165 16.71 28.36 -27.56
N ARG E 166 15.79 28.73 -28.44
CA ARG E 166 15.93 30.00 -29.15
C ARG E 166 15.45 31.08 -28.20
N GLN E 167 14.43 30.76 -27.42
CA GLN E 167 13.89 31.67 -26.43
C GLN E 167 14.95 31.97 -25.40
N ILE E 168 15.65 30.92 -24.97
CA ILE E 168 16.72 31.03 -23.99
C ILE E 168 17.73 32.05 -24.49
N GLY E 169 18.26 31.79 -25.68
CA GLY E 169 19.23 32.67 -26.28
C GLY E 169 18.77 34.11 -26.41
N LYS E 170 17.51 34.33 -26.74
CA LYS E 170 17.06 35.71 -26.88
C LYS E 170 16.89 36.43 -25.54
N ASN E 171 16.39 35.74 -24.52
CA ASN E 171 16.24 36.39 -23.22
C ASN E 171 17.61 36.70 -22.63
N ALA E 172 18.59 35.85 -22.92
CA ALA E 172 19.95 36.05 -22.45
C ALA E 172 20.46 37.35 -23.08
N ALA E 173 20.33 37.44 -24.40
CA ALA E 173 20.76 38.63 -25.14
C ALA E 173 20.00 39.84 -24.62
N ARG E 174 18.76 39.62 -24.19
CA ARG E 174 17.91 40.67 -23.65
C ARG E 174 18.45 41.14 -22.30
N TYR E 175 18.99 40.20 -21.52
CA TYR E 175 19.57 40.51 -20.21
C TYR E 175 20.90 41.23 -20.39
N ALA E 176 21.60 40.91 -21.47
CA ALA E 176 22.89 41.54 -21.77
C ALA E 176 22.65 43.02 -22.07
N LYS E 177 21.47 43.30 -22.65
CA LYS E 177 21.07 44.67 -22.98
C LYS E 177 20.44 45.30 -21.75
N ARG E 178 20.65 44.64 -20.60
CA ARG E 178 20.12 45.11 -19.34
C ARG E 178 18.63 45.45 -19.41
N GLU E 179 17.85 44.57 -20.05
CA GLU E 179 16.41 44.75 -20.15
C GLU E 179 15.75 43.83 -19.14
N SER E 180 14.43 43.91 -19.03
CA SER E 180 13.68 43.07 -18.08
C SER E 180 12.69 42.18 -18.83
N PRO E 181 13.19 41.24 -19.64
CA PRO E 181 12.35 40.33 -20.42
C PRO E 181 11.42 39.43 -19.62
N GLN E 182 10.26 39.15 -20.21
CA GLN E 182 9.28 38.26 -19.62
C GLN E 182 10.02 36.92 -19.54
N PRO E 183 10.02 36.27 -18.36
CA PRO E 183 10.73 34.99 -18.30
C PRO E 183 10.11 33.95 -19.23
N VAL E 184 10.96 33.10 -19.82
CA VAL E 184 10.50 32.03 -20.71
C VAL E 184 9.50 31.19 -19.92
N PRO E 185 8.29 30.99 -20.47
CA PRO E 185 7.24 30.21 -19.82
C PRO E 185 7.71 28.94 -19.10
N THR E 186 7.27 28.80 -17.85
CA THR E 186 7.62 27.67 -16.99
C THR E 186 7.13 26.33 -17.52
N LEU E 187 8.06 25.42 -17.82
CA LEU E 187 7.70 24.10 -18.30
C LEU E 187 7.86 23.14 -17.13
N ASN E 188 6.80 22.38 -16.83
CA ASN E 188 6.82 21.46 -15.71
C ASN E 188 6.02 20.20 -16.04
N ASP E 189 6.64 19.04 -15.88
CA ASP E 189 6.00 17.77 -16.17
C ASP E 189 6.20 16.82 -14.97
N GLN E 190 5.14 16.57 -14.20
CA GLN E 190 5.28 15.73 -13.02
C GLN E 190 5.78 14.32 -13.33
N MET E 191 5.72 13.92 -14.59
CA MET E 191 6.19 12.61 -14.99
C MET E 191 7.59 12.67 -15.61
N ALA E 192 8.13 13.87 -15.72
CA ALA E 192 9.46 14.03 -16.31
C ALA E 192 10.49 13.17 -15.58
N ARG E 193 10.56 13.31 -14.27
CA ARG E 193 11.49 12.53 -13.46
C ARG E 193 11.20 11.04 -13.58
N PRO E 194 9.94 10.63 -13.32
CA PRO E 194 9.60 9.21 -13.42
C PRO E 194 10.14 8.57 -14.68
N LYS E 195 10.10 9.31 -15.79
CA LYS E 195 10.59 8.77 -17.05
C LYS E 195 12.05 8.99 -17.37
N TYR E 196 12.60 10.12 -16.93
CA TYR E 196 13.97 10.44 -17.27
C TYR E 196 15.04 10.63 -16.21
N GLN E 197 14.69 10.70 -14.94
CA GLN E 197 15.72 10.91 -13.93
C GLN E 197 16.84 9.89 -14.00
N ALA E 198 16.49 8.62 -14.09
CA ALA E 198 17.50 7.58 -14.16
C ALA E 198 18.42 7.82 -15.38
N LYS E 199 17.82 8.14 -16.52
CA LYS E 199 18.57 8.39 -17.75
C LYS E 199 19.44 9.62 -17.54
N SER E 200 18.85 10.68 -16.98
CA SER E 200 19.54 11.92 -16.70
C SER E 200 20.81 11.66 -15.90
N ALA E 201 20.67 10.91 -14.81
CA ALA E 201 21.79 10.58 -13.94
C ALA E 201 22.90 9.85 -14.71
N ILE E 202 22.50 8.90 -15.54
CA ILE E 202 23.46 8.12 -16.34
C ILE E 202 24.25 9.02 -17.30
N LEU E 203 23.55 9.86 -18.05
CA LEU E 203 24.16 10.76 -19.00
C LEU E 203 25.15 11.69 -18.30
N HIS E 204 24.72 12.23 -17.16
CA HIS E 204 25.56 13.12 -16.40
C HIS E 204 26.78 12.39 -15.85
N ILE E 205 26.59 11.15 -15.43
CA ILE E 205 27.70 10.35 -14.92
C ILE E 205 28.77 10.24 -16.02
N LYS E 206 28.32 10.06 -17.25
CA LYS E 206 29.24 9.92 -18.38
C LYS E 206 29.94 11.22 -18.77
N GLU E 207 29.20 12.33 -18.76
CA GLU E 207 29.80 13.60 -19.11
C GLU E 207 30.81 14.01 -18.04
N THR E 208 30.49 13.74 -16.78
CA THR E 208 31.39 14.09 -15.68
C THR E 208 32.76 13.43 -15.79
N LYS E 209 32.84 12.38 -16.60
CA LYS E 209 34.10 11.67 -16.79
C LYS E 209 35.10 12.56 -17.52
N TYR E 210 34.59 13.62 -18.14
CA TYR E 210 35.42 14.56 -18.90
C TYR E 210 35.71 15.86 -18.14
N VAL E 211 35.59 15.81 -16.83
CA VAL E 211 35.86 16.97 -15.99
C VAL E 211 37.34 16.97 -15.62
N VAL E 212 37.98 18.13 -15.77
CA VAL E 212 39.40 18.29 -15.45
C VAL E 212 39.60 19.45 -14.50
N THR E 213 40.04 19.14 -13.28
CA THR E 213 40.27 20.16 -12.27
C THR E 213 41.33 21.16 -12.70
N GLY E 214 41.06 22.44 -12.44
CA GLY E 214 42.00 23.48 -12.78
C GLY E 214 42.12 23.87 -14.24
N LYS E 215 41.51 23.10 -15.14
CA LYS E 215 41.59 23.42 -16.56
C LYS E 215 40.59 24.50 -16.97
N ASN E 216 41.11 25.69 -17.25
CA ASN E 216 40.28 26.82 -17.66
C ASN E 216 39.53 26.58 -18.96
N PRO E 217 38.38 27.24 -19.12
CA PRO E 217 37.52 27.13 -20.31
C PRO E 217 38.25 27.30 -21.63
N GLN E 218 37.66 26.75 -22.69
CA GLN E 218 38.23 26.82 -24.03
C GLN E 218 37.25 27.46 -25.00
N GLU E 219 37.75 28.39 -25.80
CA GLU E 219 36.94 29.08 -26.80
C GLU E 219 36.52 28.07 -27.86
N LEU E 220 35.27 28.15 -28.32
CA LEU E 220 34.77 27.21 -29.33
C LEU E 220 34.33 27.86 -30.64
N ARG E 221 34.57 27.14 -31.73
CA ARG E 221 34.20 27.59 -33.07
C ARG E 221 33.20 26.62 -33.69
N VAL E 222 32.07 27.15 -34.14
CA VAL E 222 31.03 26.32 -34.74
C VAL E 222 31.09 26.38 -36.27
N SER F 37 20.74 25.18 36.03
CA SER F 37 20.66 25.05 34.54
C SER F 37 19.25 24.61 34.11
N ALA F 38 18.83 25.04 32.92
CA ALA F 38 17.50 24.69 32.42
C ALA F 38 17.38 23.19 32.13
N ARG F 39 16.35 22.57 32.70
CA ARG F 39 16.08 21.15 32.53
C ARG F 39 14.87 20.89 31.65
N VAL F 40 14.70 19.63 31.24
CA VAL F 40 13.57 19.25 30.39
C VAL F 40 12.26 19.45 31.15
N SER F 41 12.35 19.46 32.48
CA SER F 41 11.20 19.68 33.34
C SER F 41 10.79 21.16 33.27
N ASP F 42 11.69 21.98 32.72
CA ASP F 42 11.45 23.42 32.57
C ASP F 42 10.90 23.76 31.19
N TYR F 43 10.85 22.76 30.30
CA TYR F 43 10.36 22.95 28.93
C TYR F 43 8.89 22.54 28.79
N PRO F 44 8.12 23.25 27.96
CA PRO F 44 8.43 24.41 27.13
C PRO F 44 8.62 25.69 27.96
N LEU F 45 9.68 26.45 27.69
CA LEU F 45 9.93 27.68 28.45
C LEU F 45 8.71 28.59 28.39
N ALA F 46 8.15 28.76 27.20
CA ALA F 46 6.99 29.63 27.05
C ALA F 46 5.87 29.24 28.00
N ASN F 47 5.80 27.95 28.35
CA ASN F 47 4.76 27.45 29.24
C ASN F 47 5.18 27.36 30.70
N LYS F 48 6.37 26.82 30.93
CA LYS F 48 6.84 26.65 32.29
C LYS F 48 7.44 27.92 32.90
N HIS F 49 8.38 28.55 32.19
CA HIS F 49 9.05 29.73 32.70
C HIS F 49 9.11 30.89 31.72
N PRO F 50 7.95 31.48 31.38
CA PRO F 50 7.87 32.60 30.44
C PRO F 50 8.83 33.73 30.80
N GLU F 51 8.90 34.06 32.08
CA GLU F 51 9.76 35.14 32.54
C GLU F 51 11.23 34.90 32.24
N TRP F 52 11.59 33.65 31.98
CA TRP F 52 12.97 33.31 31.65
C TRP F 52 13.32 33.84 30.27
N VAL F 53 12.29 34.17 29.50
CA VAL F 53 12.48 34.69 28.16
C VAL F 53 12.11 36.17 28.15
N LYS F 54 13.09 37.02 28.35
CA LYS F 54 12.82 38.44 28.34
C LYS F 54 13.94 39.08 27.53
N THR F 55 13.64 40.22 26.93
CA THR F 55 14.62 40.93 26.12
C THR F 55 15.59 41.66 27.05
N ALA F 56 16.67 42.18 26.49
CA ALA F 56 17.65 42.92 27.27
C ALA F 56 17.06 44.24 27.71
N THR F 57 15.79 44.45 27.37
CA THR F 57 15.05 45.66 27.69
C THR F 57 14.01 45.32 28.76
N ASN F 58 14.16 44.14 29.35
CA ASN F 58 13.25 43.68 30.39
C ASN F 58 11.83 43.60 29.85
N LYS F 59 11.72 43.37 28.55
CA LYS F 59 10.42 43.24 27.90
C LYS F 59 10.10 41.74 27.98
N THR F 60 8.82 41.42 28.07
CA THR F 60 8.42 40.02 28.14
C THR F 60 7.66 39.60 26.90
N LEU F 61 7.61 38.29 26.69
CA LEU F 61 6.91 37.72 25.54
C LEU F 61 5.54 38.35 25.33
N ASP F 62 4.94 38.85 26.41
CA ASP F 62 3.62 39.44 26.31
C ASP F 62 3.58 40.86 25.74
N ASP F 63 4.68 41.59 25.88
CA ASP F 63 4.73 42.95 25.37
C ASP F 63 4.73 42.98 23.83
N PHE F 64 4.77 41.78 23.24
CA PHE F 64 4.76 41.64 21.78
C PHE F 64 3.33 41.50 21.26
N THR F 65 2.55 42.56 21.43
CA THR F 65 1.16 42.59 20.97
C THR F 65 1.10 43.50 19.76
N LEU F 66 0.03 43.38 18.97
CA LEU F 66 -0.13 44.20 17.78
C LEU F 66 -0.01 45.67 18.16
N GLU F 67 -0.63 46.01 19.29
CA GLU F 67 -0.62 47.38 19.82
C GLU F 67 0.78 47.97 19.91
N ASN F 68 1.63 47.37 20.73
CA ASN F 68 2.99 47.84 20.92
C ASN F 68 3.78 47.82 19.61
N VAL F 69 3.27 47.11 18.62
CA VAL F 69 3.95 47.06 17.33
C VAL F 69 3.46 48.20 16.45
N LEU F 70 2.18 48.54 16.59
CA LEU F 70 1.60 49.63 15.83
C LEU F 70 2.03 50.97 16.42
N SER F 71 2.32 50.97 17.72
CA SER F 71 2.75 52.19 18.41
C SER F 71 4.29 52.20 18.46
N ASN F 72 4.88 51.17 17.87
CA ASN F 72 6.33 51.03 17.80
C ASN F 72 7.06 50.94 19.13
N LYS F 73 6.34 50.65 20.22
CA LYS F 73 7.00 50.50 21.51
C LYS F 73 7.82 49.22 21.42
N VAL F 74 7.48 48.44 20.40
CA VAL F 74 8.12 47.16 20.10
C VAL F 74 8.48 47.22 18.62
N THR F 75 9.73 46.92 18.30
CA THR F 75 10.18 46.97 16.92
C THR F 75 10.96 45.73 16.53
N ALA F 76 11.34 45.63 15.26
CA ALA F 76 12.10 44.50 14.76
C ALA F 76 13.37 44.31 15.59
N GLN F 77 13.81 45.39 16.24
CA GLN F 77 15.01 45.31 17.06
C GLN F 77 14.80 44.65 18.41
N ASP F 78 13.54 44.53 18.84
CA ASP F 78 13.19 43.90 20.12
C ASP F 78 12.87 42.42 19.92
N MET F 79 12.75 42.00 18.66
CA MET F 79 12.33 40.63 18.35
C MET F 79 13.39 39.61 17.98
N ARG F 80 14.60 39.75 18.51
CA ARG F 80 15.65 38.78 18.20
C ARG F 80 15.93 37.89 19.39
N ILE F 81 16.09 36.60 19.13
CA ILE F 81 16.37 35.64 20.19
C ILE F 81 17.71 36.00 20.85
N THR F 82 17.72 36.04 22.18
CA THR F 82 18.91 36.40 22.92
C THR F 82 19.81 35.19 23.19
N PRO F 83 21.13 35.40 23.31
CA PRO F 83 22.05 34.30 23.57
C PRO F 83 21.72 33.57 24.86
N GLU F 84 21.11 34.29 25.80
CA GLU F 84 20.71 33.69 27.08
C GLU F 84 19.66 32.60 26.82
N THR F 85 18.63 32.96 26.08
CA THR F 85 17.56 32.03 25.74
C THR F 85 18.14 30.79 25.05
N LEU F 86 18.91 31.01 23.99
CA LEU F 86 19.53 29.92 23.26
C LEU F 86 20.37 29.02 24.15
N ARG F 87 20.97 29.58 25.20
CA ARG F 87 21.78 28.79 26.11
C ARG F 87 20.91 28.01 27.07
N LEU F 88 19.68 28.48 27.29
CA LEU F 88 18.74 27.78 28.16
C LEU F 88 18.30 26.53 27.41
N GLN F 89 18.12 26.67 26.10
CA GLN F 89 17.69 25.58 25.24
C GLN F 89 18.81 24.55 25.09
N ALA F 90 20.05 25.02 25.05
CA ALA F 90 21.19 24.13 24.92
C ALA F 90 21.22 23.22 26.14
N SER F 91 20.91 23.81 27.29
CA SER F 91 20.88 23.09 28.56
C SER F 91 19.80 22.02 28.50
N ILE F 92 18.62 22.41 28.03
CA ILE F 92 17.49 21.49 27.91
C ILE F 92 17.79 20.35 26.95
N ALA F 93 18.45 20.66 25.83
CA ALA F 93 18.80 19.66 24.83
C ALA F 93 19.83 18.69 25.39
N LYS F 94 20.71 19.20 26.24
CA LYS F 94 21.76 18.40 26.86
C LYS F 94 21.07 17.44 27.84
N ASP F 95 20.07 17.96 28.55
CA ASP F 95 19.31 17.18 29.52
C ASP F 95 18.43 16.15 28.80
N ALA F 96 18.14 16.40 27.52
CA ALA F 96 17.33 15.51 26.72
C ALA F 96 18.21 14.47 26.02
N GLY F 97 19.51 14.48 26.35
CA GLY F 97 20.43 13.54 25.76
C GLY F 97 20.87 13.89 24.36
N ARG F 98 20.74 15.16 23.99
CA ARG F 98 21.13 15.62 22.67
C ARG F 98 22.28 16.61 22.76
N ASP F 99 23.50 16.11 22.93
CA ASP F 99 24.66 16.99 23.06
C ASP F 99 25.01 17.76 21.79
N ARG F 100 24.87 17.12 20.64
CA ARG F 100 25.16 17.81 19.38
C ARG F 100 24.22 18.99 19.24
N LEU F 101 22.94 18.76 19.56
CA LEU F 101 21.94 19.80 19.47
C LEU F 101 22.31 20.97 20.40
N ALA F 102 22.76 20.65 21.60
CA ALA F 102 23.13 21.70 22.57
C ALA F 102 24.35 22.46 22.07
N MET F 103 25.28 21.75 21.45
CA MET F 103 26.49 22.36 20.91
C MET F 103 26.10 23.35 19.81
N ASN F 104 25.16 22.96 18.97
CA ASN F 104 24.68 23.80 17.89
C ASN F 104 24.02 25.04 18.50
N PHE F 105 23.26 24.84 19.57
CA PHE F 105 22.59 25.95 20.23
C PHE F 105 23.60 26.90 20.88
N GLU F 106 24.73 26.35 21.33
CA GLU F 106 25.78 27.16 21.96
C GLU F 106 26.45 28.05 20.92
N ARG F 107 26.75 27.48 19.75
CA ARG F 107 27.37 28.24 18.69
C ARG F 107 26.37 29.31 18.26
N ALA F 108 25.09 28.95 18.20
CA ALA F 108 24.04 29.91 17.82
C ALA F 108 23.99 31.06 18.81
N ALA F 109 24.16 30.76 20.08
CA ALA F 109 24.13 31.81 21.10
C ALA F 109 25.27 32.80 20.82
N GLU F 110 26.38 32.29 20.31
CA GLU F 110 27.52 33.14 20.00
C GLU F 110 27.26 34.02 18.78
N LEU F 111 26.54 33.48 17.80
CA LEU F 111 26.26 34.22 16.57
C LEU F 111 25.14 35.25 16.65
N THR F 112 24.34 35.23 17.71
CA THR F 112 23.26 36.19 17.83
C THR F 112 23.85 37.59 17.80
N ALA F 113 25.13 37.67 18.16
CA ALA F 113 25.84 38.96 18.22
C ALA F 113 26.42 39.39 16.87
N VAL F 114 26.53 38.47 15.92
CA VAL F 114 27.11 38.81 14.63
C VAL F 114 26.08 39.37 13.65
N PRO F 115 26.36 40.54 13.04
CA PRO F 115 25.48 41.21 12.08
C PRO F 115 24.99 40.28 10.98
N ASP F 116 23.73 40.44 10.56
CA ASP F 116 23.15 39.62 9.50
C ASP F 116 24.09 39.50 8.31
N ASP F 117 24.52 40.63 7.77
CA ASP F 117 25.41 40.61 6.61
C ASP F 117 26.75 39.97 6.89
N ARG F 118 27.20 40.02 8.14
CA ARG F 118 28.49 39.42 8.49
C ARG F 118 28.31 37.90 8.54
N ILE F 119 27.14 37.47 9.00
CA ILE F 119 26.81 36.06 9.06
C ILE F 119 26.90 35.52 7.64
N LEU F 120 26.22 36.21 6.72
CA LEU F 120 26.21 35.81 5.32
C LEU F 120 27.63 35.79 4.75
N GLU F 121 28.44 36.76 5.15
CA GLU F 121 29.82 36.82 4.69
C GLU F 121 30.61 35.60 5.13
N ILE F 122 30.48 35.25 6.41
CA ILE F 122 31.20 34.10 6.93
C ILE F 122 30.74 32.82 6.24
N TYR F 123 29.42 32.60 6.20
CA TYR F 123 28.89 31.42 5.57
C TYR F 123 29.48 31.26 4.17
N ASN F 124 29.37 32.29 3.36
CA ASN F 124 29.90 32.22 2.01
C ASN F 124 31.38 31.88 2.02
N ALA F 125 32.10 32.51 2.95
CA ALA F 125 33.53 32.30 3.09
C ALA F 125 33.88 30.83 3.30
N LEU F 126 32.98 30.09 3.92
CA LEU F 126 33.20 28.67 4.19
C LEU F 126 32.86 27.75 3.03
N ARG F 127 32.18 28.28 2.02
CA ARG F 127 31.82 27.44 0.87
C ARG F 127 33.06 27.13 0.04
N PRO F 128 33.03 26.04 -0.73
CA PRO F 128 34.13 25.58 -1.59
C PRO F 128 34.81 26.62 -2.48
N TYR F 129 36.14 26.66 -2.41
CA TYR F 129 36.99 27.55 -3.20
C TYR F 129 36.71 29.04 -3.08
N ARG F 130 36.14 29.46 -1.96
CA ARG F 130 35.84 30.86 -1.78
C ARG F 130 36.97 31.67 -1.15
N SER F 131 37.60 31.09 -0.13
CA SER F 131 38.65 31.79 0.61
C SER F 131 40.02 31.14 0.55
N THR F 132 40.95 31.80 1.21
CA THR F 132 42.33 31.34 1.34
C THR F 132 42.46 31.08 2.84
N LYS F 133 43.42 30.25 3.23
CA LYS F 133 43.62 29.92 4.65
C LYS F 133 43.67 31.16 5.53
N GLU F 134 44.39 32.15 5.05
CA GLU F 134 44.58 33.43 5.73
C GLU F 134 43.25 34.12 6.05
N GLU F 135 42.39 34.24 5.04
CA GLU F 135 41.10 34.90 5.20
C GLU F 135 40.24 34.18 6.23
N LEU F 136 40.29 32.85 6.21
CA LEU F 136 39.50 32.07 7.16
C LEU F 136 40.04 32.32 8.57
N LEU F 137 41.35 32.26 8.71
CA LEU F 137 41.98 32.48 10.00
C LEU F 137 41.63 33.90 10.47
N ALA F 138 41.53 34.81 9.50
CA ALA F 138 41.19 36.20 9.78
C ALA F 138 39.75 36.28 10.28
N ILE F 139 38.87 35.51 9.66
CA ILE F 139 37.47 35.49 10.06
C ILE F 139 37.42 34.98 11.49
N ALA F 140 38.20 33.95 11.76
CA ALA F 140 38.24 33.35 13.08
C ALA F 140 38.63 34.38 14.13
N ASP F 141 39.71 35.11 13.90
CA ASP F 141 40.16 36.11 14.85
C ASP F 141 39.08 37.13 15.09
N ASP F 142 38.41 37.54 14.01
CA ASP F 142 37.35 38.53 14.12
C ASP F 142 36.25 38.00 15.02
N LEU F 143 35.85 36.75 14.78
CA LEU F 143 34.80 36.10 15.55
C LEU F 143 35.15 36.10 17.03
N GLU F 144 36.37 35.68 17.33
CA GLU F 144 36.83 35.60 18.69
C GLU F 144 37.01 36.93 19.42
N SER F 145 37.72 37.87 18.81
CA SER F 145 37.98 39.14 19.45
C SER F 145 36.86 40.17 19.36
N ARG F 146 36.26 40.31 18.19
CA ARG F 146 35.19 41.29 18.01
C ARG F 146 33.82 40.83 18.51
N TYR F 147 33.55 39.53 18.46
CA TYR F 147 32.24 39.03 18.90
C TYR F 147 32.33 38.03 20.04
N GLN F 148 33.56 37.71 20.44
CA GLN F 148 33.83 36.74 21.50
C GLN F 148 33.09 35.45 21.28
N ALA F 149 33.11 35.01 20.02
CA ALA F 149 32.49 33.76 19.61
C ALA F 149 33.63 32.75 19.55
N LYS F 150 34.08 32.35 20.74
CA LYS F 150 35.17 31.39 20.95
C LYS F 150 34.93 30.11 20.17
N ILE F 151 33.83 29.45 20.49
CA ILE F 151 33.45 28.19 19.86
C ILE F 151 33.41 28.27 18.33
N CYS F 152 32.73 29.28 17.78
CA CYS F 152 32.63 29.43 16.32
C CYS F 152 33.98 29.73 15.67
N ALA F 153 34.84 30.46 16.39
CA ALA F 153 36.17 30.80 15.90
C ALA F 153 36.99 29.53 15.69
N ALA F 154 36.95 28.64 16.67
CA ALA F 154 37.68 27.38 16.58
C ALA F 154 37.12 26.53 15.44
N PHE F 155 35.81 26.55 15.30
CA PHE F 155 35.13 25.80 14.24
C PHE F 155 35.73 26.23 12.90
N VAL F 156 35.86 27.54 12.71
CA VAL F 156 36.42 28.08 11.47
C VAL F 156 37.90 27.73 11.30
N ARG F 157 38.67 27.77 12.38
CA ARG F 157 40.09 27.44 12.28
C ARG F 157 40.23 25.97 11.88
N GLU F 158 39.34 25.13 12.42
CA GLU F 158 39.34 23.71 12.11
C GLU F 158 39.08 23.52 10.61
N ALA F 159 38.10 24.26 10.10
CA ALA F 159 37.75 24.18 8.68
C ALA F 159 38.97 24.59 7.85
N ALA F 160 39.55 25.75 8.19
CA ALA F 160 40.72 26.27 7.50
C ALA F 160 41.80 25.19 7.34
N THR F 161 42.15 24.53 8.45
CA THR F 161 43.16 23.48 8.41
C THR F 161 42.77 22.33 7.49
N LEU F 162 41.52 21.89 7.59
CA LEU F 162 41.06 20.79 6.74
C LEU F 162 40.90 21.20 5.29
N TYR F 163 40.51 22.46 5.05
CA TYR F 163 40.34 22.94 3.69
C TYR F 163 41.65 22.89 2.93
N VAL F 164 42.75 23.04 3.65
CA VAL F 164 44.06 22.99 3.05
C VAL F 164 44.30 21.57 2.59
N GLU F 165 44.13 20.63 3.51
CA GLU F 165 44.33 19.22 3.24
C GLU F 165 43.40 18.66 2.18
N ARG F 166 42.13 19.06 2.21
CA ARG F 166 41.15 18.56 1.25
C ARG F 166 41.03 19.42 0.00
N LYS F 167 41.81 20.50 -0.08
CA LYS F 167 41.79 21.38 -1.24
C LYS F 167 40.44 22.00 -1.57
N LYS F 168 39.92 22.86 -0.69
CA LYS F 168 38.64 23.53 -0.95
C LYS F 168 38.80 25.04 -0.80
N LEU F 169 40.04 25.49 -0.83
CA LEU F 169 40.36 26.91 -0.71
C LEU F 169 40.37 27.49 -2.11
N LYS F 170 40.38 28.82 -2.20
CA LYS F 170 40.38 29.46 -3.51
C LYS F 170 41.58 28.97 -4.33
N GLY F 171 41.34 28.73 -5.62
CA GLY F 171 42.39 28.27 -6.49
C GLY F 171 42.52 26.75 -6.56
N ASP F 172 41.83 26.04 -5.67
CA ASP F 172 41.88 24.59 -5.65
C ASP F 172 40.95 23.93 -6.66
N ASP F 173 40.10 24.72 -7.30
CA ASP F 173 39.16 24.17 -8.28
C ASP F 173 39.82 23.98 -9.65
#